data_9NXY
#
_entry.id   9NXY
#
_cell.length_a   1.00
_cell.length_b   1.00
_cell.length_c   1.00
_cell.angle_alpha   90.00
_cell.angle_beta   90.00
_cell.angle_gamma   90.00
#
_symmetry.space_group_name_H-M   'P 1'
#
loop_
_entity.id
_entity.type
_entity.pdbx_description
1 polymer 'Spike protein S2'
2 branched alpha-D-mannopyranose-(1-3)-alpha-D-mannopyranose-(1-4)-2-acetamido-2-deoxy-beta-D-glucopyranose-(1-4)-2-acetamido-2-deoxy-beta-D-glucopyranose
3 branched alpha-D-mannopyranose-(1-4)-2-acetamido-2-deoxy-beta-D-glucopyranose-(1-4)-2-acetamido-2-deoxy-beta-D-glucopyranose
4 branched 2-acetamido-2-deoxy-beta-D-glucopyranose-(1-4)-2-acetamido-2-deoxy-beta-D-glucopyranose
5 non-polymer 2-acetamido-2-deoxy-beta-D-glucopyranose
#
_entity_poly.entity_id   1
_entity_poly.type   'polypeptide(L)'
_entity_poly.pdbx_seq_one_letter_code
;SVASQSIIAYTMSLGAENSVAYSNNSIAIPTNFTISVTTEILPVSMTKTSVDCTMYICGDSTECSNLLLQYGSFCTQLNR
ALTGIAVEQDKNTQEVFAQVKQIYKTPPIKDFGGFNFSQILPDPSKPSKRSFIEDLLFNKVTLADAGFIKQYGDCLGDIA
ARDLICAQKFNGLTVLPPLLTDEMIAQYTSALLAGTITSGWTFGAGAALQIPFAMQMAYRFNGIGVTQNVLYENQKLIAN
QFNSAIGKIQDSLSSTASALGKLQDVVNQNAQALNTLVKQLSSNFGAISSVLNDILSRLDKVEAEVQIDRLITGRLQSLQ
TYVTQQLIRAAEIRASANLAATKMSECVLGQSKRVDFCGKGYHLMSFPQSAPHGVVFLHVTYVPAQEKNFTTAPAICHDG
KAHFPREGVFVSNGTHWFVTQRNFYEPQIITTDNTFVSGNCDVVIGIVNNTVYDPLQPELDSFKEELDKYFKNHTSPDVD
LGDISGINASVVNIQKEIDRLNEVAKNLNESLIDLQELGKYEQYIKWPWYIWLGFIAGLIAIVMVTIMLCCMTSCCSCLK
GCCSCGSCCKFDEDDSEPVLKGVKLHYTLESGGGSAWSHPQFEKGGGSGGGSGGSSAWSHPQFEK
;
_entity_poly.pdbx_strand_id   A,B,C
#
# COMPACT_ATOMS: atom_id res chain seq x y z
N GLU A 17 -6.20 76.21 61.67
CA GLU A 17 -6.55 75.55 62.92
C GLU A 17 -7.90 74.85 62.81
N ASN A 18 -8.22 74.37 61.61
CA ASN A 18 -9.43 73.60 61.38
C ASN A 18 -9.18 72.10 61.37
N SER A 19 -7.96 71.68 61.69
CA SER A 19 -7.60 70.28 61.60
C SER A 19 -8.35 69.47 62.66
N VAL A 20 -8.34 68.15 62.46
CA VAL A 20 -8.97 67.25 63.41
C VAL A 20 -8.24 67.19 64.74
N ALA A 21 -7.05 67.79 64.83
CA ALA A 21 -6.27 67.69 66.05
C ALA A 21 -6.82 68.58 67.15
N TYR A 22 -7.41 69.72 66.81
CA TYR A 22 -7.87 70.68 67.81
C TYR A 22 -9.37 70.69 67.99
N SER A 23 -10.13 70.37 66.95
CA SER A 23 -11.59 70.32 67.08
C SER A 23 -11.99 69.20 68.02
N ASN A 24 -12.90 69.50 68.95
CA ASN A 24 -13.29 68.49 69.92
C ASN A 24 -14.37 67.58 69.34
N ASN A 25 -14.56 66.45 70.01
CA ASN A 25 -15.53 65.46 69.59
C ASN A 25 -15.91 64.62 70.80
N SER A 26 -17.02 63.89 70.66
CA SER A 26 -17.57 63.12 71.76
C SER A 26 -17.13 61.66 71.65
N ILE A 27 -16.56 61.14 72.74
CA ILE A 27 -16.18 59.74 72.82
C ILE A 27 -16.72 59.17 74.12
N ALA A 28 -16.83 57.85 74.17
CA ALA A 28 -17.38 57.14 75.32
C ALA A 28 -16.25 56.72 76.25
N ILE A 29 -16.29 57.19 77.47
CA ILE A 29 -15.29 56.87 78.49
C ILE A 29 -15.94 55.96 79.53
N PRO A 30 -15.42 54.76 79.76
CA PRO A 30 -16.04 53.85 80.72
C PRO A 30 -16.05 54.42 82.13
N THR A 31 -17.11 54.11 82.87
CA THR A 31 -17.23 54.49 84.27
C THR A 31 -17.36 53.30 85.21
N ASN A 32 -17.94 52.20 84.76
CA ASN A 32 -18.06 50.99 85.57
C ASN A 32 -17.58 49.80 84.75
N PHE A 33 -16.98 48.83 85.44
CA PHE A 33 -16.38 47.68 84.80
C PHE A 33 -16.98 46.40 85.35
N THR A 34 -16.95 45.35 84.53
CA THR A 34 -17.36 44.02 84.96
C THR A 34 -16.37 43.01 84.44
N ILE A 35 -16.20 41.91 85.19
CA ILE A 35 -15.24 40.88 84.82
C ILE A 35 -15.77 40.07 83.64
N SER A 36 -14.90 39.80 82.68
CA SER A 36 -15.25 38.96 81.54
C SER A 36 -14.17 37.90 81.35
N VAL A 37 -14.57 36.75 80.81
CA VAL A 37 -13.66 35.67 80.47
C VAL A 37 -13.78 35.39 78.98
N THR A 38 -12.68 35.48 78.27
CA THR A 38 -12.65 35.29 76.82
C THR A 38 -11.87 34.03 76.50
N THR A 39 -12.48 33.15 75.71
CA THR A 39 -11.84 31.92 75.26
C THR A 39 -11.41 32.12 73.81
N GLU A 40 -10.10 32.13 73.59
CA GLU A 40 -9.54 32.38 72.27
C GLU A 40 -8.82 31.13 71.78
N ILE A 41 -9.14 30.71 70.56
CA ILE A 41 -8.56 29.53 69.94
C ILE A 41 -7.68 29.99 68.79
N LEU A 42 -6.45 29.51 68.75
CA LEU A 42 -5.48 29.90 67.73
C LEU A 42 -4.85 28.65 67.13
N PRO A 43 -5.15 28.31 65.88
CA PRO A 43 -4.43 27.20 65.24
C PRO A 43 -2.95 27.50 65.13
N VAL A 44 -2.13 26.49 65.38
CA VAL A 44 -0.68 26.67 65.38
C VAL A 44 -0.02 25.63 64.48
N SER A 45 -0.80 24.67 64.01
CA SER A 45 -0.25 23.58 63.22
C SER A 45 -1.35 23.00 62.34
N MET A 46 -0.93 22.20 61.36
CA MET A 46 -1.83 21.58 60.41
C MET A 46 -1.52 20.10 60.31
N THR A 47 -2.56 19.31 60.07
CA THR A 47 -2.39 17.88 59.89
C THR A 47 -1.65 17.60 58.58
N LYS A 48 -0.77 16.60 58.61
CA LYS A 48 -0.06 16.21 57.40
C LYS A 48 -1.03 15.67 56.36
N THR A 49 -0.90 16.14 55.13
CA THR A 49 -1.78 15.74 54.03
C THR A 49 -0.94 15.20 52.89
N SER A 50 -1.36 14.05 52.36
CA SER A 50 -0.75 13.47 51.17
C SER A 50 -1.81 13.33 50.10
N VAL A 51 -1.42 13.59 48.85
CA VAL A 51 -2.33 13.55 47.72
C VAL A 51 -1.95 12.37 46.85
N ASP A 52 -2.92 11.50 46.58
CA ASP A 52 -2.73 10.40 45.63
C ASP A 52 -3.10 10.93 44.24
N CYS A 53 -2.07 11.25 43.45
CA CYS A 53 -2.32 11.92 42.18
C CYS A 53 -3.03 11.03 41.18
N THR A 54 -2.75 9.72 41.18
CA THR A 54 -3.48 8.82 40.31
C THR A 54 -4.95 8.79 40.65
N MET A 55 -5.27 8.73 41.95
CA MET A 55 -6.67 8.76 42.36
C MET A 55 -7.27 10.14 42.18
N TYR A 56 -6.48 11.18 42.43
CA TYR A 56 -7.01 12.54 42.29
C TYR A 56 -7.38 12.86 40.85
N ILE A 57 -6.52 12.47 39.90
CA ILE A 57 -6.73 12.83 38.50
C ILE A 57 -7.54 11.76 37.81
N CYS A 58 -7.02 10.54 37.77
CA CYS A 58 -7.68 9.47 37.02
C CYS A 58 -8.81 8.84 37.82
N GLY A 59 -8.49 8.25 38.95
CA GLY A 59 -9.49 7.55 39.75
C GLY A 59 -9.58 6.09 39.36
N ASP A 60 -10.73 5.67 38.88
CA ASP A 60 -10.93 4.30 38.44
C ASP A 60 -10.61 4.07 36.98
N SER A 61 -10.33 5.12 36.22
CA SER A 61 -10.02 4.97 34.81
C SER A 61 -8.66 4.30 34.64
N THR A 62 -8.60 3.35 33.70
CA THR A 62 -7.38 2.60 33.47
C THR A 62 -6.52 3.21 32.37
N GLU A 63 -7.14 3.79 31.35
CA GLU A 63 -6.39 4.46 30.30
C GLU A 63 -5.64 5.67 30.86
N CYS A 64 -6.28 6.43 31.74
CA CYS A 64 -5.59 7.54 32.40
C CYS A 64 -4.45 7.04 33.27
N SER A 65 -4.68 5.95 33.99
CA SER A 65 -3.66 5.45 34.92
C SER A 65 -2.39 5.05 34.19
N ASN A 66 -2.53 4.37 33.04
CA ASN A 66 -1.36 3.98 32.27
C ASN A 66 -0.69 5.17 31.62
N LEU A 67 -1.48 6.17 31.21
CA LEU A 67 -0.92 7.36 30.59
C LEU A 67 -0.28 8.29 31.60
N LEU A 68 -0.82 8.35 32.82
CA LEU A 68 -0.25 9.20 33.85
C LEU A 68 1.11 8.74 34.31
N LEU A 69 1.47 7.49 34.04
CA LEU A 69 2.78 7.00 34.44
C LEU A 69 3.90 7.68 33.67
N GLN A 70 3.61 8.19 32.48
CA GLN A 70 4.62 8.82 31.64
C GLN A 70 4.87 10.27 31.99
N TYR A 71 4.16 10.81 32.97
CA TYR A 71 4.33 12.20 33.36
C TYR A 71 5.46 12.40 34.37
N GLY A 72 6.13 11.33 34.77
CA GLY A 72 7.23 11.46 35.68
C GLY A 72 6.80 11.37 37.13
N SER A 73 7.66 11.92 37.99
CA SER A 73 7.46 11.86 39.44
C SER A 73 6.94 13.16 40.00
N PHE A 74 6.05 13.84 39.28
CA PHE A 74 5.49 15.08 39.79
C PHE A 74 4.72 14.86 41.08
N CYS A 75 4.13 13.68 41.26
CA CYS A 75 3.41 13.41 42.49
C CYS A 75 4.33 13.43 43.70
N THR A 76 5.52 12.86 43.56
CA THR A 76 6.48 12.90 44.65
C THR A 76 6.91 14.32 44.97
N GLN A 77 7.11 15.14 43.94
CA GLN A 77 7.50 16.53 44.16
C GLN A 77 6.39 17.30 44.86
N LEU A 78 5.13 17.10 44.45
CA LEU A 78 4.03 17.75 45.15
C LEU A 78 3.93 17.27 46.59
N ASN A 79 4.07 15.97 46.80
CA ASN A 79 4.01 15.45 48.16
C ASN A 79 5.19 15.91 49.01
N ARG A 80 6.35 16.13 48.39
CA ARG A 80 7.48 16.67 49.14
C ARG A 80 7.19 18.06 49.66
N ALA A 81 6.55 18.89 48.85
CA ALA A 81 6.19 20.24 49.29
C ALA A 81 5.18 20.19 50.43
N LEU A 82 4.20 19.28 50.34
CA LEU A 82 3.19 19.18 51.38
C LEU A 82 3.70 18.47 52.63
N THR A 83 4.62 17.51 52.47
CA THR A 83 5.18 16.83 53.63
C THR A 83 6.02 17.78 54.48
N GLY A 84 6.82 18.63 53.84
CA GLY A 84 7.62 19.59 54.59
C GLY A 84 6.79 20.60 55.33
N ILE A 85 5.54 20.79 54.92
CA ILE A 85 4.66 21.75 55.58
C ILE A 85 4.40 21.32 57.03
N ALA A 86 4.10 20.04 57.23
CA ALA A 86 3.84 19.52 58.55
C ALA A 86 5.14 19.38 59.34
N VAL A 141 -1.01 -29.53 -76.85
CA VAL A 141 -2.42 -29.68 -77.15
C VAL A 141 -3.22 -29.94 -75.88
N THR A 142 -4.19 -29.07 -75.61
CA THR A 142 -5.01 -29.20 -74.41
C THR A 142 -5.95 -30.40 -74.54
N LEU A 143 -6.58 -30.75 -73.41
CA LEU A 143 -7.52 -31.86 -73.41
C LEU A 143 -8.71 -31.61 -74.31
N ALA A 144 -9.02 -30.34 -74.59
CA ALA A 144 -10.05 -30.02 -75.56
C ALA A 144 -9.51 -30.31 -76.96
N ASP A 145 -10.30 -29.96 -77.97
CA ASP A 145 -9.96 -30.17 -79.37
C ASP A 145 -9.95 -31.64 -79.74
N ALA A 146 -10.07 -32.51 -78.74
CA ALA A 146 -10.27 -33.93 -79.01
C ALA A 146 -11.74 -34.30 -79.11
N GLY A 147 -12.63 -33.35 -78.83
CA GLY A 147 -14.05 -33.56 -79.02
C GLY A 147 -14.53 -33.06 -80.36
N PHE A 148 -13.82 -33.41 -81.43
CA PHE A 148 -14.31 -33.08 -82.76
C PHE A 148 -15.54 -33.87 -83.15
N ILE A 149 -16.00 -34.78 -82.30
CA ILE A 149 -17.26 -35.46 -82.53
C ILE A 149 -18.41 -34.45 -82.53
N LYS A 150 -18.27 -33.35 -81.79
CA LYS A 150 -19.34 -32.35 -81.75
C LYS A 150 -19.53 -31.71 -83.12
N GLN A 151 -18.43 -31.25 -83.74
CA GLN A 151 -18.54 -30.67 -85.07
C GLN A 151 -18.94 -31.71 -86.09
N TYR A 152 -18.41 -32.92 -85.97
CA TYR A 152 -18.78 -34.00 -86.88
C TYR A 152 -20.26 -34.34 -86.74
N GLY A 153 -20.76 -34.39 -85.52
CA GLY A 153 -22.17 -34.67 -85.32
C GLY A 153 -23.07 -33.59 -85.87
N ASP A 154 -22.66 -32.32 -85.72
CA ASP A 154 -23.47 -31.22 -86.24
C ASP A 154 -23.53 -31.25 -87.76
N CYS A 155 -22.39 -31.47 -88.42
CA CYS A 155 -22.37 -31.52 -89.87
C CYS A 155 -23.10 -32.75 -90.40
N LEU A 156 -22.96 -33.89 -89.72
CA LEU A 156 -23.52 -35.14 -90.23
C LEU A 156 -25.04 -35.05 -90.34
N GLY A 157 -25.70 -34.53 -89.30
CA GLY A 157 -27.15 -34.47 -89.32
C GLY A 157 -27.82 -35.81 -89.30
N ASP A 158 -27.11 -36.86 -88.88
CA ASP A 158 -27.64 -38.22 -88.81
C ASP A 158 -28.19 -38.67 -90.17
N ILE A 159 -27.29 -38.69 -91.15
CA ILE A 159 -27.64 -39.15 -92.49
C ILE A 159 -26.82 -40.37 -92.93
N ALA A 160 -25.70 -40.66 -92.29
CA ALA A 160 -24.84 -41.82 -92.51
C ALA A 160 -24.16 -41.80 -93.88
N ALA A 161 -24.46 -40.84 -94.74
CA ALA A 161 -23.80 -40.73 -96.03
C ALA A 161 -22.83 -39.56 -96.12
N ARG A 162 -22.96 -38.58 -95.24
CA ARG A 162 -22.05 -37.45 -95.17
C ARG A 162 -20.89 -37.69 -94.20
N ASP A 163 -20.58 -38.95 -93.91
CA ASP A 163 -19.48 -39.25 -93.00
C ASP A 163 -18.15 -38.74 -93.55
N LEU A 164 -17.88 -39.02 -94.82
CA LEU A 164 -16.63 -38.56 -95.42
C LEU A 164 -16.64 -37.06 -95.62
N ILE A 165 -17.81 -36.48 -95.93
CA ILE A 165 -17.89 -35.05 -96.17
C ILE A 165 -17.63 -34.27 -94.89
N CYS A 166 -18.05 -34.79 -93.74
CA CYS A 166 -17.97 -34.06 -92.49
C CYS A 166 -16.69 -34.35 -91.70
N ALA A 167 -15.58 -34.60 -92.39
CA ALA A 167 -14.31 -34.84 -91.71
C ALA A 167 -13.71 -33.51 -91.26
N GLN A 168 -13.29 -33.44 -90.01
CA GLN A 168 -12.69 -32.24 -89.44
C GLN A 168 -11.20 -32.21 -89.77
N LYS A 169 -10.47 -31.31 -89.13
CA LYS A 169 -9.05 -31.16 -89.39
C LYS A 169 -8.29 -30.95 -88.08
N PHE A 170 -7.00 -31.27 -88.10
CA PHE A 170 -6.14 -31.11 -86.93
C PHE A 170 -4.71 -30.93 -87.41
N ASN A 171 -4.25 -29.68 -87.47
CA ASN A 171 -2.93 -29.33 -88.01
C ASN A 171 -2.70 -29.98 -89.37
N GLY A 172 -3.70 -29.88 -90.23
CA GLY A 172 -3.64 -30.45 -91.56
C GLY A 172 -3.98 -31.92 -91.64
N LEU A 173 -4.20 -32.58 -90.51
CA LEU A 173 -4.59 -33.99 -90.50
C LEU A 173 -6.10 -34.10 -90.48
N THR A 174 -6.67 -34.60 -91.56
CA THR A 174 -8.11 -34.84 -91.60
C THR A 174 -8.44 -36.01 -90.69
N VAL A 175 -9.46 -35.85 -89.85
CA VAL A 175 -9.80 -36.85 -88.86
C VAL A 175 -11.29 -37.17 -88.93
N LEU A 176 -11.63 -38.37 -88.48
CA LEU A 176 -13.00 -38.84 -88.34
C LEU A 176 -13.09 -39.62 -87.03
N PRO A 177 -14.21 -39.54 -86.32
CA PRO A 177 -14.35 -40.31 -85.10
C PRO A 177 -14.37 -41.80 -85.42
N PRO A 178 -13.86 -42.63 -84.53
CA PRO A 178 -13.76 -44.07 -84.78
C PRO A 178 -15.04 -44.85 -84.49
N LEU A 179 -16.16 -44.38 -85.03
CA LEU A 179 -17.45 -45.04 -84.87
C LEU A 179 -18.05 -45.29 -86.23
N LEU A 180 -18.50 -46.53 -86.47
CA LEU A 180 -19.00 -46.95 -87.77
C LEU A 180 -20.27 -47.76 -87.56
N THR A 181 -21.42 -47.13 -87.74
CA THR A 181 -22.69 -47.85 -87.63
C THR A 181 -22.85 -48.79 -88.82
N ASP A 182 -23.78 -49.74 -88.68
CA ASP A 182 -23.96 -50.75 -89.72
C ASP A 182 -24.36 -50.13 -91.06
N GLU A 183 -25.01 -48.97 -91.03
CA GLU A 183 -25.36 -48.30 -92.28
C GLU A 183 -24.12 -47.76 -92.97
N MET A 184 -23.19 -47.19 -92.21
CA MET A 184 -21.95 -46.71 -92.81
C MET A 184 -21.09 -47.86 -93.31
N ILE A 185 -21.06 -48.98 -92.57
CA ILE A 185 -20.24 -50.12 -92.98
C ILE A 185 -20.73 -50.67 -94.31
N ALA A 186 -22.05 -50.76 -94.47
CA ALA A 186 -22.60 -51.23 -95.74
C ALA A 186 -22.25 -50.29 -96.87
N GLN A 187 -22.27 -48.98 -96.61
CA GLN A 187 -21.98 -48.01 -97.66
C GLN A 187 -20.54 -48.12 -98.13
N TYR A 188 -19.60 -48.27 -97.20
CA TYR A 188 -18.19 -48.33 -97.57
C TYR A 188 -17.84 -49.66 -98.21
N THR A 189 -18.37 -50.76 -97.67
CA THR A 189 -18.12 -52.07 -98.27
C THR A 189 -18.70 -52.15 -99.68
N SER A 190 -19.91 -51.64 -99.87
CA SER A 190 -20.48 -51.60 -101.21
C SER A 190 -19.64 -50.74 -102.14
N ALA A 191 -19.07 -49.65 -101.61
CA ALA A 191 -18.14 -48.86 -102.39
C ALA A 191 -16.89 -49.66 -102.74
N LEU A 192 -16.36 -50.41 -101.78
CA LEU A 192 -15.22 -51.27 -102.07
C LEU A 192 -15.59 -52.36 -103.06
N LEU A 193 -16.75 -52.99 -102.87
CA LEU A 193 -17.19 -54.03 -103.79
C LEU A 193 -17.44 -53.47 -105.19
N ALA A 194 -18.05 -52.30 -105.27
CA ALA A 194 -18.40 -51.74 -106.57
C ALA A 194 -17.16 -51.46 -107.40
N GLY A 195 -16.10 -50.96 -106.77
CA GLY A 195 -14.88 -50.70 -107.52
C GLY A 195 -14.29 -51.95 -108.13
N THR A 196 -14.26 -53.04 -107.35
CA THR A 196 -13.65 -54.28 -107.84
C THR A 196 -14.44 -54.86 -109.02
N ILE A 197 -15.76 -54.89 -108.93
CA ILE A 197 -16.56 -55.42 -110.02
C ILE A 197 -16.49 -54.51 -111.24
N THR A 198 -16.67 -53.20 -111.02
CA THR A 198 -16.78 -52.28 -112.14
C THR A 198 -15.45 -52.13 -112.87
N SER A 199 -14.33 -52.24 -112.15
CA SER A 199 -13.02 -52.20 -112.79
C SER A 199 -12.91 -53.32 -113.82
N GLY A 200 -12.29 -53.00 -114.94
CA GLY A 200 -12.18 -53.95 -116.03
C GLY A 200 -13.33 -53.82 -117.02
N TRP A 201 -14.57 -53.96 -116.55
CA TRP A 201 -15.71 -53.80 -117.44
C TRP A 201 -15.90 -52.36 -117.88
N THR A 202 -15.37 -51.40 -117.14
CA THR A 202 -15.41 -50.00 -117.55
C THR A 202 -13.99 -49.46 -117.66
N PHE A 203 -13.11 -50.22 -118.28
CA PHE A 203 -11.68 -49.90 -118.40
C PHE A 203 -11.11 -49.86 -116.98
N GLY A 204 -10.03 -49.10 -116.78
CA GLY A 204 -9.46 -48.98 -115.46
C GLY A 204 -10.08 -47.91 -114.58
N ALA A 205 -10.93 -47.05 -115.14
CA ALA A 205 -11.50 -45.95 -114.37
C ALA A 205 -12.53 -46.40 -113.35
N GLY A 206 -12.98 -47.65 -113.42
CA GLY A 206 -14.01 -48.11 -112.50
C GLY A 206 -13.55 -48.28 -111.08
N ALA A 207 -12.26 -48.44 -110.86
CA ALA A 207 -11.75 -48.65 -109.51
C ALA A 207 -11.81 -47.39 -108.66
N ALA A 208 -12.10 -46.23 -109.27
CA ALA A 208 -12.11 -44.97 -108.52
C ALA A 208 -13.15 -44.97 -107.41
N LEU A 209 -14.13 -45.86 -107.47
CA LEU A 209 -15.09 -46.00 -106.38
C LEU A 209 -14.48 -46.59 -105.13
N GLN A 210 -13.25 -47.11 -105.20
CA GLN A 210 -12.57 -47.62 -104.03
C GLN A 210 -11.90 -46.54 -103.21
N ILE A 211 -11.83 -45.31 -103.73
CA ILE A 211 -11.17 -44.23 -103.00
C ILE A 211 -11.86 -43.92 -101.68
N PRO A 212 -13.19 -43.78 -101.60
CA PRO A 212 -13.80 -43.48 -100.30
C PRO A 212 -13.53 -44.53 -99.24
N PHE A 213 -13.36 -45.79 -99.62
CA PHE A 213 -13.05 -46.82 -98.63
C PHE A 213 -11.72 -46.55 -97.95
N ALA A 214 -10.72 -46.14 -98.73
CA ALA A 214 -9.41 -45.88 -98.16
C ALA A 214 -9.35 -44.55 -97.42
N MET A 215 -10.10 -43.56 -97.89
CA MET A 215 -10.05 -42.24 -97.28
C MET A 215 -10.60 -42.27 -95.86
N GLN A 216 -11.75 -42.92 -95.66
CA GLN A 216 -12.37 -42.92 -94.34
C GLN A 216 -11.53 -43.67 -93.32
N MET A 217 -10.94 -44.81 -93.71
CA MET A 217 -10.15 -45.57 -92.76
C MET A 217 -8.89 -44.80 -92.37
N ALA A 218 -8.25 -44.16 -93.34
CA ALA A 218 -7.05 -43.38 -93.04
C ALA A 218 -7.39 -42.20 -92.14
N TYR A 219 -8.53 -41.55 -92.39
CA TYR A 219 -8.95 -40.46 -91.53
C TYR A 219 -9.24 -40.95 -90.13
N ARG A 220 -9.84 -42.14 -90.00
CA ARG A 220 -10.14 -42.67 -88.68
C ARG A 220 -8.86 -43.07 -87.95
N PHE A 221 -7.83 -43.48 -88.68
CA PHE A 221 -6.55 -43.74 -88.05
C PHE A 221 -5.95 -42.46 -87.50
N ASN A 222 -6.03 -41.36 -88.25
CA ASN A 222 -5.56 -40.07 -87.75
C ASN A 222 -6.37 -39.63 -86.54
N GLY A 223 -7.69 -39.84 -86.57
CA GLY A 223 -8.52 -39.45 -85.44
C GLY A 223 -8.17 -40.22 -84.17
N ILE A 224 -7.83 -41.49 -84.31
CA ILE A 224 -7.42 -42.27 -83.15
C ILE A 224 -6.03 -41.82 -82.69
N GLY A 225 -5.13 -41.58 -83.63
CA GLY A 225 -3.79 -41.15 -83.25
C GLY A 225 -3.78 -39.80 -82.58
N VAL A 226 -4.62 -38.88 -83.06
CA VAL A 226 -4.72 -37.56 -82.45
C VAL A 226 -5.28 -37.67 -81.03
N THR A 227 -6.33 -38.47 -80.86
CA THR A 227 -6.95 -38.61 -79.55
C THR A 227 -5.99 -39.24 -78.55
N GLN A 228 -5.23 -40.25 -78.98
CA GLN A 228 -4.26 -40.84 -78.07
C GLN A 228 -3.13 -39.89 -77.74
N ASN A 229 -2.82 -38.98 -78.68
CA ASN A 229 -1.76 -38.00 -78.43
C ASN A 229 -2.17 -37.02 -77.34
N VAL A 230 -3.41 -36.54 -77.40
CA VAL A 230 -3.84 -35.54 -76.41
C VAL A 230 -4.03 -36.19 -75.05
N LEU A 231 -4.37 -37.48 -75.01
CA LEU A 231 -4.49 -38.15 -73.72
C LEU A 231 -3.13 -38.30 -73.06
N TYR A 232 -2.11 -38.67 -73.82
CA TYR A 232 -0.77 -38.79 -73.26
C TYR A 232 -0.22 -37.43 -72.84
N GLU A 233 -0.45 -36.39 -73.66
CA GLU A 233 0.00 -35.06 -73.28
C GLU A 233 -0.67 -34.58 -72.01
N ASN A 234 -1.99 -34.82 -71.90
CA ASN A 234 -2.70 -34.43 -70.69
C ASN A 234 -2.26 -35.27 -69.50
N GLN A 235 -1.99 -36.56 -69.71
CA GLN A 235 -1.47 -37.39 -68.64
C GLN A 235 -0.11 -36.93 -68.19
N LYS A 236 0.74 -36.51 -69.13
CA LYS A 236 2.04 -35.97 -68.78
C LYS A 236 1.89 -34.67 -68.01
N LEU A 237 0.96 -33.81 -68.43
CA LEU A 237 0.76 -32.54 -67.75
C LEU A 237 0.23 -32.75 -66.34
N ILE A 238 -0.77 -33.62 -66.18
CA ILE A 238 -1.37 -33.83 -64.86
C ILE A 238 -0.34 -34.42 -63.90
N ALA A 239 0.40 -35.43 -64.36
CA ALA A 239 1.38 -36.07 -63.50
C ALA A 239 2.49 -35.10 -63.10
N ASN A 240 2.99 -34.32 -64.06
CA ASN A 240 4.03 -33.35 -63.74
C ASN A 240 3.51 -32.27 -62.80
N GLN A 241 2.30 -31.78 -63.07
CA GLN A 241 1.71 -30.77 -62.19
C GLN A 241 1.43 -31.33 -60.80
N PHE A 242 0.95 -32.58 -60.74
CA PHE A 242 0.65 -33.19 -59.45
C PHE A 242 1.89 -33.33 -58.59
N ASN A 243 3.01 -33.70 -59.20
CA ASN A 243 4.25 -33.83 -58.45
C ASN A 243 4.70 -32.49 -57.87
N SER A 244 4.61 -31.43 -58.68
CA SER A 244 5.03 -30.13 -58.19
C SER A 244 4.05 -29.57 -57.18
N ALA A 245 2.75 -29.84 -57.37
CA ALA A 245 1.77 -29.40 -56.40
C ALA A 245 1.96 -30.10 -55.06
N ILE A 246 2.26 -31.39 -55.08
CA ILE A 246 2.50 -32.12 -53.84
C ILE A 246 3.73 -31.57 -53.13
N GLY A 247 4.77 -31.25 -53.88
CA GLY A 247 5.96 -30.68 -53.28
C GLY A 247 5.69 -29.36 -52.58
N LYS A 248 4.85 -28.52 -53.19
CA LYS A 248 4.50 -27.25 -52.59
C LYS A 248 3.61 -27.44 -51.37
N ILE A 249 2.66 -28.38 -51.44
CA ILE A 249 1.72 -28.58 -50.34
C ILE A 249 2.45 -29.04 -49.08
N GLN A 250 3.32 -30.04 -49.21
CA GLN A 250 4.05 -30.51 -48.04
C GLN A 250 5.05 -29.47 -47.57
N ASP A 251 5.45 -28.55 -48.44
CA ASP A 251 6.25 -27.42 -48.00
C ASP A 251 5.43 -26.45 -47.17
N SER A 252 4.18 -26.20 -47.57
CA SER A 252 3.31 -25.32 -46.81
C SER A 252 2.80 -25.97 -45.53
N LEU A 253 2.73 -27.31 -45.50
CA LEU A 253 2.36 -27.99 -44.27
C LEU A 253 3.44 -27.83 -43.21
N SER A 254 4.71 -27.83 -43.62
CA SER A 254 5.78 -27.58 -42.67
C SER A 254 5.73 -26.14 -42.16
N SER A 255 5.37 -25.20 -43.02
CA SER A 255 5.21 -23.81 -42.58
C SER A 255 4.05 -23.68 -41.61
N THR A 256 2.95 -24.38 -41.86
CA THR A 256 1.84 -24.36 -40.92
C THR A 256 2.24 -24.94 -39.57
N ALA A 257 2.94 -26.07 -39.59
CA ALA A 257 3.36 -26.68 -38.33
C ALA A 257 4.39 -25.83 -37.61
N SER A 258 5.29 -25.19 -38.36
CA SER A 258 6.27 -24.32 -37.73
C SER A 258 5.62 -23.10 -37.10
N ALA A 259 4.65 -22.49 -37.79
CA ALA A 259 3.99 -21.32 -37.25
C ALA A 259 3.19 -21.66 -35.99
N LEU A 260 2.50 -22.80 -36.00
CA LEU A 260 1.74 -23.21 -34.83
C LEU A 260 2.66 -23.51 -33.65
N GLY A 261 3.85 -24.06 -33.93
CA GLY A 261 4.79 -24.30 -32.85
C GLY A 261 5.29 -23.01 -32.23
N LYS A 262 5.47 -21.97 -33.04
CA LYS A 262 5.91 -20.68 -32.50
C LYS A 262 4.78 -19.98 -31.77
N LEU A 263 3.55 -20.10 -32.29
CA LEU A 263 2.42 -19.49 -31.62
C LEU A 263 2.16 -20.13 -30.26
N GLN A 264 2.28 -21.45 -30.19
CA GLN A 264 2.01 -22.16 -28.95
C GLN A 264 3.02 -21.78 -27.87
N ASP A 265 4.28 -21.63 -28.25
CA ASP A 265 5.30 -21.30 -27.27
C ASP A 265 5.07 -19.92 -26.67
N VAL A 266 4.72 -18.95 -27.49
CA VAL A 266 4.54 -17.58 -27.01
C VAL A 266 3.30 -17.48 -26.13
N VAL A 267 2.18 -18.06 -26.58
CA VAL A 267 0.94 -17.95 -25.82
C VAL A 267 1.07 -18.70 -24.49
N ASN A 268 1.82 -19.80 -24.47
CA ASN A 268 2.09 -20.49 -23.22
C ASN A 268 3.03 -19.67 -22.35
N GLN A 269 4.05 -19.06 -22.95
CA GLN A 269 4.96 -18.22 -22.18
C GLN A 269 4.24 -17.00 -21.64
N ASN A 270 3.36 -16.40 -22.43
CA ASN A 270 2.57 -15.27 -21.94
C ASN A 270 1.64 -15.70 -20.82
N ALA A 271 1.05 -16.89 -20.93
CA ALA A 271 0.17 -17.39 -19.87
C ALA A 271 0.91 -17.56 -18.56
N GLN A 272 2.13 -18.11 -18.62
CA GLN A 272 2.93 -18.26 -17.41
C GLN A 272 3.34 -16.90 -16.87
N ALA A 273 3.54 -15.92 -17.74
CA ALA A 273 3.85 -14.57 -17.29
C ALA A 273 2.67 -13.96 -16.54
N LEU A 274 1.45 -14.24 -16.99
CA LEU A 274 0.27 -13.73 -16.30
C LEU A 274 0.09 -14.38 -14.94
N ASN A 275 0.31 -15.70 -14.86
CA ASN A 275 0.19 -16.38 -13.57
C ASN A 275 1.25 -15.88 -12.59
N THR A 276 2.47 -15.68 -13.06
CA THR A 276 3.52 -15.15 -12.19
C THR A 276 3.17 -13.77 -11.70
N LEU A 277 2.65 -12.91 -12.59
CA LEU A 277 2.28 -11.56 -12.19
C LEU A 277 1.14 -11.59 -11.19
N VAL A 278 0.14 -12.44 -11.41
CA VAL A 278 -1.00 -12.50 -10.50
C VAL A 278 -0.57 -12.99 -9.13
N LYS A 279 0.30 -14.00 -9.08
CA LYS A 279 0.79 -14.49 -7.79
C LYS A 279 1.59 -13.41 -7.06
N GLN A 280 2.44 -12.69 -7.78
CA GLN A 280 3.22 -11.63 -7.15
C GLN A 280 2.34 -10.49 -6.68
N LEU A 281 1.33 -10.12 -7.47
CA LEU A 281 0.45 -9.02 -7.09
C LEU A 281 -0.32 -9.35 -5.82
N SER A 282 -0.77 -10.60 -5.68
CA SER A 282 -1.51 -10.98 -4.49
C SER A 282 -0.66 -10.85 -3.23
N SER A 283 0.62 -11.23 -3.33
CA SER A 283 1.51 -11.05 -2.18
C SER A 283 1.79 -9.58 -1.92
N ASN A 284 1.95 -8.78 -2.99
CA ASN A 284 2.14 -7.35 -2.81
C ASN A 284 0.94 -6.70 -2.15
N PHE A 285 -0.27 -7.09 -2.55
CA PHE A 285 -1.46 -6.54 -1.94
C PHE A 285 -1.66 -7.04 -0.52
N GLY A 286 -1.21 -8.26 -0.24
CA GLY A 286 -1.24 -8.75 1.12
C GLY A 286 -0.31 -7.99 2.03
N ALA A 287 0.88 -7.65 1.53
CA ALA A 287 1.83 -6.86 2.33
C ALA A 287 1.31 -5.45 2.54
N ILE A 288 0.71 -4.85 1.52
CA ILE A 288 0.20 -3.49 1.65
C ILE A 288 -0.96 -3.45 2.64
N SER A 289 -1.87 -4.41 2.56
CA SER A 289 -3.01 -4.43 3.47
C SER A 289 -2.58 -4.57 4.91
N SER A 290 -1.59 -5.44 5.17
CA SER A 290 -1.12 -5.62 6.55
C SER A 290 -0.47 -4.35 7.08
N VAL A 291 0.32 -3.66 6.24
CA VAL A 291 0.94 -2.41 6.67
C VAL A 291 -0.12 -1.35 6.92
N LEU A 292 -1.10 -1.24 6.03
CA LEU A 292 -2.14 -0.24 6.20
C LEU A 292 -2.97 -0.52 7.45
N ASN A 293 -3.26 -1.79 7.72
CA ASN A 293 -3.98 -2.13 8.94
C ASN A 293 -3.18 -1.75 10.18
N ASP A 294 -1.87 -1.98 10.15
CA ASP A 294 -1.03 -1.57 11.27
C ASP A 294 -0.98 -0.07 11.42
N ILE A 295 -0.89 0.65 10.30
CA ILE A 295 -0.87 2.11 10.36
C ILE A 295 -2.18 2.65 10.92
N LEU A 296 -3.30 2.07 10.49
CA LEU A 296 -4.60 2.51 11.01
C LEU A 296 -4.71 2.23 12.49
N SER A 297 -4.24 1.07 12.95
CA SER A 297 -4.29 0.76 14.37
C SER A 297 -3.43 1.71 15.18
N ARG A 298 -2.24 2.06 14.68
CA ARG A 298 -1.40 3.02 15.36
C ARG A 298 -2.03 4.41 15.39
N LEU A 299 -2.68 4.80 14.29
CA LEU A 299 -3.32 6.10 14.24
C LEU A 299 -4.48 6.20 15.23
N ASP A 300 -5.27 5.13 15.35
CA ASP A 300 -6.38 5.14 16.29
C ASP A 300 -5.88 5.27 17.72
N LYS A 301 -4.78 4.61 18.04
CA LYS A 301 -4.22 4.72 19.39
C LYS A 301 -3.72 6.13 19.66
N VAL A 302 -3.04 6.74 18.69
CA VAL A 302 -2.50 8.09 18.89
C VAL A 302 -3.62 9.10 19.07
N GLU A 303 -4.65 9.01 18.23
CA GLU A 303 -5.74 9.98 18.31
C GLU A 303 -6.46 9.89 19.64
N ALA A 304 -6.67 8.68 20.15
CA ALA A 304 -7.32 8.52 21.44
C ALA A 304 -6.43 9.05 22.57
N GLU A 305 -5.12 8.79 22.47
CA GLU A 305 -4.22 9.17 23.56
C GLU A 305 -4.09 10.69 23.68
N VAL A 306 -3.96 11.39 22.55
CA VAL A 306 -3.81 12.84 22.63
C VAL A 306 -5.08 13.49 23.18
N GLN A 307 -6.23 12.85 22.95
CA GLN A 307 -7.46 13.34 23.56
C GLN A 307 -7.45 13.13 25.07
N ILE A 308 -6.91 12.00 25.53
CA ILE A 308 -6.91 11.72 26.95
C ILE A 308 -5.94 12.63 27.69
N ASP A 309 -4.73 12.80 27.15
CA ASP A 309 -3.75 13.61 27.87
C ASP A 309 -4.07 15.09 27.80
N ARG A 310 -4.99 15.51 26.93
CA ARG A 310 -5.51 16.87 27.02
C ARG A 310 -6.28 17.06 28.32
N LEU A 311 -7.10 16.08 28.69
CA LEU A 311 -7.84 16.16 29.95
C LEU A 311 -6.90 16.00 31.14
N ILE A 312 -5.87 15.17 31.01
CA ILE A 312 -4.92 15.00 32.10
C ILE A 312 -4.18 16.31 32.37
N THR A 313 -3.77 17.00 31.31
CA THR A 313 -3.11 18.29 31.49
C THR A 313 -4.05 19.30 32.13
N GLY A 314 -5.31 19.31 31.72
CA GLY A 314 -6.26 20.22 32.33
C GLY A 314 -6.54 19.89 33.78
N ARG A 315 -6.57 18.60 34.11
CA ARG A 315 -6.77 18.20 35.49
C ARG A 315 -5.53 18.40 36.35
N LEU A 316 -4.36 18.50 35.73
CA LEU A 316 -3.16 18.81 36.51
C LEU A 316 -3.22 20.22 37.06
N GLN A 317 -3.89 21.14 36.36
CA GLN A 317 -4.05 22.50 36.85
C GLN A 317 -4.88 22.54 38.12
N SER A 318 -5.94 21.73 38.19
CA SER A 318 -6.73 21.66 39.42
C SER A 318 -5.92 21.07 40.56
N LEU A 319 -5.08 20.07 40.27
CA LEU A 319 -4.21 19.54 41.30
C LEU A 319 -3.20 20.58 41.78
N GLN A 320 -2.70 21.39 40.85
CA GLN A 320 -1.75 22.43 41.22
C GLN A 320 -2.39 23.47 42.12
N THR A 321 -3.61 23.90 41.80
CA THR A 321 -4.29 24.87 42.65
C THR A 321 -4.61 24.27 44.01
N TYR A 322 -4.93 22.98 44.05
CA TYR A 322 -5.16 22.31 45.31
C TYR A 322 -3.92 22.37 46.19
N VAL A 323 -2.75 22.11 45.60
CA VAL A 323 -1.51 22.15 46.36
C VAL A 323 -1.18 23.57 46.75
N THR A 324 -1.35 24.52 45.83
CA THR A 324 -1.01 25.91 46.11
C THR A 324 -1.83 26.45 47.28
N GLN A 325 -3.12 26.15 47.30
CA GLN A 325 -3.98 26.65 48.37
C GLN A 325 -3.67 25.96 49.70
N GLN A 326 -3.18 24.73 49.65
CA GLN A 326 -2.69 24.07 50.86
C GLN A 326 -1.41 24.72 51.36
N LEU A 327 -0.54 25.13 50.45
CA LEU A 327 0.71 25.78 50.85
C LEU A 327 0.46 27.18 51.40
N ILE A 328 -0.47 27.91 50.79
CA ILE A 328 -0.80 29.24 51.29
C ILE A 328 -1.46 29.15 52.66
N ARG A 329 -2.33 28.16 52.86
CA ARG A 329 -2.96 27.99 54.16
C ARG A 329 -1.92 27.67 55.23
N ALA A 330 -0.89 26.92 54.87
CA ALA A 330 0.18 26.64 55.82
C ALA A 330 0.93 27.90 56.20
N ALA A 331 1.15 28.80 55.24
CA ALA A 331 1.82 30.05 55.54
C ALA A 331 1.01 30.88 56.51
N GLU A 332 -0.32 30.88 56.36
CA GLU A 332 -1.17 31.58 57.31
C GLU A 332 -1.13 30.94 58.68
N ILE A 333 -1.09 29.60 58.73
CA ILE A 333 -1.00 28.90 60.01
C ILE A 333 0.30 29.24 60.71
N ARG A 334 1.40 29.32 59.97
CA ARG A 334 2.68 29.70 60.56
C ARG A 334 2.61 31.10 61.15
N ALA A 335 1.91 32.01 60.47
CA ALA A 335 1.69 33.33 61.04
C ALA A 335 0.87 33.26 62.31
N SER A 336 -0.14 32.39 62.34
CA SER A 336 -0.94 32.22 63.54
C SER A 336 -0.16 31.55 64.66
N ALA A 337 0.81 30.70 64.32
CA ALA A 337 1.68 30.13 65.34
C ALA A 337 2.56 31.20 65.96
N ASN A 338 3.02 32.16 65.15
CA ASN A 338 3.80 33.28 65.69
C ASN A 338 2.95 34.14 66.60
N LEU A 339 1.69 34.37 66.23
CA LEU A 339 0.81 35.15 67.09
C LEU A 339 0.55 34.43 68.41
N ALA A 340 0.38 33.11 68.37
CA ALA A 340 0.19 32.36 69.61
C ALA A 340 1.40 32.43 70.51
N ALA A 341 2.60 32.42 69.92
CA ALA A 341 3.81 32.60 70.71
C ALA A 341 3.88 33.99 71.31
N THR A 342 3.45 35.00 70.56
CA THR A 342 3.39 36.36 71.08
C THR A 342 2.36 36.47 72.20
N LYS A 343 1.19 35.86 72.01
CA LYS A 343 0.15 35.91 73.03
C LYS A 343 0.58 35.21 74.31
N MET A 344 1.33 34.11 74.18
CA MET A 344 1.78 33.39 75.35
C MET A 344 2.78 34.22 76.15
N SER A 345 3.66 34.94 75.46
CA SER A 345 4.65 35.75 76.16
C SER A 345 4.02 36.99 76.78
N GLU A 346 3.15 37.67 76.04
CA GLU A 346 2.63 38.96 76.47
C GLU A 346 1.43 38.88 77.39
N CYS A 347 0.83 37.72 77.54
CA CYS A 347 -0.37 37.65 78.36
C CYS A 347 -0.33 36.57 79.42
N VAL A 348 0.26 35.42 79.13
CA VAL A 348 0.42 34.41 80.16
C VAL A 348 1.55 34.79 81.11
N LEU A 349 2.65 35.30 80.57
CA LEU A 349 3.81 35.68 81.36
C LEU A 349 3.86 37.17 81.69
N GLY A 350 2.84 37.92 81.30
CA GLY A 350 2.84 39.34 81.60
C GLY A 350 1.42 39.88 81.60
N GLN A 351 1.31 41.16 81.90
CA GLN A 351 0.05 41.87 81.89
C GLN A 351 0.09 42.89 80.75
N SER A 352 -0.89 42.82 79.86
CA SER A 352 -0.88 43.62 78.65
C SER A 352 -1.59 44.94 78.87
N LYS A 353 -0.96 46.01 78.38
CA LYS A 353 -1.59 47.33 78.39
C LYS A 353 -2.39 47.59 77.12
N ARG A 354 -2.36 46.68 76.17
CA ARG A 354 -3.14 46.85 74.95
C ARG A 354 -4.61 46.62 75.21
N VAL A 355 -5.45 47.22 74.38
CA VAL A 355 -6.86 47.36 74.72
C VAL A 355 -7.59 46.03 74.59
N ASP A 356 -7.64 45.46 73.38
CA ASP A 356 -8.35 44.21 73.17
C ASP A 356 -7.44 43.08 72.77
N PHE A 357 -6.13 43.29 72.73
CA PHE A 357 -5.21 42.18 72.61
C PHE A 357 -5.39 41.27 73.81
N CYS A 358 -5.46 39.97 73.57
CA CYS A 358 -5.70 38.98 74.62
C CYS A 358 -7.03 39.21 75.31
N GLY A 359 -8.09 39.03 74.54
CA GLY A 359 -9.44 39.11 75.07
C GLY A 359 -9.99 40.52 75.00
N LYS A 360 -11.31 40.59 74.82
CA LYS A 360 -11.97 41.89 74.81
C LYS A 360 -11.84 42.56 76.17
N GLY A 361 -11.50 43.84 76.16
CA GLY A 361 -11.33 44.57 77.40
C GLY A 361 -9.92 44.51 77.92
N TYR A 362 -9.71 45.20 79.03
CA TYR A 362 -8.38 45.40 79.57
C TYR A 362 -7.92 44.18 80.34
N HIS A 363 -6.67 43.78 80.11
CA HIS A 363 -6.18 42.46 80.52
C HIS A 363 -5.95 42.39 82.02
N LEU A 364 -6.27 41.24 82.60
CA LEU A 364 -5.95 40.94 83.98
C LEU A 364 -5.07 39.71 84.13
N MET A 365 -5.46 38.59 83.52
CA MET A 365 -4.71 37.35 83.59
C MET A 365 -5.13 36.47 82.44
N SER A 366 -4.24 35.55 82.06
CA SER A 366 -4.53 34.59 81.01
C SER A 366 -3.98 33.23 81.41
N PHE A 367 -4.64 32.18 80.95
CA PHE A 367 -4.27 30.81 81.29
C PHE A 367 -4.23 29.96 80.03
N PRO A 368 -3.07 29.48 79.61
CA PRO A 368 -2.99 28.71 78.38
C PRO A 368 -3.64 27.35 78.55
N GLN A 369 -3.98 26.75 77.42
CA GLN A 369 -4.57 25.42 77.43
C GLN A 369 -4.28 24.77 76.09
N SER A 370 -3.93 23.49 76.13
CA SER A 370 -3.58 22.78 74.91
C SER A 370 -4.83 22.43 74.11
N ALA A 371 -4.65 22.32 72.80
CA ALA A 371 -5.68 21.94 71.86
C ALA A 371 -5.12 20.89 70.92
N PRO A 372 -5.98 20.13 70.23
CA PRO A 372 -5.46 19.09 69.33
C PRO A 372 -4.48 19.61 68.30
N HIS A 373 -4.72 20.79 67.73
CA HIS A 373 -3.74 21.38 66.81
C HIS A 373 -3.59 22.88 67.01
N GLY A 374 -3.95 23.40 68.19
CA GLY A 374 -3.83 24.82 68.43
C GLY A 374 -3.59 25.14 69.89
N VAL A 375 -3.84 26.40 70.27
CA VAL A 375 -3.70 26.85 71.64
C VAL A 375 -4.99 27.55 72.03
N VAL A 376 -5.52 27.22 73.20
CA VAL A 376 -6.73 27.84 73.71
C VAL A 376 -6.34 28.71 74.89
N PHE A 377 -6.68 29.99 74.83
CA PHE A 377 -6.37 30.96 75.86
C PHE A 377 -7.64 31.31 76.62
N LEU A 378 -7.56 31.30 77.95
CA LEU A 378 -8.67 31.72 78.80
C LEU A 378 -8.31 33.08 79.36
N HIS A 379 -8.60 34.13 78.59
CA HIS A 379 -8.28 35.49 79.01
C HIS A 379 -9.29 35.96 80.05
N VAL A 380 -8.78 36.47 81.16
CA VAL A 380 -9.61 37.09 82.19
C VAL A 380 -9.36 38.58 82.08
N THR A 381 -10.39 39.32 81.68
CA THR A 381 -10.30 40.76 81.46
C THR A 381 -11.49 41.43 82.12
N TYR A 382 -11.41 42.75 82.27
CA TYR A 382 -12.54 43.54 82.73
C TYR A 382 -12.98 44.48 81.63
N VAL A 383 -14.28 44.46 81.32
CA VAL A 383 -14.83 45.24 80.23
C VAL A 383 -15.75 46.32 80.81
N PRO A 384 -15.94 47.44 80.12
CA PRO A 384 -16.86 48.47 80.61
C PRO A 384 -18.28 47.93 80.70
N ALA A 385 -18.97 48.30 81.79
CA ALA A 385 -20.35 47.91 82.00
C ALA A 385 -21.32 49.03 81.65
N GLN A 386 -21.03 50.26 82.05
CA GLN A 386 -21.79 51.42 81.64
C GLN A 386 -20.83 52.57 81.40
N GLU A 387 -21.02 53.29 80.31
CA GLU A 387 -20.18 54.42 79.96
C GLU A 387 -21.07 55.55 79.46
N LYS A 388 -20.59 56.78 79.63
CA LYS A 388 -21.32 57.96 79.19
C LYS A 388 -20.42 58.81 78.31
N ASN A 389 -21.02 59.41 77.29
CA ASN A 389 -20.25 60.15 76.31
C ASN A 389 -19.77 61.47 76.89
N PHE A 390 -18.55 61.85 76.52
CA PHE A 390 -17.92 63.07 77.00
C PHE A 390 -17.33 63.83 75.83
N THR A 391 -17.21 65.15 75.99
CA THR A 391 -16.61 66.01 74.98
C THR A 391 -15.11 66.04 75.20
N THR A 392 -14.35 65.53 74.24
CA THR A 392 -12.89 65.45 74.36
C THR A 392 -12.25 66.10 73.15
N ALA A 393 -11.05 66.64 73.38
CA ALA A 393 -10.23 67.17 72.31
C ALA A 393 -8.81 66.63 72.46
N PRO A 394 -8.19 66.18 71.36
CA PRO A 394 -6.80 65.71 71.47
C PRO A 394 -5.84 66.77 71.98
N ALA A 395 -6.03 68.02 71.56
CA ALA A 395 -5.17 69.11 71.99
C ALA A 395 -6.00 70.38 72.08
N ILE A 396 -5.51 71.33 72.87
CA ILE A 396 -6.19 72.59 73.10
C ILE A 396 -5.23 73.72 72.77
N CYS A 397 -5.64 74.59 71.85
CA CYS A 397 -4.81 75.73 71.44
C CYS A 397 -5.12 76.91 72.35
N HIS A 398 -4.22 77.21 73.27
CA HIS A 398 -4.38 78.32 74.21
C HIS A 398 -3.33 79.37 73.92
N ASP A 399 -3.79 80.61 73.73
CA ASP A 399 -2.96 81.78 73.45
C ASP A 399 -1.83 81.49 72.46
N GLY A 400 -2.12 80.74 71.40
CA GLY A 400 -1.17 80.47 70.35
C GLY A 400 -0.27 79.28 70.57
N LYS A 401 -0.35 78.63 71.73
CA LYS A 401 0.46 77.46 72.04
C LYS A 401 -0.46 76.27 72.29
N ALA A 402 -0.18 75.16 71.62
CA ALA A 402 -1.00 73.97 71.76
C ALA A 402 -0.60 73.20 73.01
N HIS A 403 -1.59 72.87 73.83
CA HIS A 403 -1.40 72.04 75.02
C HIS A 403 -2.06 70.69 74.78
N PHE A 404 -1.31 69.63 75.03
CA PHE A 404 -1.86 68.28 74.91
C PHE A 404 -1.38 67.46 76.09
N PRO A 405 -2.19 66.52 76.56
CA PRO A 405 -1.79 65.74 77.73
C PRO A 405 -0.78 64.66 77.38
N ARG A 406 0.05 64.33 78.35
CA ARG A 406 0.92 63.16 78.25
C ARG A 406 0.21 62.00 78.94
N GLU A 407 -0.05 60.94 78.20
CA GLU A 407 -0.75 59.75 78.71
C GLU A 407 -2.12 60.13 79.25
N GLY A 408 -3.01 60.49 78.33
CA GLY A 408 -4.37 60.78 78.67
C GLY A 408 -5.09 61.43 77.51
N VAL A 409 -6.32 61.88 77.78
CA VAL A 409 -7.08 62.68 76.84
C VAL A 409 -7.75 63.81 77.62
N PHE A 410 -7.87 64.96 76.97
CA PHE A 410 -8.60 66.07 77.56
C PHE A 410 -10.08 65.72 77.65
N VAL A 411 -10.70 66.08 78.77
CA VAL A 411 -12.13 65.87 78.97
C VAL A 411 -12.72 67.15 79.53
N SER A 412 -14.02 67.32 79.33
CA SER A 412 -14.71 68.54 79.69
C SER A 412 -15.87 68.24 80.63
N ASN A 413 -15.95 68.97 81.74
CA ASN A 413 -17.08 68.89 82.65
C ASN A 413 -18.26 69.73 82.20
N GLY A 414 -18.12 70.49 81.11
CA GLY A 414 -19.10 71.45 80.66
C GLY A 414 -18.62 72.88 80.68
N THR A 415 -17.73 73.20 81.63
CA THR A 415 -17.13 74.53 81.71
C THR A 415 -15.62 74.50 81.86
N HIS A 416 -15.03 73.41 82.34
CA HIS A 416 -13.60 73.31 82.53
C HIS A 416 -13.06 72.11 81.76
N TRP A 417 -11.73 72.02 81.70
CA TRP A 417 -11.04 70.93 81.04
C TRP A 417 -10.23 70.15 82.05
N PHE A 418 -10.10 68.84 81.81
CA PHE A 418 -9.36 67.96 82.70
C PHE A 418 -8.58 66.96 81.88
N VAL A 419 -7.70 66.23 82.54
CA VAL A 419 -6.95 65.14 81.93
C VAL A 419 -7.38 63.86 82.62
N THR A 420 -7.87 62.90 81.83
CA THR A 420 -8.33 61.63 82.35
C THR A 420 -7.75 60.50 81.53
N GLN A 421 -7.63 59.33 82.15
CA GLN A 421 -7.20 58.15 81.42
C GLN A 421 -8.22 57.81 80.34
N ARG A 422 -7.73 57.28 79.23
CA ARG A 422 -8.62 56.91 78.14
C ARG A 422 -9.62 55.84 78.53
N ASN A 423 -9.30 55.01 79.53
CA ASN A 423 -10.11 53.86 79.86
C ASN A 423 -11.03 54.07 81.07
N PHE A 424 -10.78 55.08 81.89
CA PHE A 424 -11.60 55.33 83.07
C PHE A 424 -11.80 56.83 83.25
N TYR A 425 -13.00 57.22 83.67
CA TYR A 425 -13.32 58.63 83.88
C TYR A 425 -12.93 59.01 85.30
N GLU A 426 -11.70 59.48 85.45
CA GLU A 426 -11.19 60.01 86.72
C GLU A 426 -10.53 61.34 86.43
N PRO A 427 -11.32 62.39 86.21
CA PRO A 427 -10.74 63.66 85.77
C PRO A 427 -9.76 64.23 86.79
N GLN A 428 -8.68 64.83 86.29
CA GLN A 428 -7.65 65.41 87.12
C GLN A 428 -7.41 66.85 86.70
N ILE A 429 -6.91 67.65 87.65
CA ILE A 429 -6.65 69.06 87.37
C ILE A 429 -5.48 69.17 86.40
N ILE A 430 -5.65 69.99 85.37
CA ILE A 430 -4.59 70.18 84.38
C ILE A 430 -3.46 70.96 85.02
N THR A 431 -2.25 70.39 84.98
CA THR A 431 -1.05 71.02 85.51
C THR A 431 0.06 70.90 84.49
N THR A 432 1.22 71.45 84.83
CA THR A 432 2.38 71.33 83.95
C THR A 432 2.85 69.88 83.85
N ASP A 433 2.79 69.14 84.96
CA ASP A 433 3.20 67.75 84.97
C ASP A 433 2.23 66.83 84.23
N ASN A 434 1.01 67.31 83.95
CA ASN A 434 0.02 66.49 83.27
C ASN A 434 0.04 66.65 81.76
N THR A 435 0.48 67.80 81.26
CA THR A 435 0.37 68.13 79.85
C THR A 435 1.73 68.53 79.30
N PHE A 436 1.78 68.65 77.98
CA PHE A 436 2.93 69.19 77.27
C PHE A 436 2.54 70.48 76.58
N VAL A 437 3.53 71.29 76.24
CA VAL A 437 3.30 72.57 75.60
C VAL A 437 4.11 72.61 74.30
N SER A 438 3.48 73.04 73.23
CA SER A 438 4.14 73.20 71.94
C SER A 438 4.45 74.67 71.67
N GLY A 439 5.44 74.90 70.82
CA GLY A 439 5.80 76.27 70.48
C GLY A 439 4.71 76.99 69.70
N ASN A 440 4.12 76.31 68.72
CA ASN A 440 3.13 76.92 67.83
C ASN A 440 1.84 76.10 67.89
N CYS A 441 0.88 76.47 67.02
CA CYS A 441 -0.39 75.78 66.96
C CYS A 441 -0.60 75.06 65.62
N ASP A 442 0.41 75.00 64.77
CA ASP A 442 0.28 74.27 63.53
C ASP A 442 0.45 72.78 63.76
N VAL A 443 0.06 71.99 62.76
CA VAL A 443 0.17 70.54 62.82
C VAL A 443 1.12 70.08 61.73
N VAL A 444 1.62 68.86 61.90
CA VAL A 444 2.52 68.22 60.94
C VAL A 444 1.71 67.15 60.22
N ILE A 445 1.69 67.23 58.89
CA ILE A 445 0.87 66.35 58.07
C ILE A 445 1.74 65.22 57.54
N GLY A 446 1.29 63.99 57.73
CA GLY A 446 1.99 62.84 57.20
C GLY A 446 1.00 61.81 56.68
N ILE A 447 1.45 61.04 55.69
CA ILE A 447 0.65 59.99 55.09
C ILE A 447 1.41 58.68 55.20
N VAL A 448 0.72 57.64 55.64
CA VAL A 448 1.28 56.29 55.72
C VAL A 448 0.41 55.40 54.85
N ASN A 449 0.82 55.19 53.60
CA ASN A 449 0.07 54.36 52.67
C ASN A 449 0.59 52.94 52.79
N ASN A 450 -0.10 52.12 53.57
CA ASN A 450 0.33 50.75 53.88
C ASN A 450 -0.15 49.81 52.78
N THR A 451 0.42 49.98 51.59
CA THR A 451 0.03 49.18 50.45
C THR A 451 0.64 47.79 50.53
N VAL A 452 -0.11 46.79 50.07
CA VAL A 452 0.39 45.44 49.96
C VAL A 452 1.10 45.28 48.62
N TYR A 453 1.90 44.23 48.52
CA TYR A 453 2.72 44.03 47.33
C TYR A 453 1.84 43.73 46.12
N ASP A 454 2.11 44.41 45.00
CA ASP A 454 1.37 44.21 43.78
C ASP A 454 2.15 43.30 42.85
N PRO A 455 1.64 42.10 42.54
CA PRO A 455 2.45 41.15 41.78
C PRO A 455 2.68 41.61 40.36
N LEU A 456 3.80 41.15 39.79
CA LEU A 456 4.09 41.36 38.38
C LEU A 456 3.44 40.23 37.61
N GLN A 457 2.19 40.45 37.21
CA GLN A 457 1.42 39.39 36.57
C GLN A 457 2.00 39.05 35.21
N PRO A 458 1.87 37.80 34.77
CA PRO A 458 2.31 37.44 33.42
C PRO A 458 1.54 38.22 32.37
N GLU A 459 2.24 38.60 31.31
CA GLU A 459 1.63 39.29 30.17
C GLU A 459 2.05 38.56 28.90
N LEU A 460 1.07 38.00 28.20
CA LEU A 460 1.32 37.16 27.03
C LEU A 460 0.86 37.87 25.77
N ASP A 461 1.51 37.54 24.66
CA ASP A 461 1.05 38.01 23.36
C ASP A 461 -0.21 37.26 22.97
N SER A 462 -0.74 37.58 21.79
CA SER A 462 -1.87 36.83 21.28
C SER A 462 -1.44 35.40 20.95
N PHE A 463 -2.40 34.48 21.01
CA PHE A 463 -2.09 33.10 20.69
C PHE A 463 -1.62 32.95 19.25
N LYS A 464 -2.22 33.70 18.33
CA LYS A 464 -1.85 33.60 16.93
C LYS A 464 -0.41 34.01 16.70
N GLU A 465 0.02 35.11 17.30
CA GLU A 465 1.37 35.61 17.06
C GLU A 465 2.41 34.89 17.91
N GLU A 466 2.00 34.10 18.88
CA GLU A 466 2.92 33.23 19.59
C GLU A 466 2.98 31.82 19.01
N LEU A 467 2.03 31.48 18.14
CA LEU A 467 2.01 30.17 17.52
C LEU A 467 2.80 30.12 16.22
N ASP A 468 2.71 31.16 15.40
CA ASP A 468 3.39 31.15 14.12
C ASP A 468 4.90 31.28 14.24
N LYS A 469 5.42 31.53 15.44
CA LYS A 469 6.86 31.58 15.61
C LYS A 469 7.51 30.24 15.30
N TYR A 470 6.85 29.14 15.67
CA TYR A 470 7.40 27.81 15.45
C TYR A 470 6.41 26.86 14.80
N PHE A 471 5.23 27.34 14.40
CA PHE A 471 4.24 26.45 13.81
C PHE A 471 4.71 25.91 12.47
N LYS A 472 4.27 24.69 12.17
CA LYS A 472 4.58 24.02 10.90
C LYS A 472 3.25 23.64 10.26
N ASN A 473 2.68 24.57 9.51
CA ASN A 473 1.45 24.31 8.75
C ASN A 473 1.77 23.36 7.61
N HIS A 474 1.22 22.15 7.66
CA HIS A 474 1.48 21.15 6.63
C HIS A 474 0.18 20.57 6.14
N THR A 475 0.12 20.31 4.83
CA THR A 475 -1.05 19.69 4.20
C THR A 475 -0.55 18.73 3.14
N SER A 476 -0.71 17.44 3.38
CA SER A 476 -0.19 16.44 2.47
C SER A 476 -1.00 16.44 1.18
N PRO A 477 -0.36 16.55 0.01
CA PRO A 477 -1.11 16.50 -1.24
C PRO A 477 -1.71 15.12 -1.47
N ASP A 478 -2.81 15.10 -2.21
CA ASP A 478 -3.51 13.86 -2.51
C ASP A 478 -2.60 12.92 -3.30
N VAL A 479 -2.55 11.66 -2.88
CA VAL A 479 -1.74 10.67 -3.56
C VAL A 479 -2.49 10.18 -4.80
N ASP A 480 -1.84 10.26 -5.94
CA ASP A 480 -2.42 9.80 -7.20
C ASP A 480 -1.59 8.66 -7.76
N LEU A 481 -2.27 7.76 -8.47
CA LEU A 481 -1.63 6.59 -9.07
C LEU A 481 -2.01 6.51 -10.53
N GLY A 482 -1.09 5.98 -11.34
CA GLY A 482 -1.31 5.86 -12.76
C GLY A 482 -2.54 5.05 -13.09
N ASP A 483 -3.38 5.57 -13.98
CA ASP A 483 -4.61 4.90 -14.34
C ASP A 483 -4.31 3.77 -15.32
N ILE A 484 -4.65 2.55 -14.94
CA ILE A 484 -4.40 1.37 -15.77
C ILE A 484 -5.66 0.87 -16.46
N SER A 485 -6.76 1.63 -16.38
CA SER A 485 -8.00 1.20 -17.00
C SER A 485 -7.92 1.22 -18.52
N GLY A 486 -6.87 1.80 -19.10
CA GLY A 486 -6.71 1.83 -20.54
C GLY A 486 -6.16 0.56 -21.15
N ILE A 487 -5.78 -0.42 -20.34
CA ILE A 487 -5.28 -1.69 -20.88
C ILE A 487 -6.45 -2.48 -21.43
N ASN A 488 -6.26 -3.05 -22.63
CA ASN A 488 -7.36 -3.59 -23.39
C ASN A 488 -7.34 -5.12 -23.47
N ALA A 489 -6.28 -5.72 -23.99
CA ALA A 489 -6.21 -7.16 -24.22
C ALA A 489 -7.35 -7.61 -25.13
N SER A 490 -7.23 -7.22 -26.40
CA SER A 490 -8.25 -7.55 -27.38
C SER A 490 -8.33 -9.06 -27.61
N VAL A 491 -9.44 -9.48 -28.21
CA VAL A 491 -9.73 -10.89 -28.43
C VAL A 491 -9.69 -11.20 -29.92
N VAL A 492 -9.48 -12.48 -30.23
CA VAL A 492 -9.35 -12.94 -31.60
C VAL A 492 -10.61 -13.70 -31.99
N ASN A 493 -10.96 -13.63 -33.27
CA ASN A 493 -12.12 -14.34 -33.80
C ASN A 493 -11.76 -14.83 -35.20
N ILE A 494 -11.26 -16.07 -35.27
CA ILE A 494 -10.88 -16.69 -36.53
C ILE A 494 -11.86 -17.82 -36.82
N GLN A 495 -13.11 -17.67 -36.38
CA GLN A 495 -14.08 -18.73 -36.57
C GLN A 495 -14.45 -18.91 -38.04
N LYS A 496 -14.35 -17.84 -38.83
CA LYS A 496 -14.63 -17.97 -40.26
C LYS A 496 -13.61 -18.86 -40.95
N GLU A 497 -12.34 -18.72 -40.60
CA GLU A 497 -11.29 -19.53 -41.20
C GLU A 497 -11.37 -20.98 -40.74
N ILE A 498 -11.72 -21.21 -39.48
CA ILE A 498 -11.83 -22.58 -38.98
C ILE A 498 -13.02 -23.29 -39.61
N ASP A 499 -14.11 -22.56 -39.84
CA ASP A 499 -15.26 -23.15 -40.52
C ASP A 499 -14.94 -23.45 -41.98
N ARG A 500 -14.15 -22.59 -42.62
CA ARG A 500 -13.75 -22.86 -44.01
C ARG A 500 -12.85 -24.09 -44.09
N LEU A 501 -11.92 -24.23 -43.16
CA LEU A 501 -11.01 -25.37 -43.19
C LEU A 501 -11.76 -26.67 -42.96
N ASN A 502 -12.69 -26.69 -42.01
CA ASN A 502 -13.45 -27.91 -41.75
C ASN A 502 -14.36 -28.25 -42.92
N GLU A 503 -14.91 -27.24 -43.60
CA GLU A 503 -15.75 -27.49 -44.75
C GLU A 503 -14.94 -28.02 -45.93
N VAL A 504 -13.76 -27.46 -46.17
CA VAL A 504 -12.92 -27.92 -47.27
C VAL A 504 -12.42 -29.33 -47.00
N ALA A 505 -12.05 -29.62 -45.75
CA ALA A 505 -11.63 -30.97 -45.41
C ALA A 505 -12.74 -31.98 -45.62
N LYS A 506 -13.98 -31.58 -45.34
CA LYS A 506 -15.12 -32.46 -45.57
C LYS A 506 -15.47 -32.56 -47.06
N ASN A 507 -15.22 -31.50 -47.82
CA ASN A 507 -15.58 -31.46 -49.23
C ASN A 507 -14.50 -32.01 -50.15
N LEU A 508 -13.33 -32.37 -49.62
CA LEU A 508 -12.30 -32.92 -50.48
C LEU A 508 -12.61 -34.34 -50.95
N ASN A 509 -13.57 -35.01 -50.31
CA ASN A 509 -13.97 -36.34 -50.77
C ASN A 509 -14.56 -36.31 -52.15
N GLU A 510 -15.28 -35.23 -52.49
CA GLU A 510 -15.89 -35.13 -53.81
C GLU A 510 -14.87 -34.99 -54.92
N SER A 511 -13.63 -34.64 -54.58
CA SER A 511 -12.56 -34.54 -55.57
C SER A 511 -11.87 -35.87 -55.82
N LEU A 512 -12.27 -36.93 -55.14
CA LEU A 512 -11.71 -38.24 -55.42
C LEU A 512 -12.11 -38.69 -56.81
N ILE A 513 -11.20 -39.40 -57.47
CA ILE A 513 -11.40 -39.85 -58.85
C ILE A 513 -11.97 -41.25 -58.82
N ASP A 514 -13.13 -41.42 -59.44
CA ASP A 514 -13.81 -42.71 -59.54
C ASP A 514 -13.75 -43.15 -61.01
N LEU A 515 -12.67 -43.82 -61.38
CA LEU A 515 -12.44 -44.20 -62.76
C LEU A 515 -13.47 -45.21 -63.23
N GLN A 516 -13.77 -45.17 -64.53
CA GLN A 516 -14.60 -46.18 -65.17
C GLN A 516 -13.73 -47.40 -65.42
N GLU A 517 -13.94 -48.45 -64.63
CA GLU A 517 -13.05 -49.61 -64.67
C GLU A 517 -13.08 -50.28 -66.03
N LEU A 518 -11.89 -50.63 -66.54
CA LEU A 518 -11.74 -51.38 -67.77
C LEU A 518 -11.12 -52.73 -67.44
N GLY A 519 -11.74 -53.79 -67.93
CA GLY A 519 -11.24 -55.12 -67.65
C GLY A 519 -9.88 -55.36 -68.26
N LYS A 520 -9.17 -56.34 -67.69
CA LYS A 520 -7.84 -56.72 -68.17
C LYS A 520 -7.93 -58.08 -68.83
N TYR A 521 -7.68 -58.14 -70.12
CA TYR A 521 -7.70 -59.37 -70.89
C TYR A 521 -6.29 -59.65 -71.41
N GLU A 522 -5.83 -60.88 -71.21
CA GLU A 522 -4.48 -61.29 -71.59
C GLU A 522 -4.57 -62.43 -72.59
N GLN A 523 -3.94 -62.24 -73.75
CA GLN A 523 -3.97 -63.23 -74.82
C GLN A 523 -2.56 -63.64 -75.19
N TYR A 524 -2.31 -64.95 -75.25
CA TYR A 524 -1.04 -65.45 -75.73
C TYR A 524 -1.04 -65.49 -77.25
N ILE A 525 0.07 -65.04 -77.84
CA ILE A 525 0.23 -65.17 -79.28
C ILE A 525 0.73 -66.57 -79.58
N LYS A 526 -0.18 -67.51 -79.74
CA LYS A 526 0.18 -68.91 -79.88
C LYS A 526 0.90 -69.14 -81.21
N TRP A 527 1.66 -70.23 -81.25
CA TRP A 527 2.35 -70.59 -82.48
C TRP A 527 1.34 -70.95 -83.56
N PRO A 528 1.59 -70.57 -84.81
CA PRO A 528 0.72 -71.01 -85.91
C PRO A 528 0.85 -72.50 -86.13
N TRP A 529 -0.20 -73.08 -86.72
CA TRP A 529 -0.23 -74.52 -86.91
C TRP A 529 0.95 -75.01 -87.74
N TYR A 530 1.37 -74.21 -88.74
CA TYR A 530 2.48 -74.64 -89.59
C TYR A 530 3.79 -74.66 -88.81
N ILE A 531 3.96 -73.75 -87.86
CA ILE A 531 5.11 -73.85 -86.96
C ILE A 531 4.95 -75.02 -86.01
N TRP A 532 3.72 -75.24 -85.53
CA TRP A 532 3.46 -76.39 -84.66
C TRP A 532 3.75 -77.69 -85.38
N LEU A 533 3.35 -77.80 -86.65
CA LEU A 533 3.68 -78.99 -87.42
C LEU A 533 5.18 -79.14 -87.60
N GLY A 534 5.86 -78.04 -87.93
CA GLY A 534 7.31 -78.10 -88.08
C GLY A 534 8.01 -78.47 -86.79
N PHE A 535 7.53 -77.92 -85.67
CA PHE A 535 8.12 -78.24 -84.38
C PHE A 535 7.95 -79.72 -84.05
N ILE A 536 6.78 -80.28 -84.33
CA ILE A 536 6.57 -81.71 -84.13
C ILE A 536 7.49 -82.52 -85.02
N ALA A 537 7.64 -82.10 -86.28
CA ALA A 537 8.57 -82.79 -87.18
C ALA A 537 9.99 -82.71 -86.67
N GLY A 538 10.38 -81.57 -86.11
CA GLY A 538 11.70 -81.46 -85.52
C GLY A 538 11.89 -82.40 -84.34
N LEU A 539 10.86 -82.54 -83.50
CA LEU A 539 10.93 -83.49 -82.40
C LEU A 539 11.05 -84.91 -82.92
N ILE A 540 10.33 -85.24 -83.99
CA ILE A 540 10.40 -86.57 -84.57
C ILE A 540 11.80 -86.85 -85.10
N ALA A 541 12.39 -85.87 -85.79
CA ALA A 541 13.70 -86.06 -86.40
C ALA A 541 14.77 -86.30 -85.33
N ILE A 542 14.77 -85.50 -84.27
CA ILE A 542 15.80 -85.63 -83.26
C ILE A 542 15.59 -86.92 -82.45
N VAL A 543 14.33 -87.30 -82.22
CA VAL A 543 14.07 -88.52 -81.46
C VAL A 543 14.59 -89.75 -82.20
N MET A 544 14.37 -89.81 -83.51
CA MET A 544 14.83 -90.95 -84.29
C MET A 544 16.36 -91.04 -84.29
N VAL A 545 17.03 -89.89 -84.29
CA VAL A 545 18.48 -89.88 -84.21
C VAL A 545 18.95 -90.44 -82.87
N THR A 546 18.28 -90.04 -81.79
CA THR A 546 18.63 -90.58 -80.48
C THR A 546 18.40 -92.09 -80.43
N ILE A 547 17.28 -92.56 -81.00
CA ILE A 547 17.02 -93.99 -81.04
C ILE A 547 18.09 -94.70 -81.86
N MET A 548 18.55 -94.06 -82.94
CA MET A 548 19.67 -94.61 -83.70
C MET A 548 20.93 -94.67 -82.85
N LEU A 549 21.17 -93.63 -82.04
CA LEU A 549 22.30 -93.66 -81.11
C LEU A 549 22.08 -94.66 -79.99
N CYS A 550 20.84 -94.91 -79.61
CA CYS A 550 20.54 -95.88 -78.56
C CYS A 550 20.83 -97.32 -78.98
N CYS A 551 21.08 -97.56 -80.26
CA CYS A 551 21.39 -98.90 -80.74
C CYS A 551 22.77 -99.34 -80.29
N GLU B 17 -19.31 30.52 92.91
CA GLU B 17 -18.70 30.89 91.65
C GLU B 17 -17.34 30.22 91.47
N ASN B 18 -17.33 29.11 90.73
CA ASN B 18 -16.14 28.33 90.48
C ASN B 18 -15.51 28.64 89.12
N SER B 19 -15.76 29.83 88.59
CA SER B 19 -15.21 30.20 87.30
C SER B 19 -13.70 30.43 87.41
N VAL B 20 -13.05 30.47 86.25
CA VAL B 20 -11.61 30.73 86.20
C VAL B 20 -11.27 32.15 86.58
N ALA B 21 -12.27 33.03 86.68
CA ALA B 21 -12.04 34.45 86.95
C ALA B 21 -11.97 34.76 88.44
N TYR B 22 -12.26 33.81 89.32
CA TYR B 22 -12.25 34.09 90.75
C TYR B 22 -11.37 33.11 91.50
N SER B 23 -11.30 31.87 91.04
CA SER B 23 -10.46 30.88 91.69
C SER B 23 -8.99 31.27 91.58
N ASN B 24 -8.27 31.15 92.68
CA ASN B 24 -6.88 31.58 92.73
C ASN B 24 -5.95 30.45 92.30
N ASN B 25 -4.82 30.84 91.73
CA ASN B 25 -3.82 29.91 91.26
C ASN B 25 -2.44 30.47 91.55
N SER B 26 -1.45 29.58 91.61
CA SER B 26 -0.10 29.98 91.94
C SER B 26 0.66 30.35 90.67
N ILE B 27 1.21 31.55 90.64
CA ILE B 27 2.04 32.02 89.53
C ILE B 27 3.36 32.52 90.09
N ALA B 28 4.38 32.48 89.25
CA ALA B 28 5.73 32.84 89.66
C ALA B 28 5.98 34.30 89.33
N ILE B 29 6.18 35.12 90.36
CA ILE B 29 6.40 36.55 90.22
C ILE B 29 7.88 36.81 90.46
N PRO B 30 8.58 37.45 89.52
CA PRO B 30 10.02 37.69 89.71
C PRO B 30 10.30 38.53 90.93
N THR B 31 11.38 38.18 91.63
CA THR B 31 11.85 38.94 92.79
C THR B 31 13.22 39.55 92.60
N ASN B 32 14.09 38.92 91.83
CA ASN B 32 15.41 39.43 91.54
C ASN B 32 15.66 39.33 90.05
N PHE B 33 16.47 40.24 89.53
CA PHE B 33 16.66 40.36 88.09
C PHE B 33 18.14 40.27 87.74
N THR B 34 18.39 40.10 86.44
CA THR B 34 19.73 40.12 85.89
C THR B 34 19.64 40.58 84.45
N ILE B 35 20.74 41.12 83.95
CA ILE B 35 20.78 41.71 82.62
C ILE B 35 21.06 40.64 81.59
N SER B 36 20.36 40.71 80.46
CA SER B 36 20.61 39.82 79.33
C SER B 36 20.73 40.65 78.07
N VAL B 37 21.54 40.15 77.13
CA VAL B 37 21.70 40.77 75.82
C VAL B 37 21.26 39.76 74.79
N THR B 38 20.24 40.10 74.02
CA THR B 38 19.63 39.18 73.07
C THR B 38 19.90 39.65 71.65
N THR B 39 20.43 38.75 70.82
CA THR B 39 20.72 39.03 69.43
C THR B 39 19.59 38.46 68.58
N GLU B 40 18.82 39.34 67.95
CA GLU B 40 17.69 38.93 67.13
C GLU B 40 17.98 39.26 65.66
N ILE B 41 17.82 38.26 64.80
CA ILE B 41 18.08 38.40 63.38
C ILE B 41 16.77 38.23 62.62
N LEU B 42 16.46 39.19 61.77
CA LEU B 42 15.20 39.22 61.03
C LEU B 42 15.49 39.43 59.55
N PRO B 43 15.25 38.44 58.70
CA PRO B 43 15.38 38.68 57.26
C PRO B 43 14.38 39.73 56.80
N VAL B 44 14.81 40.58 55.87
CA VAL B 44 13.95 41.65 55.38
C VAL B 44 13.88 41.62 53.86
N SER B 45 14.74 40.81 53.24
CA SER B 45 14.76 40.71 51.79
C SER B 45 15.38 39.39 51.40
N MET B 46 15.22 39.03 50.13
CA MET B 46 15.77 37.79 49.60
C MET B 46 16.46 38.08 48.28
N THR B 47 17.46 37.26 47.96
CA THR B 47 18.23 37.44 46.74
C THR B 47 17.36 37.23 45.51
N LYS B 48 17.60 38.03 44.48
CA LYS B 48 16.91 37.86 43.21
C LYS B 48 17.44 36.60 42.52
N THR B 49 16.58 35.59 42.40
CA THR B 49 16.96 34.32 41.81
C THR B 49 16.05 34.05 40.62
N SER B 50 16.65 33.89 39.45
CA SER B 50 15.93 33.51 38.24
C SER B 50 16.04 32.00 38.04
N VAL B 51 15.42 31.51 36.99
CA VAL B 51 15.47 30.09 36.66
C VAL B 51 15.27 29.95 35.15
N ASP B 52 16.18 29.23 34.49
CA ASP B 52 16.01 28.93 33.08
C ASP B 52 15.29 27.60 32.96
N CYS B 53 14.11 27.62 32.37
CA CYS B 53 13.28 26.42 32.34
C CYS B 53 13.87 25.35 31.44
N THR B 54 14.65 25.73 30.43
CA THR B 54 15.25 24.72 29.55
C THR B 54 16.23 23.84 30.31
N MET B 55 17.03 24.42 31.20
CA MET B 55 17.95 23.62 31.99
C MET B 55 17.21 22.91 33.12
N TYR B 56 16.20 23.57 33.71
CA TYR B 56 15.47 22.96 34.81
C TYR B 56 14.69 21.73 34.35
N ILE B 57 14.05 21.82 33.18
CA ILE B 57 13.18 20.74 32.72
C ILE B 57 13.99 19.73 31.92
N CYS B 58 14.62 20.18 30.83
CA CYS B 58 15.37 19.28 29.97
C CYS B 58 16.82 19.13 30.45
N GLY B 59 17.56 20.23 30.47
CA GLY B 59 18.96 20.17 30.83
C GLY B 59 19.85 19.93 29.63
N ASP B 60 20.28 18.68 29.44
CA ASP B 60 21.14 18.33 28.33
C ASP B 60 20.41 17.63 27.20
N SER B 61 19.14 17.27 27.39
CA SER B 61 18.40 16.54 26.38
C SER B 61 18.07 17.46 25.22
N THR B 62 18.57 17.13 24.02
CA THR B 62 18.29 17.95 22.85
C THR B 62 16.86 17.77 22.38
N GLU B 63 16.33 16.55 22.46
CA GLU B 63 14.95 16.30 22.06
C GLU B 63 13.98 17.12 22.89
N CYS B 64 14.17 17.15 24.21
CA CYS B 64 13.33 17.97 25.07
C CYS B 64 13.50 19.45 24.76
N SER B 65 14.75 19.89 24.55
CA SER B 65 15.00 21.32 24.37
C SER B 65 14.33 21.83 23.10
N ASN B 66 14.35 21.05 22.03
CA ASN B 66 13.70 21.47 20.79
C ASN B 66 12.19 21.54 20.97
N LEU B 67 11.60 20.57 21.68
CA LEU B 67 10.17 20.59 21.91
C LEU B 67 9.75 21.69 22.87
N LEU B 68 10.65 22.16 23.73
CA LEU B 68 10.30 23.17 24.71
C LEU B 68 10.13 24.55 24.07
N LEU B 69 10.77 24.80 22.93
CA LEU B 69 10.60 26.10 22.27
C LEU B 69 9.17 26.29 21.79
N GLN B 70 8.46 25.20 21.53
CA GLN B 70 7.08 25.28 21.09
C GLN B 70 6.11 25.53 22.24
N TYR B 71 6.58 25.50 23.48
CA TYR B 71 5.72 25.70 24.63
C TYR B 71 5.49 27.16 24.94
N GLY B 72 6.08 28.07 24.18
CA GLY B 72 5.80 29.48 24.35
C GLY B 72 6.80 30.18 25.24
N SER B 73 6.38 31.32 25.76
CA SER B 73 7.21 32.19 26.58
C SER B 73 6.85 32.07 28.06
N PHE B 74 6.54 30.86 28.51
CA PHE B 74 6.23 30.68 29.93
C PHE B 74 7.43 30.97 30.81
N CYS B 75 8.64 30.73 30.31
CA CYS B 75 9.82 30.97 31.13
C CYS B 75 9.99 32.44 31.46
N THR B 76 9.77 33.32 30.49
CA THR B 76 9.91 34.75 30.77
C THR B 76 8.75 35.26 31.60
N GLN B 77 7.62 34.56 31.58
CA GLN B 77 6.50 34.95 32.44
C GLN B 77 6.73 34.51 33.87
N LEU B 78 7.33 33.33 34.07
CA LEU B 78 7.66 32.88 35.41
C LEU B 78 8.76 33.73 36.02
N ASN B 79 9.79 34.05 35.23
CA ASN B 79 10.87 34.89 35.73
C ASN B 79 10.39 36.30 36.02
N ARG B 80 9.34 36.75 35.33
CA ARG B 80 8.77 38.06 35.63
C ARG B 80 8.20 38.11 37.04
N ALA B 81 7.53 37.03 37.45
CA ALA B 81 7.01 36.96 38.81
C ALA B 81 8.13 36.92 39.84
N LEU B 82 9.20 36.18 39.55
CA LEU B 82 10.31 36.10 40.48
C LEU B 82 11.16 37.37 40.46
N THR B 83 11.23 38.05 39.33
CA THR B 83 11.98 39.31 39.27
C THR B 83 11.33 40.38 40.14
N GLY B 84 10.00 40.48 40.09
CA GLY B 84 9.32 41.50 40.87
C GLY B 84 9.41 41.28 42.36
N ILE B 85 9.79 40.07 42.78
CA ILE B 85 9.93 39.79 44.21
C ILE B 85 11.02 40.66 44.82
N ALA B 86 12.17 40.76 44.15
CA ALA B 86 13.27 41.55 44.65
C ALA B 86 13.20 42.98 44.15
N SER B 131 -0.41 -70.36 -68.69
CA SER B 131 0.13 -71.17 -67.61
C SER B 131 1.65 -71.26 -67.69
N PHE B 132 2.20 -72.34 -67.16
CA PHE B 132 3.65 -72.54 -67.22
C PHE B 132 4.12 -72.76 -68.65
N ILE B 133 3.47 -73.67 -69.37
CA ILE B 133 3.87 -73.96 -70.74
C ILE B 133 3.67 -72.74 -71.63
N GLU B 134 2.54 -72.07 -71.48
CA GLU B 134 2.26 -70.90 -72.32
C GLU B 134 3.26 -69.78 -72.05
N ASP B 135 3.61 -69.55 -70.78
CA ASP B 135 4.59 -68.51 -70.46
C ASP B 135 5.94 -68.84 -71.08
N LEU B 136 6.32 -70.11 -71.09
CA LEU B 136 7.59 -70.50 -71.68
C LEU B 136 7.63 -70.18 -73.17
N LEU B 137 6.54 -70.46 -73.88
CA LEU B 137 6.57 -70.53 -75.34
C LEU B 137 6.03 -69.26 -76.00
N PHE B 138 4.81 -68.87 -75.65
CA PHE B 138 4.08 -67.85 -76.40
C PHE B 138 4.20 -66.49 -75.75
N ASN B 139 4.38 -65.46 -76.59
CA ASN B 139 4.39 -64.09 -76.12
C ASN B 139 3.00 -63.68 -75.64
N LYS B 140 2.96 -62.96 -74.52
CA LYS B 140 1.71 -62.58 -73.88
C LYS B 140 1.42 -61.11 -74.16
N VAL B 141 0.21 -60.82 -74.63
CA VAL B 141 -0.23 -59.46 -74.90
C VAL B 141 -1.50 -59.19 -74.10
N THR B 142 -1.49 -58.10 -73.33
CA THR B 142 -2.63 -57.71 -72.51
C THR B 142 -3.42 -56.62 -73.20
N LEU B 143 -4.74 -56.67 -73.05
CA LEU B 143 -5.64 -55.72 -73.68
C LEU B 143 -6.63 -55.20 -72.65
N ALA B 144 -7.03 -53.94 -72.82
CA ALA B 144 -8.04 -53.33 -71.97
C ALA B 144 -9.41 -53.55 -72.61
N ASP B 145 -10.21 -54.41 -72.01
CA ASP B 145 -11.52 -54.74 -72.55
C ASP B 145 -12.60 -53.93 -71.86
N ALA B 146 -13.52 -53.39 -72.64
CA ALA B 146 -14.63 -52.62 -72.11
C ALA B 146 -15.84 -53.49 -71.81
N GLY B 147 -15.75 -54.79 -72.00
CA GLY B 147 -16.85 -55.67 -71.68
C GLY B 147 -17.21 -56.63 -72.80
N PHE B 148 -16.35 -56.75 -73.80
CA PHE B 148 -16.62 -57.62 -74.94
C PHE B 148 -15.46 -58.52 -75.33
N ILE B 149 -14.22 -58.18 -75.00
CA ILE B 149 -13.11 -59.00 -75.47
C ILE B 149 -13.10 -60.36 -74.79
N LYS B 150 -13.52 -60.42 -73.52
CA LYS B 150 -13.55 -61.70 -72.82
C LYS B 150 -14.49 -62.68 -73.49
N GLN B 151 -15.68 -62.22 -73.90
CA GLN B 151 -16.58 -63.08 -74.66
C GLN B 151 -15.99 -63.44 -76.01
N TYR B 152 -15.19 -62.54 -76.59
CA TYR B 152 -14.53 -62.85 -77.86
C TYR B 152 -13.53 -63.99 -77.68
N GLY B 153 -12.86 -64.04 -76.54
CA GLY B 153 -11.94 -65.14 -76.28
C GLY B 153 -12.64 -66.49 -76.26
N ASP B 154 -13.81 -66.55 -75.63
CA ASP B 154 -14.58 -67.79 -75.64
C ASP B 154 -15.05 -68.13 -77.04
N CYS B 155 -15.44 -67.11 -77.82
CA CYS B 155 -15.77 -67.32 -79.22
C CYS B 155 -14.63 -67.97 -79.97
N LEU B 156 -13.42 -67.45 -79.81
CA LEU B 156 -12.32 -67.83 -80.69
C LEU B 156 -11.69 -69.14 -80.28
N GLY B 157 -11.13 -69.20 -79.08
CA GLY B 157 -10.35 -70.35 -78.70
C GLY B 157 -8.93 -70.21 -79.22
N ASP B 158 -8.63 -70.89 -80.31
CA ASP B 158 -7.34 -70.76 -80.97
C ASP B 158 -7.54 -70.53 -82.47
N ILE B 159 -8.67 -71.01 -83.00
CA ILE B 159 -8.95 -70.95 -84.42
C ILE B 159 -9.07 -69.50 -84.85
N ALA B 160 -8.14 -69.04 -85.68
CA ALA B 160 -8.16 -67.67 -86.16
C ALA B 160 -9.21 -67.46 -87.25
N ALA B 161 -9.73 -68.53 -87.85
CA ALA B 161 -10.74 -68.38 -88.88
C ALA B 161 -12.11 -68.00 -88.34
N ARG B 162 -12.28 -68.05 -87.01
CA ARG B 162 -13.52 -67.63 -86.38
C ARG B 162 -13.46 -66.18 -85.89
N ASP B 163 -12.54 -65.38 -86.45
CA ASP B 163 -12.41 -64.00 -86.01
C ASP B 163 -13.69 -63.21 -86.28
N LEU B 164 -14.27 -63.40 -87.46
CA LEU B 164 -15.49 -62.70 -87.82
C LEU B 164 -16.76 -63.49 -87.53
N ILE B 165 -16.63 -64.77 -87.17
CA ILE B 165 -17.80 -65.61 -86.96
C ILE B 165 -18.63 -65.09 -85.81
N CYS B 166 -17.98 -64.78 -84.69
CA CYS B 166 -18.66 -64.20 -83.54
C CYS B 166 -17.90 -62.95 -83.12
N ALA B 167 -18.38 -61.81 -83.60
CA ALA B 167 -18.00 -60.51 -83.09
C ALA B 167 -19.07 -60.05 -82.10
N GLN B 168 -18.63 -59.62 -80.92
CA GLN B 168 -19.58 -59.29 -79.87
C GLN B 168 -20.39 -58.05 -80.24
N LYS B 169 -21.61 -58.00 -79.73
CA LYS B 169 -22.52 -56.86 -79.93
C LYS B 169 -22.52 -56.05 -78.65
N PHE B 170 -21.81 -54.93 -78.66
CA PHE B 170 -21.67 -54.06 -77.50
C PHE B 170 -22.61 -52.87 -77.65
N ASN B 171 -23.58 -52.76 -76.73
CA ASN B 171 -24.59 -51.71 -76.71
C ASN B 171 -25.10 -51.31 -78.09
N GLY B 172 -25.36 -52.30 -78.94
CA GLY B 172 -25.83 -52.05 -80.28
C GLY B 172 -24.75 -51.93 -81.33
N LEU B 173 -23.49 -51.95 -80.94
CA LEU B 173 -22.36 -51.91 -81.87
C LEU B 173 -21.74 -53.29 -81.95
N THR B 174 -21.53 -53.77 -83.17
CA THR B 174 -20.76 -54.98 -83.38
C THR B 174 -19.28 -54.63 -83.29
N VAL B 175 -18.57 -55.23 -82.33
CA VAL B 175 -17.21 -54.84 -82.02
C VAL B 175 -16.29 -56.05 -82.11
N LEU B 176 -15.01 -55.76 -82.29
CA LEU B 176 -13.94 -56.75 -82.31
C LEU B 176 -12.72 -56.17 -81.62
N PRO B 177 -11.88 -57.01 -81.04
CA PRO B 177 -10.67 -56.49 -80.42
C PRO B 177 -9.72 -55.93 -81.45
N PRO B 178 -8.92 -54.92 -81.10
CA PRO B 178 -7.95 -54.38 -82.07
C PRO B 178 -6.86 -55.37 -82.44
N LEU B 179 -6.67 -56.45 -81.69
CA LEU B 179 -5.58 -57.37 -81.95
C LEU B 179 -5.74 -58.07 -83.29
N LEU B 180 -4.63 -58.24 -83.99
CA LEU B 180 -4.62 -58.91 -85.29
C LEU B 180 -3.33 -59.71 -85.40
N THR B 181 -3.40 -61.00 -85.09
CA THR B 181 -2.23 -61.85 -85.19
C THR B 181 -1.89 -62.12 -86.66
N ASP B 182 -0.66 -62.62 -86.88
CA ASP B 182 -0.20 -62.84 -88.25
C ASP B 182 -1.05 -63.87 -88.97
N GLU B 183 -1.65 -64.81 -88.24
CA GLU B 183 -2.53 -65.78 -88.87
C GLU B 183 -3.74 -65.11 -89.49
N MET B 184 -4.34 -64.14 -88.77
CA MET B 184 -5.50 -63.45 -89.30
C MET B 184 -5.12 -62.47 -90.40
N ILE B 185 -3.95 -61.83 -90.28
CA ILE B 185 -3.54 -60.86 -91.29
C ILE B 185 -3.39 -61.54 -92.65
N ALA B 186 -2.76 -62.71 -92.66
CA ALA B 186 -2.63 -63.45 -93.91
C ALA B 186 -3.98 -63.90 -94.43
N GLN B 187 -4.89 -64.27 -93.53
CA GLN B 187 -6.20 -64.73 -93.95
C GLN B 187 -7.01 -63.61 -94.60
N TYR B 188 -7.00 -62.42 -93.99
CA TYR B 188 -7.78 -61.32 -94.53
C TYR B 188 -7.16 -60.78 -95.82
N THR B 189 -5.83 -60.69 -95.87
CA THR B 189 -5.18 -60.25 -97.10
C THR B 189 -5.45 -61.22 -98.23
N SER B 190 -5.39 -62.52 -97.94
CA SER B 190 -5.70 -63.51 -98.96
C SER B 190 -7.13 -63.38 -99.45
N ALA B 191 -8.05 -63.07 -98.54
CA ALA B 191 -9.43 -62.83 -98.94
C ALA B 191 -9.53 -61.62 -99.87
N LEU B 192 -8.82 -60.54 -99.55
CA LEU B 192 -8.86 -59.35 -100.37
C LEU B 192 -8.28 -59.60 -101.75
N LEU B 193 -7.13 -60.28 -101.81
CA LEU B 193 -6.51 -60.58 -103.09
C LEU B 193 -7.37 -61.52 -103.91
N ALA B 194 -7.96 -62.54 -103.26
CA ALA B 194 -8.76 -63.52 -103.99
C ALA B 194 -9.97 -62.86 -104.63
N GLY B 195 -10.60 -61.92 -103.94
CA GLY B 195 -11.72 -61.22 -104.51
C GLY B 195 -11.35 -60.43 -105.74
N THR B 196 -10.23 -59.70 -105.67
CA THR B 196 -9.79 -58.90 -106.81
C THR B 196 -9.44 -59.79 -108.00
N ILE B 197 -8.76 -60.91 -107.75
CA ILE B 197 -8.33 -61.78 -108.84
C ILE B 197 -9.52 -62.44 -109.49
N THR B 198 -10.44 -62.99 -108.69
CA THR B 198 -11.54 -63.79 -109.21
C THR B 198 -12.69 -62.95 -109.75
N SER B 199 -12.68 -61.63 -109.53
CA SER B 199 -13.75 -60.80 -110.05
C SER B 199 -13.77 -60.81 -111.57
N GLY B 200 -12.60 -60.69 -112.20
CA GLY B 200 -12.55 -60.70 -113.65
C GLY B 200 -12.93 -62.05 -114.23
N TRP B 201 -12.48 -63.14 -113.61
CA TRP B 201 -12.78 -64.47 -114.12
C TRP B 201 -14.27 -64.78 -114.05
N THR B 202 -14.92 -64.39 -112.95
CA THR B 202 -16.31 -64.74 -112.69
C THR B 202 -17.26 -63.56 -112.91
N PHE B 203 -16.84 -62.57 -113.70
CA PHE B 203 -17.67 -61.41 -114.02
C PHE B 203 -18.10 -60.67 -112.76
N GLY B 204 -17.21 -60.63 -111.76
CA GLY B 204 -17.46 -59.91 -110.53
C GLY B 204 -18.21 -60.70 -109.47
N ALA B 205 -18.69 -61.90 -109.77
CA ALA B 205 -19.34 -62.71 -108.76
C ALA B 205 -18.38 -63.18 -107.68
N GLY B 206 -17.09 -63.28 -108.00
CA GLY B 206 -16.09 -63.69 -107.05
C GLY B 206 -15.44 -62.52 -106.35
N ALA B 207 -16.13 -61.40 -106.26
CA ALA B 207 -15.66 -60.26 -105.48
C ALA B 207 -16.17 -60.29 -104.06
N ALA B 208 -17.09 -61.20 -103.73
CA ALA B 208 -17.70 -61.23 -102.40
C ALA B 208 -16.72 -61.66 -101.31
N LEU B 209 -15.57 -62.25 -101.66
CA LEU B 209 -14.59 -62.56 -100.64
C LEU B 209 -13.86 -61.33 -100.11
N GLN B 210 -14.05 -60.16 -100.72
CA GLN B 210 -13.54 -58.94 -100.13
C GLN B 210 -14.40 -58.43 -98.98
N ILE B 211 -15.62 -58.96 -98.83
CA ILE B 211 -16.49 -58.50 -97.75
C ILE B 211 -15.90 -58.75 -96.37
N PRO B 212 -15.38 -59.93 -96.04
CA PRO B 212 -14.81 -60.10 -94.69
C PRO B 212 -13.68 -59.15 -94.38
N PHE B 213 -12.96 -58.68 -95.40
CA PHE B 213 -11.91 -57.68 -95.17
C PHE B 213 -12.52 -56.39 -94.66
N ALA B 214 -13.61 -55.94 -95.27
CA ALA B 214 -14.20 -54.67 -94.88
C ALA B 214 -14.94 -54.77 -93.55
N MET B 215 -15.68 -55.86 -93.34
CA MET B 215 -16.47 -55.99 -92.13
C MET B 215 -15.59 -56.06 -90.90
N GLN B 216 -14.47 -56.78 -90.97
CA GLN B 216 -13.59 -56.86 -89.81
C GLN B 216 -12.95 -55.51 -89.51
N MET B 217 -12.57 -54.76 -90.54
CA MET B 217 -11.93 -53.47 -90.32
C MET B 217 -12.88 -52.50 -89.66
N ALA B 218 -14.13 -52.47 -90.13
CA ALA B 218 -15.12 -51.58 -89.52
C ALA B 218 -15.41 -51.99 -88.09
N TYR B 219 -15.48 -53.30 -87.83
CA TYR B 219 -15.78 -53.76 -86.48
C TYR B 219 -14.68 -53.39 -85.51
N ARG B 220 -13.42 -53.51 -85.93
CA ARG B 220 -12.32 -53.15 -85.05
C ARG B 220 -12.29 -51.66 -84.76
N PHE B 221 -12.76 -50.84 -85.70
CA PHE B 221 -12.87 -49.41 -85.42
C PHE B 221 -13.92 -49.16 -84.34
N ASN B 222 -15.02 -49.89 -84.38
CA ASN B 222 -16.02 -49.80 -83.31
C ASN B 222 -15.42 -50.27 -81.98
N GLY B 223 -14.66 -51.36 -82.01
CA GLY B 223 -14.04 -51.85 -80.80
C GLY B 223 -13.00 -50.91 -80.23
N ILE B 224 -12.25 -50.22 -81.10
CA ILE B 224 -11.30 -49.23 -80.63
C ILE B 224 -12.02 -48.00 -80.09
N GLY B 225 -13.06 -47.56 -80.80
CA GLY B 225 -13.78 -46.37 -80.36
C GLY B 225 -14.51 -46.56 -79.06
N VAL B 226 -14.98 -47.77 -78.79
CA VAL B 226 -15.74 -48.02 -77.56
C VAL B 226 -14.85 -47.86 -76.33
N THR B 227 -13.65 -48.45 -76.37
CA THR B 227 -12.73 -48.31 -75.24
C THR B 227 -12.06 -46.95 -75.22
N GLN B 228 -11.82 -46.36 -76.38
CA GLN B 228 -11.28 -45.00 -76.42
C GLN B 228 -12.25 -44.02 -75.79
N ASN B 229 -13.56 -44.25 -75.95
CA ASN B 229 -14.54 -43.34 -75.38
C ASN B 229 -14.44 -43.29 -73.86
N VAL B 230 -14.25 -44.44 -73.22
CA VAL B 230 -14.14 -44.44 -71.77
C VAL B 230 -12.78 -43.91 -71.33
N LEU B 231 -11.75 -44.07 -72.16
CA LEU B 231 -10.47 -43.47 -71.82
C LEU B 231 -10.54 -41.95 -71.83
N TYR B 232 -11.24 -41.39 -72.81
CA TYR B 232 -11.43 -39.95 -72.86
C TYR B 232 -12.24 -39.45 -71.68
N GLU B 233 -13.30 -40.16 -71.32
CA GLU B 233 -14.11 -39.75 -70.18
C GLU B 233 -13.33 -39.85 -68.88
N ASN B 234 -12.50 -40.88 -68.74
CA ASN B 234 -11.65 -40.99 -67.56
C ASN B 234 -10.66 -39.84 -67.48
N GLN B 235 -10.05 -39.48 -68.60
CA GLN B 235 -9.09 -38.38 -68.60
C GLN B 235 -9.76 -37.05 -68.30
N LYS B 236 -10.96 -36.84 -68.84
CA LYS B 236 -11.69 -35.63 -68.52
C LYS B 236 -12.02 -35.56 -67.03
N LEU B 237 -12.39 -36.70 -66.45
CA LEU B 237 -12.65 -36.74 -65.01
C LEU B 237 -11.38 -36.48 -64.22
N ILE B 238 -10.26 -37.09 -64.62
CA ILE B 238 -9.02 -36.94 -63.87
C ILE B 238 -8.57 -35.48 -63.89
N ALA B 239 -8.67 -34.84 -65.05
CA ALA B 239 -8.30 -33.43 -65.14
C ALA B 239 -9.25 -32.55 -64.34
N ASN B 240 -10.55 -32.85 -64.38
CA ASN B 240 -11.51 -32.01 -63.68
C ASN B 240 -11.38 -32.15 -62.17
N GLN B 241 -11.17 -33.37 -61.69
CA GLN B 241 -11.02 -33.56 -60.25
C GLN B 241 -9.73 -32.94 -59.74
N PHE B 242 -8.65 -33.05 -60.52
CA PHE B 242 -7.38 -32.47 -60.10
C PHE B 242 -7.46 -30.95 -59.99
N ASN B 243 -8.13 -30.31 -60.96
CA ASN B 243 -8.28 -28.86 -60.91
C ASN B 243 -9.17 -28.42 -59.75
N SER B 244 -10.27 -29.15 -59.51
CA SER B 244 -11.14 -28.80 -58.41
C SER B 244 -10.45 -28.98 -57.07
N ALA B 245 -9.71 -30.07 -56.91
CA ALA B 245 -9.00 -30.30 -55.65
C ALA B 245 -7.96 -29.23 -55.40
N ILE B 246 -7.22 -28.83 -56.43
CA ILE B 246 -6.23 -27.77 -56.26
C ILE B 246 -6.91 -26.46 -55.90
N GLY B 247 -8.09 -26.21 -56.47
CA GLY B 247 -8.83 -25.01 -56.11
C GLY B 247 -9.23 -25.01 -54.64
N LYS B 248 -9.65 -26.15 -54.12
CA LYS B 248 -10.07 -26.23 -52.73
C LYS B 248 -8.87 -26.11 -51.79
N ILE B 249 -7.74 -26.68 -52.16
CA ILE B 249 -6.54 -26.59 -51.33
C ILE B 249 -6.02 -25.15 -51.29
N GLN B 250 -6.15 -24.43 -52.41
CA GLN B 250 -5.76 -23.02 -52.42
C GLN B 250 -6.62 -22.20 -51.47
N ASP B 251 -7.91 -22.49 -51.40
CA ASP B 251 -8.79 -21.81 -50.46
C ASP B 251 -8.35 -22.08 -49.02
N SER B 252 -8.00 -23.33 -48.71
CA SER B 252 -7.64 -23.68 -47.35
C SER B 252 -6.33 -23.03 -46.95
N LEU B 253 -5.35 -22.97 -47.86
CA LEU B 253 -4.07 -22.35 -47.53
C LEU B 253 -4.23 -20.86 -47.27
N SER B 254 -5.05 -20.18 -48.06
CA SER B 254 -5.31 -18.78 -47.83
C SER B 254 -6.04 -18.57 -46.50
N SER B 255 -6.97 -19.46 -46.17
CA SER B 255 -7.66 -19.37 -44.89
C SER B 255 -6.71 -19.60 -43.73
N THR B 256 -5.81 -20.57 -43.86
CA THR B 256 -4.82 -20.79 -42.80
C THR B 256 -3.90 -19.58 -42.66
N ALA B 257 -3.47 -18.99 -43.78
CA ALA B 257 -2.56 -17.86 -43.71
C ALA B 257 -3.21 -16.66 -43.05
N SER B 258 -4.49 -16.40 -43.35
CA SER B 258 -5.17 -15.27 -42.73
C SER B 258 -5.46 -15.53 -41.26
N ALA B 259 -5.81 -16.78 -40.92
CA ALA B 259 -6.05 -17.12 -39.52
C ALA B 259 -4.79 -16.95 -38.69
N LEU B 260 -3.64 -17.34 -39.24
CA LEU B 260 -2.39 -17.17 -38.50
C LEU B 260 -2.06 -15.70 -38.32
N GLY B 261 -2.32 -14.87 -39.31
CA GLY B 261 -2.08 -13.44 -39.17
C GLY B 261 -2.95 -12.81 -38.12
N LYS B 262 -4.21 -13.24 -38.02
CA LYS B 262 -5.10 -12.71 -37.00
C LYS B 262 -4.72 -13.20 -35.61
N LEU B 263 -4.14 -14.40 -35.53
CA LEU B 263 -3.66 -14.90 -34.25
C LEU B 263 -2.42 -14.15 -33.80
N GLN B 264 -1.50 -13.87 -34.73
CA GLN B 264 -0.27 -13.16 -34.37
C GLN B 264 -0.57 -11.74 -33.93
N ASP B 265 -1.49 -11.07 -34.62
CA ASP B 265 -1.80 -9.68 -34.28
C ASP B 265 -2.37 -9.57 -32.87
N VAL B 266 -3.27 -10.48 -32.50
CA VAL B 266 -3.87 -10.44 -31.17
C VAL B 266 -2.86 -10.83 -30.11
N VAL B 267 -2.06 -11.88 -30.36
CA VAL B 267 -1.09 -12.32 -29.37
C VAL B 267 -0.09 -11.20 -29.08
N ASN B 268 0.37 -10.52 -30.12
CA ASN B 268 1.29 -9.41 -29.92
C ASN B 268 0.59 -8.23 -29.27
N GLN B 269 -0.67 -7.98 -29.63
CA GLN B 269 -1.41 -6.88 -29.01
C GLN B 269 -1.61 -7.13 -27.51
N ASN B 270 -1.90 -8.37 -27.14
CA ASN B 270 -1.99 -8.72 -25.73
C ASN B 270 -0.63 -8.73 -25.06
N ALA B 271 0.43 -9.02 -25.82
CA ALA B 271 1.78 -8.98 -25.27
C ALA B 271 2.18 -7.56 -24.89
N GLN B 272 1.80 -6.58 -25.72
CA GLN B 272 2.05 -5.18 -25.37
C GLN B 272 1.19 -4.76 -24.19
N ALA B 273 -0.06 -5.24 -24.13
CA ALA B 273 -0.94 -4.89 -23.03
C ALA B 273 -0.40 -5.42 -21.71
N LEU B 274 0.16 -6.62 -21.72
CA LEU B 274 0.77 -7.15 -20.51
C LEU B 274 2.03 -6.37 -20.14
N ASN B 275 2.84 -6.02 -21.14
CA ASN B 275 4.05 -5.25 -20.86
C ASN B 275 3.71 -3.86 -20.35
N THR B 276 2.73 -3.20 -20.95
CA THR B 276 2.32 -1.89 -20.48
C THR B 276 1.79 -1.98 -19.05
N LEU B 277 0.99 -3.00 -18.76
CA LEU B 277 0.44 -3.15 -17.43
C LEU B 277 1.55 -3.36 -16.40
N VAL B 278 2.52 -4.22 -16.70
CA VAL B 278 3.58 -4.50 -15.76
C VAL B 278 4.39 -3.25 -15.47
N LYS B 279 4.70 -2.47 -16.50
CA LYS B 279 5.45 -1.23 -16.30
C LYS B 279 4.67 -0.25 -15.45
N GLN B 280 3.37 -0.11 -15.72
CA GLN B 280 2.56 0.81 -14.93
C GLN B 280 2.39 0.34 -13.49
N LEU B 281 2.24 -0.97 -13.30
CA LEU B 281 2.10 -1.49 -11.95
C LEU B 281 3.36 -1.22 -11.12
N SER B 282 4.53 -1.36 -11.74
CA SER B 282 5.77 -1.11 -11.02
C SER B 282 5.86 0.35 -10.60
N SER B 283 5.40 1.27 -11.45
CA SER B 283 5.36 2.68 -11.06
C SER B 283 4.39 2.92 -9.92
N ASN B 284 3.22 2.28 -9.97
CA ASN B 284 2.23 2.45 -8.90
C ASN B 284 2.76 1.92 -7.58
N PHE B 285 3.45 0.79 -7.61
CA PHE B 285 3.99 0.24 -6.37
C PHE B 285 5.15 1.07 -5.85
N GLY B 286 5.92 1.68 -6.75
CA GLY B 286 6.95 2.60 -6.30
C GLY B 286 6.38 3.82 -5.62
N ALA B 287 5.29 4.36 -6.18
CA ALA B 287 4.64 5.51 -5.56
C ALA B 287 4.01 5.16 -4.23
N ILE B 288 3.35 4.00 -4.16
CA ILE B 288 2.72 3.58 -2.91
C ILE B 288 3.79 3.32 -1.84
N SER B 289 4.88 2.66 -2.23
CA SER B 289 5.93 2.37 -1.26
C SER B 289 6.55 3.65 -0.71
N SER B 290 6.80 4.63 -1.57
CA SER B 290 7.39 5.88 -1.10
C SER B 290 6.44 6.64 -0.18
N VAL B 291 5.14 6.63 -0.50
CA VAL B 291 4.17 7.28 0.37
C VAL B 291 4.07 6.55 1.71
N LEU B 292 4.07 5.23 1.69
CA LEU B 292 3.98 4.47 2.93
C LEU B 292 5.19 4.71 3.83
N ASN B 293 6.38 4.81 3.24
CA ASN B 293 7.57 5.06 4.03
C ASN B 293 7.50 6.42 4.70
N ASP B 294 7.02 7.44 4.00
CA ASP B 294 6.88 8.76 4.60
C ASP B 294 5.86 8.74 5.73
N ILE B 295 4.74 8.03 5.53
CA ILE B 295 3.73 7.95 6.57
C ILE B 295 4.29 7.26 7.81
N LEU B 296 5.03 6.18 7.61
CA LEU B 296 5.60 5.47 8.75
C LEU B 296 6.61 6.32 9.49
N SER B 297 7.44 7.07 8.76
CA SER B 297 8.41 7.94 9.42
C SER B 297 7.72 9.07 10.16
N ARG B 298 6.66 9.64 9.58
CA ARG B 298 5.89 10.65 10.29
C ARG B 298 5.21 10.06 11.52
N LEU B 299 4.68 8.86 11.39
CA LEU B 299 4.01 8.22 12.51
C LEU B 299 4.98 7.93 13.65
N ASP B 300 6.20 7.49 13.31
CA ASP B 300 7.19 7.22 14.33
C ASP B 300 7.57 8.49 15.08
N LYS B 301 7.73 9.60 14.35
CA LYS B 301 8.08 10.87 14.99
C LYS B 301 6.98 11.31 15.95
N VAL B 302 5.72 11.24 15.49
CA VAL B 302 4.62 11.71 16.32
C VAL B 302 4.52 10.89 17.60
N GLU B 303 4.67 9.57 17.49
CA GLU B 303 4.59 8.73 18.68
C GLU B 303 5.73 8.99 19.64
N ALA B 304 6.89 9.44 19.14
CA ALA B 304 7.99 9.79 20.03
C ALA B 304 7.73 11.13 20.72
N GLU B 305 7.25 12.12 19.97
CA GLU B 305 7.02 13.44 20.54
C GLU B 305 5.92 13.42 21.60
N VAL B 306 4.93 12.54 21.43
CA VAL B 306 3.82 12.49 22.37
C VAL B 306 4.31 12.05 23.75
N GLN B 307 5.17 11.03 23.79
CA GLN B 307 5.71 10.59 25.07
C GLN B 307 6.61 11.65 25.69
N ILE B 308 7.41 12.33 24.88
CA ILE B 308 8.26 13.40 25.41
C ILE B 308 7.40 14.54 25.94
N ASP B 309 6.31 14.86 25.25
CA ASP B 309 5.43 15.93 25.69
C ASP B 309 4.80 15.60 27.03
N ARG B 310 4.54 14.32 27.28
CA ARG B 310 3.99 13.92 28.56
C ARG B 310 4.95 14.21 29.70
N LEU B 311 6.24 13.93 29.49
CA LEU B 311 7.21 14.19 30.54
C LEU B 311 7.45 15.67 30.73
N ILE B 312 7.44 16.45 29.65
CA ILE B 312 7.61 17.89 29.76
C ILE B 312 6.48 18.50 30.57
N THR B 313 5.25 18.06 30.31
CA THR B 313 4.11 18.55 31.08
C THR B 313 4.23 18.18 32.55
N GLY B 314 4.66 16.95 32.83
CA GLY B 314 4.81 16.54 34.22
C GLY B 314 5.90 17.30 34.94
N ARG B 315 7.00 17.59 34.25
CA ARG B 315 8.06 18.39 34.86
C ARG B 315 7.68 19.85 34.97
N LEU B 316 6.78 20.33 34.13
CA LEU B 316 6.30 21.70 34.27
C LEU B 316 5.56 21.90 35.58
N GLN B 317 4.90 20.85 36.08
CA GLN B 317 4.23 20.94 37.37
C GLN B 317 5.24 21.15 38.49
N SER B 318 6.37 20.43 38.43
CA SER B 318 7.40 20.60 39.45
C SER B 318 8.00 22.01 39.39
N LEU B 319 8.21 22.53 38.19
CA LEU B 319 8.69 23.90 38.07
C LEU B 319 7.68 24.89 38.64
N GLN B 320 6.39 24.61 38.45
CA GLN B 320 5.36 25.50 38.96
C GLN B 320 5.37 25.55 40.48
N THR B 321 5.53 24.41 41.14
CA THR B 321 5.58 24.41 42.60
C THR B 321 6.84 25.11 43.10
N TYR B 322 7.96 24.94 42.38
CA TYR B 322 9.19 25.62 42.75
C TYR B 322 8.98 27.13 42.73
N VAL B 323 8.30 27.63 41.71
CA VAL B 323 8.01 29.06 41.64
C VAL B 323 7.04 29.46 42.74
N THR B 324 6.00 28.66 42.95
CA THR B 324 4.99 29.00 43.94
C THR B 324 5.58 29.09 45.34
N GLN B 325 6.42 28.12 45.70
CA GLN B 325 7.03 28.14 47.03
C GLN B 325 7.99 29.30 47.18
N GLN B 326 8.62 29.73 46.08
CA GLN B 326 9.46 30.91 46.13
C GLN B 326 8.63 32.17 46.33
N LEU B 327 7.47 32.25 45.68
CA LEU B 327 6.60 33.40 45.85
C LEU B 327 6.00 33.44 47.25
N ILE B 328 5.62 32.29 47.79
CA ILE B 328 5.09 32.24 49.15
C ILE B 328 6.16 32.64 50.14
N ARG B 329 7.38 32.17 49.95
CA ARG B 329 8.47 32.53 50.85
C ARG B 329 8.75 34.03 50.81
N ALA B 330 8.64 34.64 49.64
CA ALA B 330 8.81 36.08 49.54
C ALA B 330 7.74 36.81 50.34
N ALA B 331 6.50 36.32 50.31
CA ALA B 331 5.45 36.93 51.09
C ALA B 331 5.74 36.84 52.58
N GLU B 332 6.29 35.71 53.03
CA GLU B 332 6.68 35.58 54.42
C GLU B 332 7.83 36.52 54.77
N ILE B 333 8.78 36.69 53.84
CA ILE B 333 9.87 37.64 54.08
C ILE B 333 9.34 39.06 54.18
N ARG B 334 8.36 39.41 53.34
CA ARG B 334 7.78 40.74 53.39
C ARG B 334 7.11 40.99 54.73
N ALA B 335 6.44 39.98 55.28
CA ALA B 335 5.87 40.11 56.62
C ALA B 335 6.96 40.26 57.66
N SER B 336 8.11 39.60 57.47
CA SER B 336 9.22 39.75 58.38
C SER B 336 9.85 41.13 58.27
N ALA B 337 9.84 41.71 57.08
CA ALA B 337 10.32 43.08 56.92
C ALA B 337 9.40 44.06 57.65
N ASN B 338 8.10 43.78 57.65
CA ASN B 338 7.17 44.62 58.41
C ASN B 338 7.42 44.50 59.91
N LEU B 339 7.71 43.29 60.38
CA LEU B 339 8.00 43.12 61.80
C LEU B 339 9.28 43.83 62.19
N ALA B 340 10.30 43.78 61.32
CA ALA B 340 11.55 44.49 61.61
C ALA B 340 11.32 45.99 61.64
N ALA B 341 10.36 46.48 60.86
CA ALA B 341 10.05 47.91 60.89
C ALA B 341 9.46 48.33 62.22
N THR B 342 8.52 47.53 62.74
CA THR B 342 7.94 47.84 64.05
C THR B 342 8.97 47.69 65.15
N LYS B 343 9.81 46.65 65.07
CA LYS B 343 10.84 46.46 66.08
C LYS B 343 11.83 47.61 66.07
N MET B 344 12.13 48.17 64.90
CA MET B 344 13.03 49.31 64.83
C MET B 344 12.40 50.53 65.50
N SER B 345 11.11 50.76 65.28
CA SER B 345 10.48 51.92 65.88
C SER B 345 10.16 51.70 67.35
N GLU B 346 9.77 50.49 67.73
CA GLU B 346 9.31 50.24 69.09
C GLU B 346 10.44 49.89 70.05
N CYS B 347 11.54 49.33 69.58
CA CYS B 347 12.66 48.98 70.45
C CYS B 347 13.82 49.95 70.35
N VAL B 348 14.24 50.33 69.14
CA VAL B 348 15.36 51.26 69.01
C VAL B 348 14.94 52.66 69.43
N LEU B 349 13.77 53.12 68.97
CA LEU B 349 13.34 54.49 69.21
C LEU B 349 12.44 54.64 70.42
N GLY B 350 12.21 53.58 71.18
CA GLY B 350 11.38 53.68 72.36
C GLY B 350 11.67 52.53 73.29
N GLN B 351 10.97 52.52 74.42
CA GLN B 351 11.08 51.44 75.39
C GLN B 351 9.75 50.69 75.41
N SER B 352 9.80 49.40 75.15
CA SER B 352 8.60 48.60 75.03
C SER B 352 8.19 48.04 76.39
N LYS B 353 6.90 48.13 76.67
CA LYS B 353 6.34 47.53 77.87
C LYS B 353 5.86 46.11 77.64
N ARG B 354 5.96 45.60 76.43
CA ARG B 354 5.54 44.24 76.13
C ARG B 354 6.64 43.26 76.49
N VAL B 355 6.29 42.22 77.24
CA VAL B 355 7.26 41.21 77.63
C VAL B 355 7.69 40.42 76.40
N ASP B 356 8.97 40.05 76.36
CA ASP B 356 9.57 39.20 75.35
C ASP B 356 9.59 39.84 73.96
N PHE B 357 8.97 41.00 73.79
CA PHE B 357 9.17 41.81 72.60
C PHE B 357 10.44 42.63 72.81
N CYS B 358 11.21 42.80 71.74
CA CYS B 358 12.55 43.36 71.85
C CYS B 358 13.39 42.55 72.82
N GLY B 359 13.55 41.28 72.51
CA GLY B 359 14.36 40.39 73.29
C GLY B 359 13.62 39.83 74.50
N LYS B 360 14.09 38.68 74.98
CA LYS B 360 13.48 38.03 76.11
C LYS B 360 13.65 38.87 77.37
N GLY B 361 12.57 39.02 78.13
CA GLY B 361 12.62 39.82 79.34
C GLY B 361 11.95 41.16 79.17
N TYR B 362 12.37 42.15 79.96
CA TYR B 362 11.78 43.47 79.95
C TYR B 362 12.77 44.46 79.34
N HIS B 363 12.30 45.23 78.38
CA HIS B 363 13.19 46.01 77.52
C HIS B 363 13.89 47.11 78.29
N LEU B 364 15.18 47.31 78.00
CA LEU B 364 15.91 48.49 78.45
C LEU B 364 16.35 49.36 77.29
N MET B 365 17.15 48.82 76.37
CA MET B 365 17.62 49.55 75.20
C MET B 365 17.89 48.55 74.10
N SER B 366 17.86 49.03 72.86
CA SER B 366 18.09 48.16 71.72
C SER B 366 18.93 48.91 70.69
N PHE B 367 19.76 48.17 69.97
CA PHE B 367 20.71 48.75 69.02
C PHE B 367 20.63 48.01 67.69
N PRO B 368 20.21 48.66 66.62
CA PRO B 368 20.14 47.99 65.33
C PRO B 368 21.52 47.78 64.74
N GLN B 369 21.60 46.80 63.85
CA GLN B 369 22.85 46.48 63.18
C GLN B 369 22.52 45.82 61.85
N SER B 370 23.15 46.30 60.78
CA SER B 370 22.80 45.82 59.45
C SER B 370 23.33 44.41 59.22
N ALA B 371 22.67 43.70 58.33
CA ALA B 371 22.98 42.33 57.95
C ALA B 371 22.97 42.23 56.43
N PRO B 372 23.58 41.19 55.86
CA PRO B 372 23.63 41.09 54.39
C PRO B 372 22.25 41.15 53.74
N HIS B 373 21.25 40.48 54.31
CA HIS B 373 19.91 40.53 53.76
C HIS B 373 18.86 40.61 54.87
N GLY B 374 19.21 41.23 55.98
CA GLY B 374 18.29 41.34 57.10
C GLY B 374 18.70 42.46 58.00
N VAL B 375 18.23 42.38 59.24
CA VAL B 375 18.56 43.36 60.27
C VAL B 375 18.81 42.60 61.57
N VAL B 376 19.80 43.06 62.33
CA VAL B 376 20.17 42.41 63.58
C VAL B 376 19.98 43.42 64.71
N PHE B 377 19.28 43.00 65.75
CA PHE B 377 19.06 43.81 66.94
C PHE B 377 19.86 43.22 68.10
N LEU B 378 20.41 44.09 68.93
CA LEU B 378 21.09 43.68 70.16
C LEU B 378 20.25 44.22 71.31
N HIS B 379 19.24 43.45 71.69
CA HIS B 379 18.34 43.89 72.75
C HIS B 379 19.01 43.77 74.10
N VAL B 380 18.98 44.83 74.88
CA VAL B 380 19.45 44.81 76.26
C VAL B 380 18.23 44.79 77.16
N THR B 381 18.04 43.69 77.87
CA THR B 381 16.87 43.48 78.70
C THR B 381 17.30 42.94 80.05
N TYR B 382 16.42 43.06 81.04
CA TYR B 382 16.64 42.42 82.32
C TYR B 382 15.63 41.30 82.51
N VAL B 383 16.14 40.10 82.78
CA VAL B 383 15.30 38.90 82.91
C VAL B 383 15.29 38.51 84.39
N PRO B 384 14.26 37.82 84.87
CA PRO B 384 14.24 37.40 86.27
C PRO B 384 15.39 36.47 86.58
N ALA B 385 15.98 36.66 87.77
CA ALA B 385 17.05 35.79 88.24
C ALA B 385 16.48 34.65 89.07
N GLN B 386 15.71 34.97 90.10
CA GLN B 386 15.00 33.98 90.89
C GLN B 386 13.60 34.48 91.19
N GLU B 387 12.67 33.54 91.33
CA GLU B 387 11.28 33.88 91.58
C GLU B 387 10.64 32.76 92.38
N LYS B 388 9.54 33.08 93.07
CA LYS B 388 8.81 32.10 93.85
C LYS B 388 7.33 32.21 93.55
N ASN B 389 6.64 31.08 93.65
CA ASN B 389 5.21 31.06 93.39
C ASN B 389 4.44 31.85 94.45
N PHE B 390 3.38 32.50 94.01
CA PHE B 390 2.49 33.24 94.88
C PHE B 390 1.06 32.90 94.54
N THR B 391 0.21 32.89 95.56
CA THR B 391 -1.21 32.62 95.35
C THR B 391 -1.90 33.90 94.90
N THR B 392 -2.26 33.96 93.62
CA THR B 392 -2.91 35.12 93.05
C THR B 392 -4.28 34.75 92.48
N ALA B 393 -5.19 35.71 92.53
CA ALA B 393 -6.51 35.58 91.96
C ALA B 393 -6.78 36.78 91.05
N PRO B 394 -7.37 36.56 89.89
CA PRO B 394 -7.69 37.70 89.01
C PRO B 394 -8.65 38.68 89.65
N ALA B 395 -9.59 38.21 90.45
CA ALA B 395 -10.51 39.07 91.17
C ALA B 395 -11.00 38.34 92.40
N ILE B 396 -11.46 39.11 93.40
CA ILE B 396 -11.99 38.55 94.62
C ILE B 396 -13.41 39.08 94.81
N CYS B 397 -14.33 38.19 95.15
CA CYS B 397 -15.74 38.55 95.30
C CYS B 397 -16.00 38.86 96.77
N HIS B 398 -16.16 40.14 97.08
CA HIS B 398 -16.46 40.59 98.43
C HIS B 398 -17.94 40.87 98.54
N ASP B 399 -18.67 40.00 99.24
CA ASP B 399 -20.12 40.10 99.45
C ASP B 399 -20.85 40.55 98.19
N GLY B 400 -20.61 39.83 97.10
CA GLY B 400 -21.33 40.07 95.87
C GLY B 400 -20.83 41.21 95.02
N LYS B 401 -19.73 41.85 95.41
CA LYS B 401 -19.14 42.93 94.63
C LYS B 401 -17.72 42.51 94.25
N ALA B 402 -17.50 42.22 92.97
CA ALA B 402 -16.18 41.78 92.52
C ALA B 402 -15.22 42.95 92.52
N HIS B 403 -14.04 42.75 93.11
CA HIS B 403 -12.98 43.73 93.13
C HIS B 403 -11.79 43.19 92.35
N PHE B 404 -11.25 43.99 91.44
CA PHE B 404 -10.09 43.60 90.67
C PHE B 404 -9.14 44.79 90.59
N PRO B 405 -7.84 44.54 90.49
CA PRO B 405 -6.88 45.63 90.46
C PRO B 405 -6.75 46.23 89.06
N ARG B 406 -6.50 47.53 89.03
CA ARG B 406 -6.14 48.21 87.80
C ARG B 406 -4.63 48.24 87.69
N GLU B 407 -4.10 47.61 86.64
CA GLU B 407 -2.65 47.52 86.42
C GLU B 407 -1.96 46.86 87.62
N GLY B 408 -2.24 45.57 87.75
CA GLY B 408 -1.61 44.78 88.80
C GLY B 408 -2.26 43.42 88.88
N VAL B 409 -1.84 42.66 89.90
CA VAL B 409 -2.44 41.37 90.22
C VAL B 409 -2.67 41.32 91.72
N PHE B 410 -3.61 40.46 92.12
CA PHE B 410 -3.95 40.29 93.53
C PHE B 410 -3.05 39.22 94.11
N VAL B 411 -2.03 39.62 94.84
CA VAL B 411 -1.10 38.69 95.45
C VAL B 411 -1.42 38.55 96.92
N SER B 412 -1.15 37.37 97.48
CA SER B 412 -1.42 37.07 98.87
C SER B 412 -0.15 36.63 99.58
N ASN B 413 0.06 37.16 100.78
CA ASN B 413 1.20 36.78 101.61
C ASN B 413 0.84 35.67 102.60
N GLY B 414 -0.22 34.92 102.32
CA GLY B 414 -0.63 33.81 103.17
C GLY B 414 -1.88 34.13 103.97
N THR B 415 -1.97 35.36 104.46
CA THR B 415 -3.09 35.78 105.30
C THR B 415 -3.91 36.89 104.64
N HIS B 416 -3.30 38.02 104.30
CA HIS B 416 -4.00 39.11 103.66
C HIS B 416 -3.77 39.08 102.15
N TRP B 417 -4.38 40.04 101.46
CA TRP B 417 -4.23 40.21 100.02
C TRP B 417 -3.50 41.50 99.74
N PHE B 418 -2.85 41.56 98.57
CA PHE B 418 -2.09 42.74 98.17
C PHE B 418 -2.16 42.89 96.67
N VAL B 419 -1.87 44.10 96.21
CA VAL B 419 -1.79 44.41 94.79
C VAL B 419 -0.34 44.66 94.43
N THR B 420 0.18 43.91 93.47
CA THR B 420 1.55 44.07 93.01
C THR B 420 1.57 44.06 91.49
N GLN B 421 2.60 44.69 90.93
CA GLN B 421 2.81 44.60 89.50
C GLN B 421 3.13 43.16 89.11
N ARG B 422 2.75 42.79 87.89
CA ARG B 422 2.91 41.40 87.47
C ARG B 422 4.37 41.00 87.37
N ASN B 423 5.25 41.93 87.04
CA ASN B 423 6.64 41.62 86.73
C ASN B 423 7.57 41.75 87.93
N PHE B 424 7.06 42.11 89.11
CA PHE B 424 7.92 42.30 90.27
C PHE B 424 7.09 42.12 91.52
N TYR B 425 7.66 41.48 92.54
CA TYR B 425 6.96 41.25 93.80
C TYR B 425 7.17 42.46 94.70
N GLU B 426 6.13 43.29 94.81
CA GLU B 426 6.16 44.46 95.69
C GLU B 426 4.75 44.70 96.21
N PRO B 427 4.37 44.00 97.27
CA PRO B 427 2.97 44.08 97.74
C PRO B 427 2.58 45.49 98.14
N GLN B 428 1.33 45.84 97.86
CA GLN B 428 0.78 47.14 98.21
C GLN B 428 -0.59 46.94 98.85
N ILE B 429 -0.99 47.91 99.67
CA ILE B 429 -2.29 47.85 100.32
C ILE B 429 -3.38 48.15 99.31
N ILE B 430 -4.45 47.38 99.36
CA ILE B 430 -5.59 47.58 98.46
C ILE B 430 -6.36 48.80 98.95
N THR B 431 -6.37 49.86 98.15
CA THR B 431 -7.10 51.08 98.48
C THR B 431 -8.22 51.31 97.49
N THR B 432 -9.02 52.34 97.76
CA THR B 432 -10.11 52.69 96.85
C THR B 432 -9.57 53.11 95.49
N ASP B 433 -8.52 53.92 95.46
CA ASP B 433 -7.89 54.32 94.20
C ASP B 433 -6.75 53.38 93.85
N ASN B 434 -7.01 52.08 93.96
CA ASN B 434 -6.08 51.05 93.55
C ASN B 434 -6.75 49.89 92.84
N THR B 435 -8.06 49.74 92.96
CA THR B 435 -8.81 48.64 92.38
C THR B 435 -10.14 49.17 91.89
N PHE B 436 -10.72 48.47 90.92
CA PHE B 436 -12.06 48.78 90.47
C PHE B 436 -13.06 47.89 91.18
N VAL B 437 -14.32 48.32 91.18
CA VAL B 437 -15.40 47.60 91.84
C VAL B 437 -16.49 47.35 90.83
N SER B 438 -16.97 46.11 90.76
CA SER B 438 -18.05 45.74 89.88
C SER B 438 -19.34 45.62 90.68
N GLY B 439 -20.46 45.95 90.04
CA GLY B 439 -21.75 45.88 90.73
C GLY B 439 -22.14 44.46 91.10
N ASN B 440 -21.91 43.52 90.20
CA ASN B 440 -22.29 42.13 90.40
C ASN B 440 -21.02 41.27 90.53
N CYS B 441 -21.24 39.97 90.67
CA CYS B 441 -20.14 39.01 90.82
C CYS B 441 -20.10 37.99 89.68
N ASP B 442 -20.99 38.10 88.72
CA ASP B 442 -21.00 37.21 87.57
C ASP B 442 -19.99 37.68 86.53
N VAL B 443 -19.79 36.85 85.50
CA VAL B 443 -18.79 37.09 84.48
C VAL B 443 -19.43 37.03 83.11
N VAL B 444 -18.77 37.65 82.14
CA VAL B 444 -19.22 37.71 80.76
C VAL B 444 -18.40 36.72 79.94
N ILE B 445 -19.08 35.88 79.18
CA ILE B 445 -18.44 34.82 78.40
C ILE B 445 -18.32 35.29 76.95
N GLY B 446 -17.13 35.13 76.39
CA GLY B 446 -16.91 35.40 74.98
C GLY B 446 -16.05 34.32 74.36
N ILE B 447 -16.26 34.08 73.08
CA ILE B 447 -15.52 33.09 72.32
C ILE B 447 -14.96 33.75 71.08
N VAL B 448 -13.69 33.47 70.79
CA VAL B 448 -13.02 34.03 69.61
C VAL B 448 -12.21 32.92 68.94
N ASN B 449 -12.72 32.38 67.84
CA ASN B 449 -11.98 31.37 67.06
C ASN B 449 -11.21 32.11 65.98
N ASN B 450 -9.89 32.22 66.17
CA ASN B 450 -9.02 32.88 65.19
C ASN B 450 -8.73 31.94 64.03
N THR B 451 -9.78 31.57 63.31
CA THR B 451 -9.66 30.64 62.20
C THR B 451 -8.93 31.29 61.03
N VAL B 452 -8.16 30.49 60.32
CA VAL B 452 -7.53 30.93 59.08
C VAL B 452 -8.48 30.63 57.93
N TYR B 453 -8.26 31.31 56.81
CA TYR B 453 -9.16 31.21 55.67
C TYR B 453 -9.13 29.80 55.10
N ASP B 454 -10.28 29.15 55.06
CA ASP B 454 -10.39 27.80 54.52
C ASP B 454 -10.57 27.87 53.02
N PRO B 455 -9.62 27.40 52.22
CA PRO B 455 -9.70 27.60 50.77
C PRO B 455 -10.79 26.76 50.14
N LEU B 456 -11.26 27.23 48.99
CA LEU B 456 -12.25 26.51 48.18
C LEU B 456 -11.49 25.64 47.19
N GLN B 457 -11.29 24.38 47.54
CA GLN B 457 -10.53 23.47 46.69
C GLN B 457 -11.34 23.04 45.48
N PRO B 458 -10.67 22.58 44.42
CA PRO B 458 -11.39 22.12 43.23
C PRO B 458 -12.30 20.94 43.53
N GLU B 459 -13.37 20.84 42.75
CA GLU B 459 -14.39 19.82 42.94
C GLU B 459 -14.55 18.96 41.70
N LEU B 460 -13.43 18.48 41.17
CA LEU B 460 -13.46 17.69 39.93
C LEU B 460 -14.37 16.49 40.07
N ASP B 461 -15.12 16.21 39.01
CA ASP B 461 -15.95 15.01 38.96
C ASP B 461 -15.12 13.86 38.41
N SER B 462 -15.79 12.76 38.08
CA SER B 462 -15.08 11.56 37.62
C SER B 462 -14.36 11.84 36.30
N PHE B 463 -13.23 11.16 36.11
CA PHE B 463 -12.48 11.31 34.87
C PHE B 463 -13.31 10.83 33.67
N LYS B 464 -14.03 9.72 33.84
CA LYS B 464 -14.85 9.20 32.76
C LYS B 464 -15.95 10.19 32.38
N GLU B 465 -16.58 10.81 33.37
CA GLU B 465 -17.64 11.78 33.08
C GLU B 465 -17.10 12.99 32.33
N GLU B 466 -15.94 13.51 32.76
CA GLU B 466 -15.34 14.63 32.05
C GLU B 466 -14.88 14.24 30.66
N LEU B 467 -14.33 13.02 30.52
CA LEU B 467 -13.86 12.57 29.22
C LEU B 467 -15.01 12.38 28.24
N ASP B 468 -16.13 11.83 28.71
CA ASP B 468 -17.24 11.51 27.82
C ASP B 468 -17.87 12.74 27.20
N LYS B 469 -17.60 13.92 27.72
CA LYS B 469 -18.23 15.13 27.18
C LYS B 469 -17.80 15.40 25.75
N TYR B 470 -16.51 15.21 25.43
CA TYR B 470 -15.99 15.55 24.12
C TYR B 470 -15.16 14.44 23.47
N PHE B 471 -15.05 13.26 24.08
CA PHE B 471 -14.21 12.22 23.53
C PHE B 471 -14.77 11.70 22.21
N LYS B 472 -13.87 11.39 21.29
CA LYS B 472 -14.23 10.83 19.98
C LYS B 472 -13.55 9.47 19.87
N ASN B 473 -14.22 8.44 20.38
CA ASN B 473 -13.69 7.07 20.32
C ASN B 473 -13.94 6.52 18.93
N HIS B 474 -12.85 6.26 18.20
CA HIS B 474 -12.93 5.85 16.81
C HIS B 474 -12.07 4.61 16.58
N THR B 475 -12.56 3.70 15.74
CA THR B 475 -11.84 2.48 15.38
C THR B 475 -11.87 2.33 13.87
N SER B 476 -10.71 2.32 13.25
CA SER B 476 -10.63 2.23 11.79
C SER B 476 -10.81 0.77 11.36
N PRO B 477 -11.76 0.48 10.47
CA PRO B 477 -11.94 -0.90 10.02
C PRO B 477 -10.79 -1.36 9.15
N ASP B 478 -10.63 -2.68 9.06
CA ASP B 478 -9.54 -3.25 8.30
C ASP B 478 -9.67 -2.94 6.82
N VAL B 479 -8.54 -2.74 6.17
CA VAL B 479 -8.52 -2.48 4.73
C VAL B 479 -8.86 -3.78 4.01
N ASP B 480 -9.94 -3.76 3.24
CA ASP B 480 -10.41 -4.93 2.50
C ASP B 480 -10.09 -4.72 1.02
N LEU B 481 -9.23 -5.59 0.49
CA LEU B 481 -8.84 -5.53 -0.91
C LEU B 481 -9.36 -6.78 -1.63
N GLY B 482 -9.76 -6.60 -2.89
CA GLY B 482 -10.27 -7.72 -3.65
C GLY B 482 -9.21 -8.78 -3.87
N ASP B 483 -9.66 -10.03 -4.00
CA ASP B 483 -8.77 -11.16 -4.18
C ASP B 483 -8.63 -11.47 -5.67
N ILE B 484 -7.41 -11.41 -6.17
CA ILE B 484 -7.13 -11.67 -7.59
C ILE B 484 -6.46 -13.02 -7.77
N SER B 485 -6.45 -13.87 -6.75
CA SER B 485 -5.84 -15.18 -6.89
C SER B 485 -6.62 -16.11 -7.80
N GLY B 486 -7.87 -15.76 -8.14
CA GLY B 486 -8.69 -16.59 -8.99
C GLY B 486 -8.44 -16.46 -10.47
N ILE B 487 -7.54 -15.57 -10.89
CA ILE B 487 -7.27 -15.37 -12.31
C ILE B 487 -6.35 -16.49 -12.79
N ASN B 488 -6.82 -17.24 -13.80
CA ASN B 488 -6.15 -18.46 -14.22
C ASN B 488 -5.12 -18.22 -15.31
N ALA B 489 -5.54 -17.73 -16.46
CA ALA B 489 -4.71 -17.62 -17.65
C ALA B 489 -4.16 -18.99 -18.05
N SER B 490 -5.07 -19.83 -18.53
CA SER B 490 -4.77 -21.21 -18.87
C SER B 490 -3.83 -21.28 -20.07
N VAL B 491 -3.24 -22.47 -20.24
CA VAL B 491 -2.27 -22.71 -21.30
C VAL B 491 -2.89 -23.60 -22.36
N VAL B 492 -2.21 -23.72 -23.49
CA VAL B 492 -2.69 -24.52 -24.62
C VAL B 492 -1.70 -25.61 -24.93
N ASN B 493 -2.22 -26.75 -25.39
CA ASN B 493 -1.40 -27.89 -25.79
C ASN B 493 -1.93 -28.41 -27.12
N ILE B 494 -1.19 -28.14 -28.18
CA ILE B 494 -1.58 -28.56 -29.52
C ILE B 494 -0.47 -29.37 -30.14
N GLN B 495 0.34 -30.01 -29.30
CA GLN B 495 1.50 -30.74 -29.83
C GLN B 495 1.09 -31.93 -30.69
N LYS B 496 -0.06 -32.53 -30.39
CA LYS B 496 -0.52 -33.65 -31.20
C LYS B 496 -0.79 -33.22 -32.63
N GLU B 497 -1.43 -32.06 -32.80
CA GLU B 497 -1.71 -31.56 -34.14
C GLU B 497 -0.43 -31.24 -34.90
N ILE B 498 0.54 -30.61 -34.23
CA ILE B 498 1.78 -30.24 -34.90
C ILE B 498 2.53 -31.48 -35.34
N ASP B 499 2.55 -32.52 -34.49
CA ASP B 499 3.17 -33.77 -34.90
C ASP B 499 2.45 -34.37 -36.10
N ARG B 500 1.12 -34.29 -36.11
CA ARG B 500 0.35 -34.82 -37.23
C ARG B 500 0.68 -34.09 -38.52
N LEU B 501 0.79 -32.77 -38.46
CA LEU B 501 1.11 -31.99 -39.66
C LEU B 501 2.49 -32.35 -40.18
N ASN B 502 3.47 -32.48 -39.28
CA ASN B 502 4.82 -32.82 -39.70
C ASN B 502 4.89 -34.25 -40.22
N GLU B 503 4.06 -35.14 -39.66
CA GLU B 503 4.02 -36.51 -40.15
C GLU B 503 3.40 -36.59 -41.54
N VAL B 504 2.31 -35.86 -41.76
CA VAL B 504 1.66 -35.88 -43.07
C VAL B 504 2.57 -35.24 -44.12
N ALA B 505 3.31 -34.19 -43.74
CA ALA B 505 4.24 -33.58 -44.69
C ALA B 505 5.31 -34.56 -45.12
N LYS B 506 5.84 -35.34 -44.19
CA LYS B 506 6.82 -36.37 -44.54
C LYS B 506 6.18 -37.50 -45.35
N ASN B 507 4.96 -37.88 -45.00
CA ASN B 507 4.30 -39.00 -45.66
C ASN B 507 3.74 -38.64 -47.03
N LEU B 508 3.60 -37.35 -47.35
CA LEU B 508 3.05 -36.98 -48.64
C LEU B 508 4.00 -37.28 -49.79
N ASN B 509 5.24 -37.66 -49.50
CA ASN B 509 6.16 -38.03 -50.56
C ASN B 509 5.72 -39.32 -51.23
N GLU B 510 5.13 -40.24 -50.47
CA GLU B 510 4.75 -41.54 -51.02
C GLU B 510 3.64 -41.43 -52.06
N SER B 511 2.88 -40.35 -52.05
CA SER B 511 1.83 -40.16 -53.04
C SER B 511 2.35 -39.53 -54.33
N LEU B 512 3.64 -39.23 -54.41
CA LEU B 512 4.20 -38.74 -55.66
C LEU B 512 4.09 -39.81 -56.73
N ILE B 513 3.86 -39.37 -57.97
CA ILE B 513 3.73 -40.26 -59.10
C ILE B 513 5.09 -40.45 -59.73
N ASP B 514 5.51 -41.69 -59.91
CA ASP B 514 6.80 -42.00 -60.50
C ASP B 514 6.68 -41.89 -62.02
N LEU B 515 7.25 -40.82 -62.58
CA LEU B 515 7.13 -40.58 -64.02
C LEU B 515 7.81 -41.65 -64.85
N GLN B 516 8.77 -42.37 -64.28
CA GLN B 516 9.39 -43.47 -65.01
C GLN B 516 8.48 -44.69 -65.10
N GLU B 517 7.49 -44.79 -64.22
CA GLU B 517 6.60 -45.95 -64.18
C GLU B 517 5.33 -45.75 -65.00
N LEU B 518 5.16 -44.60 -65.63
CA LEU B 518 3.91 -44.35 -66.35
C LEU B 518 3.96 -44.92 -67.77
N GLY B 519 4.85 -44.40 -68.61
CA GLY B 519 4.91 -44.87 -69.99
C GLY B 519 5.69 -46.16 -70.13
N LYS B 520 5.12 -47.26 -69.69
CA LYS B 520 5.85 -48.51 -69.53
C LYS B 520 5.41 -49.49 -70.61
N TYR B 521 6.22 -49.58 -71.68
CA TYR B 521 5.94 -50.50 -72.77
C TYR B 521 6.72 -51.80 -72.55
N GLU B 522 6.18 -52.59 -71.63
CA GLU B 522 6.79 -53.84 -71.22
C GLU B 522 6.89 -54.80 -72.40
N GLN B 523 8.00 -55.53 -72.49
CA GLN B 523 8.15 -56.50 -73.56
C GLN B 523 9.18 -57.54 -73.18
N TYR B 524 8.80 -58.81 -73.31
CA TYR B 524 9.71 -59.94 -73.15
C TYR B 524 10.02 -60.50 -74.52
N ILE B 525 11.30 -60.71 -74.80
CA ILE B 525 11.73 -61.28 -76.08
C ILE B 525 11.76 -62.79 -75.89
N LYS B 526 10.63 -63.43 -76.18
CA LYS B 526 10.49 -64.87 -75.98
C LYS B 526 11.36 -65.65 -76.97
N TRP B 527 11.68 -66.86 -76.59
CA TRP B 527 12.55 -67.70 -77.41
C TRP B 527 11.82 -68.18 -78.66
N PRO B 528 12.43 -68.09 -79.83
CA PRO B 528 11.81 -68.65 -81.04
C PRO B 528 11.82 -70.17 -80.99
N TRP B 529 10.99 -70.77 -81.85
CA TRP B 529 10.80 -72.21 -81.79
C TRP B 529 12.05 -72.98 -82.20
N TYR B 530 12.84 -72.44 -83.13
CA TYR B 530 13.97 -73.21 -83.65
C TYR B 530 15.09 -73.34 -82.64
N ILE B 531 15.17 -72.42 -81.67
CA ILE B 531 16.12 -72.64 -80.58
C ILE B 531 15.55 -73.56 -79.53
N TRP B 532 14.22 -73.67 -79.45
CA TRP B 532 13.63 -74.64 -78.52
C TRP B 532 14.00 -76.05 -78.91
N LEU B 533 13.99 -76.35 -80.20
CA LEU B 533 14.47 -77.64 -80.67
C LEU B 533 15.95 -77.82 -80.34
N GLY B 534 16.76 -76.78 -80.56
CA GLY B 534 18.17 -76.87 -80.26
C GLY B 534 18.42 -77.04 -78.77
N PHE B 535 17.66 -76.33 -77.95
CA PHE B 535 17.77 -76.51 -76.51
C PHE B 535 17.39 -77.93 -76.10
N ILE B 536 16.31 -78.46 -76.69
CA ILE B 536 15.90 -79.83 -76.40
C ILE B 536 16.96 -80.81 -76.90
N ALA B 537 17.43 -80.61 -78.13
CA ALA B 537 18.45 -81.50 -78.68
C ALA B 537 19.74 -81.44 -77.88
N GLY B 538 20.15 -80.23 -77.49
CA GLY B 538 21.34 -80.10 -76.67
C GLY B 538 21.17 -80.73 -75.30
N LEU B 539 20.00 -80.58 -74.70
CA LEU B 539 19.75 -81.18 -73.39
C LEU B 539 19.85 -82.70 -73.46
N ILE B 540 19.37 -83.29 -74.55
CA ILE B 540 19.48 -84.74 -74.73
C ILE B 540 20.94 -85.14 -74.93
N ALA B 541 21.70 -84.32 -75.66
CA ALA B 541 23.08 -84.68 -75.96
C ALA B 541 23.95 -84.65 -74.70
N ILE B 542 23.68 -83.72 -73.78
CA ILE B 542 24.54 -83.55 -72.62
C ILE B 542 24.28 -84.56 -71.52
N VAL B 543 23.36 -85.51 -71.72
CA VAL B 543 23.12 -86.55 -70.75
C VAL B 543 23.46 -87.93 -71.28
N MET B 544 23.49 -88.13 -72.60
CA MET B 544 23.91 -89.41 -73.15
C MET B 544 25.40 -89.65 -72.98
N VAL B 545 26.19 -88.57 -72.88
CA VAL B 545 27.61 -88.72 -72.60
C VAL B 545 27.82 -89.32 -71.22
N THR B 546 26.97 -88.95 -70.26
CA THR B 546 27.08 -89.47 -68.90
C THR B 546 26.90 -90.98 -68.84
N ILE B 547 26.31 -91.58 -69.88
CA ILE B 547 26.19 -93.03 -69.93
C ILE B 547 27.56 -93.68 -69.96
N MET B 548 28.44 -93.17 -70.83
CA MET B 548 29.81 -93.67 -70.88
C MET B 548 30.64 -93.12 -69.72
N LEU B 549 30.30 -91.93 -69.23
CA LEU B 549 31.08 -91.32 -68.16
C LEU B 549 30.99 -92.13 -66.88
N CYS B 550 29.80 -92.63 -66.54
CA CYS B 550 29.64 -93.39 -65.31
C CYS B 550 30.46 -94.68 -65.35
N CYS B 551 30.47 -95.36 -66.49
CA CYS B 551 31.23 -96.59 -66.63
C CYS B 551 32.48 -96.37 -67.49
N GLU C 17 31.71 42.80 80.58
CA GLU C 17 31.81 44.22 80.89
C GLU C 17 32.05 45.04 79.63
N ASN C 18 32.57 44.39 78.61
CA ASN C 18 32.78 45.03 77.31
C ASN C 18 31.55 44.96 76.43
N SER C 19 30.48 44.32 76.89
CA SER C 19 29.28 44.13 76.10
C SER C 19 28.56 45.46 75.91
N VAL C 20 27.45 45.42 75.18
CA VAL C 20 26.66 46.62 74.93
C VAL C 20 25.80 47.01 76.12
N ALA C 21 25.68 46.14 77.12
CA ALA C 21 24.86 46.46 78.28
C ALA C 21 25.49 47.52 79.18
N TYR C 22 26.76 47.84 78.98
CA TYR C 22 27.45 48.90 79.69
C TYR C 22 28.27 49.73 78.70
N SER C 23 27.63 50.14 77.61
CA SER C 23 28.35 50.71 76.49
C SER C 23 28.64 52.20 76.66
N ASN C 24 27.82 52.92 77.42
CA ASN C 24 27.98 54.37 77.63
C ASN C 24 27.87 55.13 76.30
N ASN C 25 26.85 54.79 75.52
CA ASN C 25 26.67 55.36 74.20
C ASN C 25 25.80 56.62 74.30
N SER C 26 25.46 57.21 73.15
CA SER C 26 24.72 58.46 73.11
C SER C 26 23.49 58.30 72.25
N ILE C 27 22.34 58.73 72.78
CA ILE C 27 21.07 58.68 72.06
C ILE C 27 20.41 60.04 72.16
N ALA C 28 19.45 60.27 71.27
CA ALA C 28 18.74 61.54 71.19
C ALA C 28 17.41 61.43 71.91
N ILE C 29 17.16 62.30 72.86
CA ILE C 29 15.95 62.30 73.67
C ILE C 29 15.16 63.55 73.35
N PRO C 30 13.87 63.45 73.04
CA PRO C 30 13.09 64.65 72.74
C PRO C 30 13.01 65.59 73.93
N THR C 31 12.96 66.89 73.63
CA THR C 31 12.79 67.91 74.65
C THR C 31 11.64 68.86 74.34
N ASN C 32 10.97 68.70 73.21
CA ASN C 32 9.93 69.62 72.79
C ASN C 32 9.11 68.95 71.71
N PHE C 33 7.78 69.01 71.82
CA PHE C 33 6.90 68.25 70.98
C PHE C 33 6.01 69.15 70.13
N THR C 34 5.53 68.59 69.02
CA THR C 34 4.65 69.28 68.09
C THR C 34 3.54 68.34 67.66
N ILE C 35 2.31 68.85 67.63
CA ILE C 35 1.16 68.04 67.24
C ILE C 35 1.30 67.63 65.78
N SER C 36 1.01 66.37 65.49
CA SER C 36 1.03 65.86 64.12
C SER C 36 -0.22 65.04 63.87
N VAL C 37 -0.66 65.02 62.61
CA VAL C 37 -1.80 64.23 62.18
C VAL C 37 -1.35 63.33 61.04
N THR C 38 -1.56 62.03 61.19
CA THR C 38 -1.13 61.04 60.23
C THR C 38 -2.33 60.33 59.62
N THR C 39 -2.39 60.30 58.30
CA THR C 39 -3.46 59.63 57.57
C THR C 39 -2.93 58.26 57.13
N GLU C 40 -3.42 57.21 57.78
CA GLU C 40 -2.97 55.85 57.51
C GLU C 40 -4.06 55.10 56.76
N ILE C 41 -3.68 54.45 55.66
CA ILE C 41 -4.62 53.75 54.79
C ILE C 41 -4.24 52.28 54.77
N LEU C 42 -5.21 51.41 55.01
CA LEU C 42 -4.98 49.97 55.08
C LEU C 42 -5.99 49.26 54.21
N PRO C 43 -5.56 48.51 53.19
CA PRO C 43 -6.51 47.69 52.43
C PRO C 43 -6.98 46.52 53.27
N VAL C 44 -8.27 46.19 53.13
CA VAL C 44 -8.88 45.10 53.87
C VAL C 44 -9.64 44.14 52.99
N SER C 45 -9.76 44.40 51.69
CA SER C 45 -10.54 43.55 50.81
C SER C 45 -10.03 43.68 49.39
N MET C 46 -10.43 42.75 48.54
CA MET C 46 -10.15 42.79 47.13
C MET C 46 -11.45 42.82 46.34
N THR C 47 -11.41 43.43 45.16
CA THR C 47 -12.55 43.39 44.26
C THR C 47 -12.79 41.98 43.76
N LYS C 48 -14.05 41.64 43.57
CA LYS C 48 -14.40 40.34 43.00
C LYS C 48 -13.84 40.22 41.58
N THR C 49 -12.87 39.35 41.40
CA THR C 49 -12.20 39.20 40.11
C THR C 49 -12.31 37.75 39.63
N SER C 50 -12.53 37.59 38.33
CA SER C 50 -12.60 36.28 37.71
C SER C 50 -11.80 36.32 36.42
N VAL C 51 -11.36 35.15 35.98
CA VAL C 51 -10.52 35.02 34.79
C VAL C 51 -11.26 34.21 33.75
N ASP C 52 -11.32 34.74 32.53
CA ASP C 52 -11.88 34.02 31.39
C ASP C 52 -10.76 33.23 30.73
N CYS C 53 -10.68 31.93 31.04
CA CYS C 53 -9.55 31.13 30.63
C CYS C 53 -9.47 31.00 29.12
N THR C 54 -10.61 30.85 28.44
CA THR C 54 -10.59 30.76 26.99
C THR C 54 -10.07 32.05 26.38
N MET C 55 -10.50 33.19 26.88
CA MET C 55 -9.98 34.46 26.40
C MET C 55 -8.54 34.68 26.83
N TYR C 56 -8.18 34.21 28.03
CA TYR C 56 -6.83 34.40 28.52
C TYR C 56 -5.81 33.62 27.68
N ILE C 57 -6.12 32.38 27.34
CA ILE C 57 -5.17 31.53 26.64
C ILE C 57 -5.26 31.70 25.13
N CYS C 58 -6.47 31.57 24.57
CA CYS C 58 -6.63 31.63 23.13
C CYS C 58 -6.93 33.03 22.63
N GLY C 59 -7.91 33.70 23.22
CA GLY C 59 -8.28 35.03 22.80
C GLY C 59 -9.26 35.06 21.64
N ASP C 60 -8.75 34.85 20.43
CA ASP C 60 -9.63 34.82 19.25
C ASP C 60 -9.31 33.69 18.30
N SER C 61 -8.36 32.82 18.63
CA SER C 61 -8.02 31.70 17.77
C SER C 61 -9.07 30.61 17.93
N THR C 62 -9.79 30.30 16.85
CA THR C 62 -10.83 29.29 16.91
C THR C 62 -10.23 27.89 17.11
N GLU C 63 -9.07 27.63 16.52
CA GLU C 63 -8.45 26.31 16.69
C GLU C 63 -8.03 26.10 18.14
N CYS C 64 -7.52 27.13 18.80
CA CYS C 64 -7.17 27.00 20.22
C CYS C 64 -8.42 26.75 21.07
N SER C 65 -9.48 27.52 20.82
CA SER C 65 -10.67 27.40 21.65
C SER C 65 -11.31 26.03 21.50
N ASN C 66 -11.29 25.46 20.29
CA ASN C 66 -11.82 24.13 20.10
C ASN C 66 -10.99 23.08 20.83
N LEU C 67 -9.67 23.23 20.82
CA LEU C 67 -8.82 22.30 21.54
C LEU C 67 -8.92 22.51 23.05
N LEU C 68 -9.02 23.77 23.48
CA LEU C 68 -9.12 24.05 24.91
C LEU C 68 -10.40 23.49 25.51
N LEU C 69 -11.42 23.24 24.69
CA LEU C 69 -12.65 22.67 25.21
C LEU C 69 -12.42 21.27 25.77
N GLN C 70 -11.42 20.56 25.26
CA GLN C 70 -11.13 19.20 25.68
C GLN C 70 -10.24 19.14 26.91
N TYR C 71 -9.79 20.28 27.42
CA TYR C 71 -8.93 20.29 28.58
C TYR C 71 -9.69 20.20 29.89
N GLY C 72 -11.01 20.09 29.84
CA GLY C 72 -11.80 19.91 31.04
C GLY C 72 -12.33 21.22 31.60
N SER C 73 -12.75 21.15 32.85
CA SER C 73 -13.35 22.27 33.56
C SER C 73 -12.38 22.92 34.53
N PHE C 74 -11.10 23.02 34.15
CA PHE C 74 -10.13 23.65 35.02
C PHE C 74 -10.48 25.11 35.29
N CYS C 75 -11.15 25.76 34.35
CA CYS C 75 -11.52 27.16 34.53
C CYS C 75 -12.49 27.32 35.69
N THR C 76 -13.44 26.40 35.83
CA THR C 76 -14.36 26.46 36.95
C THR C 76 -13.63 26.31 38.27
N GLN C 77 -12.70 25.36 38.34
CA GLN C 77 -11.93 25.16 39.57
C GLN C 77 -11.07 26.37 39.89
N LEU C 78 -10.43 26.95 38.87
CA LEU C 78 -9.62 28.14 39.11
C LEU C 78 -10.46 29.31 39.61
N ASN C 79 -11.62 29.53 38.99
CA ASN C 79 -12.48 30.61 39.43
C ASN C 79 -13.10 30.32 40.79
N ARG C 80 -13.23 29.05 41.16
CA ARG C 80 -13.69 28.72 42.50
C ARG C 80 -12.71 29.23 43.55
N ALA C 81 -11.42 29.06 43.30
CA ALA C 81 -10.42 29.57 44.24
C ALA C 81 -10.45 31.08 44.30
N LEU C 82 -10.59 31.74 43.16
CA LEU C 82 -10.58 33.20 43.14
C LEU C 82 -11.87 33.78 43.72
N THR C 83 -13.01 33.14 43.47
CA THR C 83 -14.27 33.62 44.02
C THR C 83 -14.32 33.48 45.54
N GLY C 84 -13.77 32.40 46.09
CA GLY C 84 -13.81 32.19 47.52
C GLY C 84 -13.09 33.26 48.31
N ILE C 85 -12.21 34.02 47.67
CA ILE C 85 -11.52 35.12 48.35
C ILE C 85 -12.52 36.18 48.79
N ALA C 86 -13.35 36.64 47.86
CA ALA C 86 -14.30 37.70 48.15
C ALA C 86 -15.57 37.14 48.77
N SER C 131 4.76 -65.12 -63.93
CA SER C 131 5.76 -64.44 -64.76
C SER C 131 7.16 -64.66 -64.21
N PHE C 132 7.29 -65.56 -63.23
CA PHE C 132 8.60 -65.82 -62.63
C PHE C 132 9.55 -66.40 -63.66
N ILE C 133 9.09 -67.36 -64.47
CA ILE C 133 9.97 -67.96 -65.46
C ILE C 133 10.31 -66.96 -66.56
N GLU C 134 9.34 -66.11 -66.93
CA GLU C 134 9.61 -65.10 -67.95
C GLU C 134 10.70 -64.14 -67.51
N ASP C 135 10.67 -63.74 -66.24
CA ASP C 135 11.72 -62.86 -65.72
C ASP C 135 13.08 -63.55 -65.72
N LEU C 136 13.10 -64.83 -65.36
CA LEU C 136 14.37 -65.52 -65.18
C LEU C 136 15.03 -65.91 -66.50
N LEU C 137 14.25 -66.12 -67.55
CA LEU C 137 14.77 -66.72 -68.77
C LEU C 137 14.95 -65.75 -69.93
N PHE C 138 14.06 -64.77 -70.10
CA PHE C 138 14.02 -63.98 -71.31
C PHE C 138 14.47 -62.55 -71.07
N ASN C 139 15.12 -61.98 -72.09
CA ASN C 139 15.54 -60.60 -72.04
C ASN C 139 14.34 -59.67 -72.03
N LYS C 140 14.42 -58.62 -71.23
CA LYS C 140 13.30 -57.75 -70.96
C LYS C 140 13.62 -56.36 -71.47
N VAL C 141 12.79 -55.83 -72.36
CA VAL C 141 12.96 -54.48 -72.90
C VAL C 141 11.71 -53.67 -72.58
N THR C 142 11.91 -52.48 -72.02
CA THR C 142 10.80 -51.58 -71.69
C THR C 142 11.17 -50.17 -72.09
N LEU C 143 10.72 -49.76 -73.27
CA LEU C 143 10.98 -48.44 -73.81
C LEU C 143 9.82 -47.49 -73.48
N ALA C 144 9.93 -46.27 -73.97
CA ALA C 144 8.95 -45.23 -73.71
C ALA C 144 8.24 -44.84 -75.00
N ASP C 145 7.14 -44.11 -74.85
CA ASP C 145 6.39 -43.65 -76.03
C ASP C 145 7.22 -42.70 -76.87
N ALA C 146 7.96 -41.78 -76.23
CA ALA C 146 8.78 -40.84 -76.97
C ALA C 146 9.86 -41.55 -77.77
N GLY C 147 10.48 -42.57 -77.17
CA GLY C 147 11.51 -43.31 -77.88
C GLY C 147 10.98 -44.02 -79.10
N PHE C 148 9.80 -44.63 -78.99
CA PHE C 148 9.19 -45.32 -80.12
C PHE C 148 8.91 -44.36 -81.26
N ILE C 149 8.38 -43.18 -80.94
CA ILE C 149 8.12 -42.17 -81.97
C ILE C 149 9.43 -41.71 -82.60
N LYS C 150 10.44 -41.46 -81.76
CA LYS C 150 11.74 -41.05 -82.29
C LYS C 150 12.35 -42.15 -83.15
N GLN C 151 12.22 -43.40 -82.71
CA GLN C 151 12.75 -44.52 -83.48
C GLN C 151 12.05 -44.63 -84.83
N TYR C 152 10.73 -44.48 -84.86
CA TYR C 152 9.98 -44.54 -86.11
C TYR C 152 10.38 -43.40 -87.04
N GLY C 153 10.57 -42.20 -86.49
CA GLY C 153 11.01 -41.08 -87.31
C GLY C 153 12.39 -41.31 -87.89
N ASP C 154 13.25 -42.01 -87.16
CA ASP C 154 14.57 -42.35 -87.67
C ASP C 154 14.47 -43.25 -88.90
N CYS C 155 13.57 -44.23 -88.86
CA CYS C 155 13.30 -45.05 -90.03
C CYS C 155 12.79 -44.21 -91.19
N LEU C 156 11.64 -43.57 -90.99
CA LEU C 156 11.00 -42.82 -92.07
C LEU C 156 11.87 -41.65 -92.53
N GLY C 157 12.46 -40.92 -91.59
CA GLY C 157 13.21 -39.73 -91.95
C GLY C 157 12.30 -38.68 -92.56
N ASP C 158 12.45 -38.46 -93.87
CA ASP C 158 11.56 -37.58 -94.60
C ASP C 158 10.82 -38.26 -95.74
N ILE C 159 11.26 -39.43 -96.17
CA ILE C 159 10.61 -40.15 -97.27
C ILE C 159 9.37 -40.84 -96.72
N ALA C 160 8.20 -40.35 -97.10
CA ALA C 160 6.95 -40.95 -96.65
C ALA C 160 6.60 -42.14 -97.53
N ALA C 161 7.54 -43.07 -97.67
CA ALA C 161 7.32 -44.27 -98.47
C ALA C 161 7.89 -45.52 -97.84
N ARG C 162 8.74 -45.42 -96.82
CA ARG C 162 9.35 -46.58 -96.18
C ARG C 162 8.61 -46.96 -94.89
N ASP C 163 7.28 -46.83 -94.92
CA ASP C 163 6.48 -47.07 -93.73
C ASP C 163 6.57 -48.53 -93.27
N LEU C 164 6.60 -49.46 -94.21
CA LEU C 164 6.44 -50.87 -93.88
C LEU C 164 7.74 -51.62 -93.65
N ILE C 165 8.86 -51.19 -94.26
CA ILE C 165 10.07 -51.99 -94.23
C ILE C 165 10.58 -52.19 -92.81
N CYS C 166 10.50 -51.15 -91.98
CA CYS C 166 10.91 -51.28 -90.59
C CYS C 166 9.78 -50.84 -89.66
N ALA C 167 8.60 -51.41 -89.87
CA ALA C 167 7.58 -51.38 -88.83
C ALA C 167 8.06 -52.16 -87.62
N GLN C 168 7.87 -51.59 -86.44
CA GLN C 168 8.43 -52.18 -85.23
C GLN C 168 7.72 -53.48 -84.87
N LYS C 169 8.43 -54.32 -84.14
CA LYS C 169 7.88 -55.54 -83.58
C LYS C 169 7.84 -55.42 -82.07
N PHE C 170 6.69 -55.73 -81.48
CA PHE C 170 6.47 -55.52 -80.05
C PHE C 170 5.63 -56.66 -79.52
N ASN C 171 6.17 -57.42 -78.57
CA ASN C 171 5.45 -58.49 -77.88
C ASN C 171 4.85 -59.49 -78.88
N GLY C 172 5.60 -59.80 -79.93
CA GLY C 172 5.14 -60.76 -80.92
C GLY C 172 4.24 -60.19 -81.99
N LEU C 173 3.87 -58.92 -81.89
CA LEU C 173 3.07 -58.26 -82.91
C LEU C 173 3.96 -57.38 -83.78
N THR C 174 3.38 -56.86 -84.84
CA THR C 174 4.00 -55.83 -85.66
C THR C 174 3.16 -54.56 -85.53
N VAL C 175 3.80 -53.45 -85.19
CA VAL C 175 3.08 -52.23 -84.88
C VAL C 175 3.58 -51.09 -85.74
N LEU C 176 2.70 -50.12 -85.96
CA LEU C 176 2.98 -48.88 -86.64
C LEU C 176 2.22 -47.77 -85.93
N PRO C 177 2.72 -46.54 -85.97
CA PRO C 177 1.99 -45.43 -85.36
C PRO C 177 0.66 -45.22 -86.06
N PRO C 178 -0.39 -44.86 -85.33
CA PRO C 178 -1.69 -44.61 -85.96
C PRO C 178 -1.81 -43.19 -86.50
N LEU C 179 -0.93 -42.85 -87.45
CA LEU C 179 -0.96 -41.53 -88.07
C LEU C 179 -0.55 -41.66 -89.53
N LEU C 180 -1.34 -41.06 -90.41
CA LEU C 180 -1.10 -41.09 -91.84
C LEU C 180 -1.22 -39.67 -92.39
N THR C 181 -0.12 -39.12 -92.86
CA THR C 181 -0.21 -37.82 -93.52
C THR C 181 -0.80 -38.00 -94.91
N ASP C 182 -1.08 -36.88 -95.57
CA ASP C 182 -1.71 -36.95 -96.89
C ASP C 182 -0.82 -37.69 -97.88
N GLU C 183 0.49 -37.70 -97.67
CA GLU C 183 1.37 -38.44 -98.57
C GLU C 183 1.20 -39.94 -98.40
N MET C 184 1.11 -40.42 -97.14
CA MET C 184 0.93 -41.85 -96.92
C MET C 184 -0.45 -42.31 -97.38
N ILE C 185 -1.48 -41.48 -97.18
CA ILE C 185 -2.81 -41.84 -97.65
C ILE C 185 -2.82 -41.99 -99.17
N ALA C 186 -2.16 -41.06 -99.86
CA ALA C 186 -2.09 -41.14 -101.31
C ALA C 186 -1.32 -42.37 -101.77
N GLN C 187 -0.25 -42.71 -101.05
CA GLN C 187 0.56 -43.85 -101.45
C GLN C 187 -0.20 -45.16 -101.32
N TYR C 188 -0.89 -45.35 -100.20
CA TYR C 188 -1.64 -46.60 -100.00
C TYR C 188 -2.84 -46.68 -100.92
N THR C 189 -3.59 -45.58 -101.05
CA THR C 189 -4.75 -45.58 -101.93
C THR C 189 -4.34 -45.83 -103.37
N SER C 190 -3.25 -45.20 -103.81
CA SER C 190 -2.75 -45.47 -105.16
C SER C 190 -2.26 -46.91 -105.28
N ALA C 191 -1.76 -47.48 -104.18
CA ALA C 191 -1.39 -48.89 -104.19
C ALA C 191 -2.62 -49.78 -104.37
N LEU C 192 -3.66 -49.53 -103.57
CA LEU C 192 -4.87 -50.35 -103.65
C LEU C 192 -5.53 -50.21 -105.02
N LEU C 193 -5.61 -48.98 -105.54
CA LEU C 193 -6.22 -48.77 -106.84
C LEU C 193 -5.44 -49.45 -107.95
N ALA C 194 -4.11 -49.40 -107.87
CA ALA C 194 -3.30 -50.03 -108.90
C ALA C 194 -3.49 -51.55 -108.91
N GLY C 195 -3.57 -52.15 -107.72
CA GLY C 195 -3.75 -53.59 -107.66
C GLY C 195 -5.06 -54.03 -108.29
N THR C 196 -6.13 -53.27 -108.06
CA THR C 196 -7.41 -53.58 -108.67
C THR C 196 -7.37 -53.42 -110.18
N ILE C 197 -6.76 -52.32 -110.65
CA ILE C 197 -6.76 -52.02 -112.08
C ILE C 197 -5.91 -53.02 -112.85
N THR C 198 -4.71 -53.29 -112.38
CA THR C 198 -3.77 -54.14 -113.10
C THR C 198 -4.03 -55.63 -112.92
N SER C 199 -4.93 -56.01 -112.01
CA SER C 199 -5.15 -57.43 -111.76
C SER C 199 -5.70 -58.14 -112.99
N GLY C 200 -6.64 -57.52 -113.68
CA GLY C 200 -7.20 -58.13 -114.88
C GLY C 200 -6.18 -58.22 -116.01
N TRP C 201 -5.40 -57.16 -116.22
CA TRP C 201 -4.47 -57.13 -117.35
C TRP C 201 -3.31 -58.09 -117.12
N THR C 202 -2.79 -58.14 -115.90
CA THR C 202 -1.57 -58.88 -115.60
C THR C 202 -1.85 -60.34 -115.30
N PHE C 203 -3.13 -60.75 -115.30
CA PHE C 203 -3.52 -62.15 -115.08
C PHE C 203 -3.17 -62.60 -113.67
N GLY C 204 -3.61 -61.82 -112.69
CA GLY C 204 -3.50 -62.18 -111.29
C GLY C 204 -2.27 -61.65 -110.58
N ALA C 205 -1.15 -61.48 -111.28
CA ALA C 205 0.04 -60.94 -110.63
C ALA C 205 -0.07 -59.43 -110.39
N GLY C 206 -1.00 -58.76 -111.05
CA GLY C 206 -1.21 -57.35 -110.81
C GLY C 206 -1.92 -57.04 -109.51
N ALA C 207 -2.50 -58.04 -108.85
CA ALA C 207 -3.12 -57.85 -107.55
C ALA C 207 -2.13 -57.97 -106.42
N ALA C 208 -0.84 -58.18 -106.72
CA ALA C 208 0.17 -58.23 -105.67
C ALA C 208 0.36 -56.86 -105.02
N LEU C 209 0.13 -55.78 -105.76
CA LEU C 209 0.30 -54.45 -105.19
C LEU C 209 -0.92 -54.03 -104.38
N GLN C 210 -1.44 -54.95 -103.58
CA GLN C 210 -2.52 -54.66 -102.64
C GLN C 210 -2.21 -55.16 -101.24
N ILE C 211 -1.15 -55.96 -101.07
CA ILE C 211 -0.74 -56.37 -99.73
C ILE C 211 -0.37 -55.18 -98.85
N PRO C 212 0.42 -54.20 -99.29
CA PRO C 212 0.77 -53.09 -98.39
C PRO C 212 -0.43 -52.33 -97.86
N PHE C 213 -1.53 -52.29 -98.61
CA PHE C 213 -2.75 -51.70 -98.09
C PHE C 213 -3.28 -52.50 -96.91
N ALA C 214 -3.24 -53.82 -96.98
CA ALA C 214 -3.73 -54.65 -95.90
C ALA C 214 -2.75 -54.71 -94.73
N MET C 215 -1.46 -54.74 -95.02
CA MET C 215 -0.47 -54.85 -93.94
C MET C 215 -0.45 -53.59 -93.09
N GLN C 216 -0.58 -52.41 -93.71
CA GLN C 216 -0.47 -51.17 -92.94
C GLN C 216 -1.58 -51.05 -91.91
N MET C 217 -2.80 -51.44 -92.27
CA MET C 217 -3.92 -51.29 -91.34
C MET C 217 -3.80 -52.28 -90.19
N ALA C 218 -3.43 -53.52 -90.50
CA ALA C 218 -3.27 -54.52 -89.46
C ALA C 218 -2.18 -54.13 -88.48
N TYR C 219 -1.11 -53.53 -88.98
CA TYR C 219 -0.06 -53.05 -88.10
C TYR C 219 -0.56 -51.93 -87.20
N ARG C 220 -1.35 -51.02 -87.76
CA ARG C 220 -1.85 -49.90 -86.97
C ARG C 220 -2.94 -50.32 -85.99
N PHE C 221 -3.71 -51.36 -86.32
CA PHE C 221 -4.66 -51.91 -85.35
C PHE C 221 -3.93 -52.50 -84.15
N ASN C 222 -2.84 -53.23 -84.40
CA ASN C 222 -2.06 -53.78 -83.29
C ASN C 222 -1.43 -52.67 -82.47
N GLY C 223 -0.91 -51.64 -83.13
CA GLY C 223 -0.29 -50.55 -82.41
C GLY C 223 -1.26 -49.82 -81.51
N ILE C 224 -2.49 -49.64 -81.98
CA ILE C 224 -3.52 -49.02 -81.14
C ILE C 224 -3.85 -49.93 -79.97
N GLY C 225 -3.87 -51.24 -80.19
CA GLY C 225 -4.24 -52.16 -79.14
C GLY C 225 -3.29 -52.12 -77.96
N VAL C 226 -1.99 -52.03 -78.23
CA VAL C 226 -1.01 -52.01 -77.15
C VAL C 226 -0.89 -50.64 -76.50
N THR C 227 -1.27 -49.57 -77.19
CA THR C 227 -1.16 -48.23 -76.64
C THR C 227 -2.43 -47.77 -75.94
N GLN C 228 -3.52 -48.53 -76.01
CA GLN C 228 -4.68 -48.23 -75.20
C GLN C 228 -4.54 -48.82 -73.80
N ASN C 229 -3.91 -49.99 -73.70
CA ASN C 229 -3.71 -50.60 -72.40
C ASN C 229 -2.80 -49.76 -71.53
N VAL C 230 -1.72 -49.22 -72.10
CA VAL C 230 -0.79 -48.42 -71.30
C VAL C 230 -1.44 -47.11 -70.88
N LEU C 231 -2.26 -46.52 -71.75
CA LEU C 231 -2.96 -45.30 -71.37
C LEU C 231 -3.89 -45.54 -70.19
N TYR C 232 -4.59 -46.68 -70.19
CA TYR C 232 -5.42 -47.01 -69.04
C TYR C 232 -4.58 -47.22 -67.80
N GLU C 233 -3.40 -47.84 -67.94
CA GLU C 233 -2.55 -48.08 -66.79
C GLU C 233 -2.02 -46.77 -66.21
N ASN C 234 -1.79 -45.78 -67.06
CA ASN C 234 -1.41 -44.46 -66.56
C ASN C 234 -2.54 -43.82 -65.77
N GLN C 235 -3.77 -43.99 -66.24
CA GLN C 235 -4.92 -43.44 -65.51
C GLN C 235 -5.08 -44.12 -64.16
N LYS C 236 -4.88 -45.43 -64.11
CA LYS C 236 -5.01 -46.16 -62.86
C LYS C 236 -3.97 -45.70 -61.85
N LEU C 237 -2.74 -45.48 -62.30
CA LEU C 237 -1.69 -45.05 -61.39
C LEU C 237 -1.93 -43.62 -60.90
N ILE C 238 -2.31 -42.73 -61.80
CA ILE C 238 -2.54 -41.34 -61.42
C ILE C 238 -3.71 -41.24 -60.45
N ALA C 239 -4.80 -41.95 -60.74
CA ALA C 239 -5.96 -41.90 -59.85
C ALA C 239 -5.64 -42.45 -58.47
N ASN C 240 -4.90 -43.56 -58.41
CA ASN C 240 -4.59 -44.17 -57.12
C ASN C 240 -3.71 -43.25 -56.28
N GLN C 241 -2.71 -42.64 -56.89
CA GLN C 241 -1.83 -41.75 -56.14
C GLN C 241 -2.55 -40.47 -55.76
N PHE C 242 -3.42 -39.96 -56.63
CA PHE C 242 -4.18 -38.76 -56.32
C PHE C 242 -5.12 -38.99 -55.15
N ASN C 243 -5.82 -40.13 -55.14
CA ASN C 243 -6.76 -40.42 -54.05
C ASN C 243 -6.03 -40.56 -52.73
N SER C 244 -4.85 -41.18 -52.73
CA SER C 244 -4.08 -41.32 -51.50
C SER C 244 -3.62 -39.96 -50.98
N ALA C 245 -3.19 -39.07 -51.88
CA ALA C 245 -2.75 -37.75 -51.47
C ALA C 245 -3.91 -36.95 -50.89
N ILE C 246 -5.10 -37.09 -51.48
CA ILE C 246 -6.26 -36.33 -51.00
C ILE C 246 -6.60 -36.74 -49.57
N GLY C 247 -6.52 -38.03 -49.26
CA GLY C 247 -6.81 -38.47 -47.91
C GLY C 247 -5.82 -37.91 -46.90
N LYS C 248 -4.55 -37.88 -47.25
CA LYS C 248 -3.54 -37.34 -46.34
C LYS C 248 -3.74 -35.85 -46.13
N ILE C 249 -4.07 -35.11 -47.19
CA ILE C 249 -4.29 -33.67 -47.07
C ILE C 249 -5.54 -33.40 -46.24
N GLN C 250 -6.55 -34.25 -46.35
CA GLN C 250 -7.75 -34.11 -45.54
C GLN C 250 -7.40 -34.21 -44.05
N ASP C 251 -6.51 -35.14 -43.70
CA ASP C 251 -6.13 -35.31 -42.30
C ASP C 251 -5.40 -34.08 -41.77
N SER C 252 -4.54 -33.48 -42.61
CA SER C 252 -3.78 -32.32 -42.17
C SER C 252 -4.67 -31.09 -42.06
N LEU C 253 -5.68 -30.98 -42.92
CA LEU C 253 -6.58 -29.83 -42.85
C LEU C 253 -7.43 -29.86 -41.59
N SER C 254 -7.96 -31.03 -41.24
CA SER C 254 -8.73 -31.14 -40.00
C SER C 254 -7.83 -30.92 -38.79
N SER C 255 -6.58 -31.37 -38.86
CA SER C 255 -5.64 -31.14 -37.77
C SER C 255 -5.31 -29.66 -37.64
N THR C 256 -5.15 -28.96 -38.77
CA THR C 256 -4.92 -27.52 -38.71
C THR C 256 -6.12 -26.79 -38.13
N ALA C 257 -7.33 -27.18 -38.54
CA ALA C 257 -8.52 -26.50 -38.05
C ALA C 257 -8.71 -26.73 -36.56
N SER C 258 -8.39 -27.91 -36.07
CA SER C 258 -8.50 -28.18 -34.64
C SER C 258 -7.45 -27.43 -33.85
N ALA C 259 -6.23 -27.34 -34.39
CA ALA C 259 -5.17 -26.62 -33.70
C ALA C 259 -5.48 -25.14 -33.59
N LEU C 260 -6.04 -24.55 -34.66
CA LEU C 260 -6.43 -23.15 -34.60
C LEU C 260 -7.55 -22.93 -33.60
N GLY C 261 -8.49 -23.87 -33.52
CA GLY C 261 -9.60 -23.72 -32.59
C GLY C 261 -9.15 -23.74 -31.14
N LYS C 262 -8.15 -24.57 -30.84
CA LYS C 262 -7.61 -24.59 -29.48
C LYS C 262 -6.84 -23.31 -29.18
N LEU C 263 -6.09 -22.80 -30.16
CA LEU C 263 -5.32 -21.58 -29.96
C LEU C 263 -6.23 -20.39 -29.73
N GLN C 264 -7.31 -20.27 -30.52
CA GLN C 264 -8.19 -19.11 -30.40
C GLN C 264 -8.88 -19.09 -29.03
N ASP C 265 -9.34 -20.25 -28.56
CA ASP C 265 -10.04 -20.30 -27.29
C ASP C 265 -9.12 -19.93 -26.14
N VAL C 266 -7.87 -20.40 -26.16
CA VAL C 266 -6.93 -20.08 -25.10
C VAL C 266 -6.53 -18.61 -25.18
N VAL C 267 -6.30 -18.10 -26.38
CA VAL C 267 -5.93 -16.70 -26.54
C VAL C 267 -7.06 -15.80 -26.04
N ASN C 268 -8.30 -16.13 -26.39
CA ASN C 268 -9.43 -15.36 -25.89
C ASN C 268 -9.58 -15.50 -24.39
N GLN C 269 -9.33 -16.69 -23.85
CA GLN C 269 -9.42 -16.90 -22.42
C GLN C 269 -8.37 -16.08 -21.68
N ASN C 270 -7.15 -16.03 -22.21
CA ASN C 270 -6.11 -15.23 -21.59
C ASN C 270 -6.44 -13.75 -21.65
N ALA C 271 -6.99 -13.29 -22.78
CA ALA C 271 -7.37 -11.90 -22.91
C ALA C 271 -8.44 -11.52 -21.91
N GLN C 272 -9.40 -12.39 -21.68
CA GLN C 272 -10.43 -12.12 -20.69
C GLN C 272 -9.86 -12.16 -19.28
N ALA C 273 -8.89 -13.06 -19.04
CA ALA C 273 -8.25 -13.11 -17.73
C ALA C 273 -7.43 -11.85 -17.47
N LEU C 274 -6.84 -11.29 -18.52
CA LEU C 274 -6.12 -10.03 -18.38
C LEU C 274 -7.07 -8.88 -18.10
N ASN C 275 -8.21 -8.84 -18.80
CA ASN C 275 -9.14 -7.73 -18.64
C ASN C 275 -9.74 -7.72 -17.25
N THR C 276 -10.14 -8.88 -16.72
CA THR C 276 -10.67 -8.92 -15.37
C THR C 276 -9.61 -8.56 -14.35
N LEU C 277 -8.37 -8.94 -14.60
CA LEU C 277 -7.29 -8.52 -13.71
C LEU C 277 -7.11 -7.01 -13.74
N VAL C 278 -7.11 -6.41 -14.93
CA VAL C 278 -6.97 -4.97 -15.03
C VAL C 278 -8.11 -4.26 -14.32
N LYS C 279 -9.34 -4.76 -14.51
CA LYS C 279 -10.49 -4.14 -13.85
C LYS C 279 -10.40 -4.27 -12.34
N GLN C 280 -9.94 -5.43 -11.84
CA GLN C 280 -9.80 -5.60 -10.41
C GLN C 280 -8.65 -4.77 -9.85
N LEU C 281 -7.55 -4.68 -10.58
CA LEU C 281 -6.42 -3.90 -10.10
C LEU C 281 -6.78 -2.43 -9.96
N SER C 282 -7.54 -1.90 -10.91
CA SER C 282 -7.94 -0.50 -10.85
C SER C 282 -8.81 -0.24 -9.61
N SER C 283 -9.72 -1.17 -9.30
CA SER C 283 -10.53 -1.01 -8.10
C SER C 283 -9.68 -1.11 -6.83
N ASN C 284 -8.71 -2.03 -6.82
CA ASN C 284 -7.82 -2.14 -5.66
C ASN C 284 -7.00 -0.88 -5.48
N PHE C 285 -6.47 -0.32 -6.57
CA PHE C 285 -5.70 0.90 -6.46
C PHE C 285 -6.58 2.07 -6.07
N GLY C 286 -7.85 2.05 -6.48
CA GLY C 286 -8.78 3.06 -6.02
C GLY C 286 -9.01 3.00 -4.53
N ALA C 287 -9.13 1.78 -3.98
CA ALA C 287 -9.29 1.63 -2.54
C ALA C 287 -8.03 2.05 -1.80
N ILE C 288 -6.85 1.72 -2.34
CA ILE C 288 -5.60 2.09 -1.70
C ILE C 288 -5.47 3.61 -1.64
N SER C 289 -5.80 4.30 -2.74
CA SER C 289 -5.66 5.74 -2.77
C SER C 289 -6.62 6.41 -1.79
N SER C 290 -7.85 5.91 -1.70
CA SER C 290 -8.83 6.53 -0.80
C SER C 290 -8.42 6.38 0.65
N VAL C 291 -7.92 5.21 1.03
CA VAL C 291 -7.50 5.01 2.42
C VAL C 291 -6.19 5.75 2.69
N LEU C 292 -5.31 5.85 1.69
CA LEU C 292 -4.08 6.61 1.88
C LEU C 292 -4.37 8.09 2.06
N ASN C 293 -5.31 8.64 1.29
CA ASN C 293 -5.68 10.04 1.45
C ASN C 293 -6.27 10.31 2.81
N ASP C 294 -7.10 9.39 3.31
CA ASP C 294 -7.67 9.56 4.64
C ASP C 294 -6.61 9.52 5.72
N ILE C 295 -5.65 8.61 5.60
CA ILE C 295 -4.56 8.53 6.58
C ILE C 295 -3.76 9.81 6.57
N LEU C 296 -3.45 10.33 5.38
CA LEU C 296 -2.68 11.57 5.27
C LEU C 296 -3.43 12.73 5.91
N SER C 297 -4.75 12.82 5.65
CA SER C 297 -5.52 13.90 6.24
C SER C 297 -5.58 13.77 7.76
N ARG C 298 -5.71 12.54 8.27
CA ARG C 298 -5.68 12.35 9.72
C ARG C 298 -4.32 12.69 10.30
N LEU C 299 -3.24 12.34 9.58
CA LEU C 299 -1.90 12.64 10.08
C LEU C 299 -1.65 14.14 10.15
N ASP C 300 -2.11 14.88 9.15
CA ASP C 300 -1.93 16.34 9.17
C ASP C 300 -2.65 16.97 10.34
N LYS C 301 -3.85 16.50 10.64
CA LYS C 301 -4.62 17.05 11.75
C LYS C 301 -3.94 16.76 13.08
N VAL C 302 -3.41 15.55 13.25
CA VAL C 302 -2.78 15.20 14.52
C VAL C 302 -1.52 16.03 14.73
N GLU C 303 -0.69 16.16 13.69
CA GLU C 303 0.55 16.92 13.83
C GLU C 303 0.26 18.39 14.13
N ALA C 304 -0.75 18.96 13.48
CA ALA C 304 -1.13 20.33 13.79
C ALA C 304 -1.65 20.46 15.21
N GLU C 305 -2.49 19.53 15.65
CA GLU C 305 -3.07 19.61 16.98
C GLU C 305 -2.02 19.37 18.06
N VAL C 306 -1.00 18.56 17.77
CA VAL C 306 0.04 18.30 18.75
C VAL C 306 0.79 19.59 19.07
N GLN C 307 1.12 20.37 18.05
CA GLN C 307 1.83 21.62 18.27
C GLN C 307 0.98 22.61 19.05
N ILE C 308 -0.31 22.69 18.74
CA ILE C 308 -1.19 23.61 19.45
C ILE C 308 -1.32 23.18 20.92
N ASP C 309 -1.36 21.87 21.17
CA ASP C 309 -1.44 21.40 22.55
C ASP C 309 -0.19 21.79 23.33
N ARG C 310 0.94 21.93 22.65
CA ARG C 310 2.16 22.36 23.33
C ARG C 310 2.06 23.80 23.79
N LEU C 311 1.55 24.68 22.93
CA LEU C 311 1.43 26.08 23.31
C LEU C 311 0.37 26.28 24.37
N ILE C 312 -0.72 25.52 24.30
CA ILE C 312 -1.76 25.63 25.31
C ILE C 312 -1.23 25.23 26.68
N THR C 313 -0.44 24.15 26.74
CA THR C 313 0.14 23.72 28.00
C THR C 313 1.09 24.78 28.55
N GLY C 314 1.89 25.40 27.70
CA GLY C 314 2.78 26.45 28.16
C GLY C 314 2.03 27.67 28.66
N ARG C 315 0.95 28.04 27.97
CA ARG C 315 0.14 29.17 28.41
C ARG C 315 -0.66 28.87 29.66
N LEU C 316 -0.95 27.59 29.91
CA LEU C 316 -1.62 27.23 31.16
C LEU C 316 -0.73 27.50 32.36
N GLN C 317 0.58 27.36 32.20
CA GLN C 317 1.49 27.62 33.30
C GLN C 317 1.43 29.09 33.71
N SER C 318 1.43 29.99 32.74
CA SER C 318 1.36 31.42 33.04
C SER C 318 0.03 31.78 33.67
N LEU C 319 -1.07 31.17 33.20
CA LEU C 319 -2.35 31.37 33.86
C LEU C 319 -2.33 30.85 35.29
N GLN C 320 -1.62 29.74 35.52
CA GLN C 320 -1.51 29.21 36.87
C GLN C 320 -0.77 30.17 37.79
N THR C 321 0.28 30.82 37.29
CA THR C 321 0.99 31.81 38.11
C THR C 321 0.12 33.03 38.35
N TYR C 322 -0.71 33.40 37.37
CA TYR C 322 -1.61 34.52 37.55
C TYR C 322 -2.58 34.25 38.70
N VAL C 323 -3.12 33.03 38.75
CA VAL C 323 -4.01 32.67 39.85
C VAL C 323 -3.25 32.60 41.16
N THR C 324 -2.05 32.01 41.14
CA THR C 324 -1.27 31.86 42.36
C THR C 324 -0.93 33.22 42.97
N GLN C 325 -0.51 34.17 42.15
CA GLN C 325 -0.14 35.48 42.67
C GLN C 325 -1.37 36.24 43.15
N GLN C 326 -2.53 35.96 42.57
CA GLN C 326 -3.77 36.55 43.07
C GLN C 326 -4.15 35.94 44.42
N LEU C 327 -3.89 34.65 44.60
CA LEU C 327 -4.21 34.01 45.88
C LEU C 327 -3.27 34.45 46.97
N ILE C 328 -1.98 34.63 46.66
CA ILE C 328 -1.03 35.12 47.64
C ILE C 328 -1.38 36.54 48.07
N ARG C 329 -1.74 37.38 47.09
CA ARG C 329 -2.10 38.76 47.42
C ARG C 329 -3.30 38.81 48.33
N ALA C 330 -4.25 37.88 48.17
CA ALA C 330 -5.39 37.83 49.07
C ALA C 330 -4.97 37.49 50.48
N ALA C 331 -4.01 36.57 50.64
CA ALA C 331 -3.53 36.22 51.96
C ALA C 331 -2.87 37.41 52.64
N GLU C 332 -2.18 38.24 51.86
CA GLU C 332 -1.60 39.46 52.42
C GLU C 332 -2.68 40.48 52.76
N ILE C 333 -3.74 40.55 51.96
CA ILE C 333 -4.85 41.44 52.27
C ILE C 333 -5.55 41.00 53.54
N ARG C 334 -5.74 39.69 53.72
CA ARG C 334 -6.35 39.19 54.95
C ARG C 334 -5.48 39.51 56.15
N ALA C 335 -4.16 39.41 56.00
CA ALA C 335 -3.26 39.80 57.07
C ALA C 335 -3.38 41.29 57.37
N SER C 336 -3.52 42.11 56.33
CA SER C 336 -3.69 43.54 56.55
C SER C 336 -5.04 43.85 57.18
N ALA C 337 -6.05 43.03 56.91
CA ALA C 337 -7.34 43.20 57.57
C ALA C 337 -7.24 42.91 59.06
N ASN C 338 -6.40 41.94 59.44
CA ASN C 338 -6.16 41.67 60.85
C ASN C 338 -5.46 42.85 61.51
N LEU C 339 -4.48 43.44 60.83
CA LEU C 339 -3.78 44.60 61.38
C LEU C 339 -4.72 45.79 61.55
N ALA C 340 -5.61 46.00 60.58
CA ALA C 340 -6.58 47.07 60.69
C ALA C 340 -7.54 46.82 61.85
N ALA C 341 -7.83 45.55 62.12
CA ALA C 341 -8.71 45.23 63.25
C ALA C 341 -8.07 45.60 64.57
N THR C 342 -6.77 45.31 64.74
CA THR C 342 -6.09 45.68 65.97
C THR C 342 -5.91 47.20 66.05
N LYS C 343 -5.61 47.83 64.92
CA LYS C 343 -5.46 49.29 64.92
C LYS C 343 -6.77 49.98 65.29
N MET C 344 -7.89 49.49 64.77
CA MET C 344 -9.18 50.03 65.19
C MET C 344 -9.43 49.73 66.66
N SER C 345 -8.99 48.58 67.14
CA SER C 345 -9.20 48.22 68.53
C SER C 345 -8.24 48.92 69.48
N GLU C 346 -7.03 49.24 69.04
CA GLU C 346 -6.01 49.79 69.93
C GLU C 346 -5.78 51.28 69.77
N CYS C 347 -6.07 51.86 68.60
CA CYS C 347 -5.91 53.28 68.39
C CYS C 347 -7.23 54.04 68.50
N VAL C 348 -8.27 53.60 67.80
CA VAL C 348 -9.55 54.29 67.87
C VAL C 348 -10.12 54.19 69.27
N LEU C 349 -10.14 52.99 69.84
CA LEU C 349 -10.57 52.76 71.20
C LEU C 349 -9.34 52.48 72.05
N GLY C 350 -9.15 53.27 73.09
CA GLY C 350 -7.96 53.14 73.92
C GLY C 350 -6.79 53.91 73.36
N GLN C 351 -5.82 54.18 74.23
CA GLN C 351 -4.62 54.94 73.89
C GLN C 351 -3.42 54.00 73.97
N SER C 352 -2.64 53.96 72.90
CA SER C 352 -1.54 53.01 72.80
C SER C 352 -0.24 53.64 73.27
N LYS C 353 0.54 52.87 74.02
CA LYS C 353 1.85 53.28 74.48
C LYS C 353 2.96 52.85 73.54
N ARG C 354 2.62 52.22 72.42
CA ARG C 354 3.62 51.80 71.45
C ARG C 354 3.95 52.97 70.54
N VAL C 355 5.23 53.35 70.49
CA VAL C 355 5.65 54.46 69.65
C VAL C 355 5.57 54.06 68.19
N ASP C 356 5.13 55.00 67.34
CA ASP C 356 5.00 54.86 65.90
C ASP C 356 3.91 53.90 65.49
N PHE C 357 3.30 53.17 66.43
CA PHE C 357 2.04 52.50 66.18
C PHE C 357 0.92 53.51 66.38
N CYS C 358 -0.10 53.43 65.52
CA CYS C 358 -1.13 54.46 65.46
C CYS C 358 -0.51 55.81 65.12
N GLY C 359 0.16 55.85 63.99
CA GLY C 359 0.73 57.07 63.47
C GLY C 359 2.10 57.37 64.04
N LYS C 360 2.84 58.19 63.31
CA LYS C 360 4.19 58.55 63.73
C LYS C 360 4.13 59.39 65.00
N GLY C 361 5.01 59.06 65.95
CA GLY C 361 5.04 59.76 67.22
C GLY C 361 4.33 59.01 68.33
N TYR C 362 3.84 59.73 69.32
CA TYR C 362 3.20 59.14 70.48
C TYR C 362 1.70 59.41 70.41
N HIS C 363 0.91 58.35 70.60
CA HIS C 363 -0.51 58.39 70.30
C HIS C 363 -1.27 59.33 71.22
N LEU C 364 -2.18 60.11 70.65
CA LEU C 364 -3.15 60.89 71.43
C LEU C 364 -4.57 60.39 71.19
N MET C 365 -5.04 60.43 69.94
CA MET C 365 -6.38 59.99 69.58
C MET C 365 -6.36 59.51 68.14
N SER C 366 -7.36 58.71 67.78
CA SER C 366 -7.50 58.24 66.41
C SER C 366 -8.98 58.28 66.01
N PHE C 367 -9.21 58.50 64.73
CA PHE C 367 -10.57 58.62 64.19
C PHE C 367 -10.67 57.77 62.94
N PRO C 368 -11.48 56.73 62.92
CA PRO C 368 -11.55 55.86 61.75
C PRO C 368 -12.34 56.50 60.63
N GLN C 369 -12.16 55.94 59.43
CA GLN C 369 -12.90 56.38 58.27
C GLN C 369 -13.12 55.18 57.36
N SER C 370 -14.10 55.31 56.47
CA SER C 370 -14.43 54.25 55.54
C SER C 370 -13.79 54.53 54.19
N ALA C 371 -13.32 53.48 53.55
CA ALA C 371 -12.70 53.53 52.24
C ALA C 371 -13.39 52.52 51.35
N PRO C 372 -13.29 52.67 50.03
CA PRO C 372 -14.00 51.73 49.14
C PRO C 372 -13.66 50.27 49.39
N HIS C 373 -12.39 49.96 49.63
CA HIS C 373 -11.97 48.59 49.95
C HIS C 373 -10.93 48.59 51.04
N GLY C 374 -11.10 49.47 52.02
CA GLY C 374 -10.13 49.56 53.08
C GLY C 374 -10.65 50.41 54.21
N VAL C 375 -9.75 50.79 55.11
CA VAL C 375 -10.06 51.63 56.24
C VAL C 375 -8.99 52.71 56.35
N VAL C 376 -9.40 53.93 56.67
CA VAL C 376 -8.51 55.07 56.79
C VAL C 376 -8.54 55.55 58.22
N PHE C 377 -7.36 55.76 58.80
CA PHE C 377 -7.21 56.24 60.16
C PHE C 377 -6.64 57.65 60.14
N LEU C 378 -7.16 58.51 61.01
CA LEU C 378 -6.63 59.85 61.19
C LEU C 378 -5.98 59.89 62.57
N HIS C 379 -4.70 59.53 62.62
CA HIS C 379 -3.99 59.43 63.89
C HIS C 379 -3.51 60.81 64.30
N VAL C 380 -3.94 61.25 65.48
CA VAL C 380 -3.44 62.49 66.06
C VAL C 380 -2.39 62.13 67.10
N THR C 381 -1.16 62.57 66.87
CA THR C 381 -0.03 62.25 67.73
C THR C 381 0.79 63.50 67.93
N TYR C 382 1.77 63.42 68.83
CA TYR C 382 2.76 64.48 69.00
C TYR C 382 4.14 63.92 68.72
N VAL C 383 4.88 64.60 67.86
CA VAL C 383 6.21 64.16 67.44
C VAL C 383 7.25 65.11 68.04
N PRO C 384 8.49 64.66 68.23
CA PRO C 384 9.51 65.54 68.83
C PRO C 384 9.87 66.68 67.89
N ALA C 385 9.70 67.92 68.38
CA ALA C 385 10.06 69.08 67.58
C ALA C 385 11.57 69.27 67.54
N GLN C 386 12.20 69.33 68.70
CA GLN C 386 13.65 69.39 68.79
C GLN C 386 14.14 68.40 69.83
N GLU C 387 15.32 67.85 69.59
CA GLU C 387 15.90 66.88 70.49
C GLU C 387 17.41 66.99 70.42
N LYS C 388 18.05 66.81 71.57
CA LYS C 388 19.51 66.85 71.67
C LYS C 388 20.01 65.51 72.16
N ASN C 389 21.11 65.05 71.57
CA ASN C 389 21.66 63.76 71.97
C ASN C 389 22.17 63.82 73.40
N PHE C 390 22.09 62.67 74.08
CA PHE C 390 22.50 62.57 75.47
C PHE C 390 23.31 61.29 75.65
N THR C 391 24.36 61.37 76.46
CA THR C 391 25.12 60.18 76.79
C THR C 391 24.35 59.33 77.77
N THR C 392 24.18 58.05 77.46
CA THR C 392 23.38 57.18 78.30
C THR C 392 23.96 55.77 78.27
N ALA C 393 23.63 55.00 79.30
CA ALA C 393 24.02 53.61 79.38
C ALA C 393 22.81 52.77 79.78
N PRO C 394 22.64 51.58 79.20
CA PRO C 394 21.52 50.73 79.63
C PRO C 394 21.57 50.37 81.10
N ALA C 395 22.77 50.17 81.64
CA ALA C 395 22.94 49.86 83.05
C ALA C 395 24.38 50.18 83.45
N ILE C 396 24.55 50.64 84.69
CA ILE C 396 25.86 51.03 85.20
C ILE C 396 26.25 50.05 86.30
N CYS C 397 27.43 49.46 86.16
CA CYS C 397 27.93 48.49 87.13
C CYS C 397 28.62 49.22 88.27
N HIS C 398 28.07 49.11 89.47
CA HIS C 398 28.58 49.79 90.65
C HIS C 398 28.87 48.75 91.73
N ASP C 399 30.11 48.76 92.23
CA ASP C 399 30.54 47.86 93.30
C ASP C 399 30.36 46.39 92.91
N GLY C 400 30.49 46.08 91.63
CA GLY C 400 30.30 44.74 91.16
C GLY C 400 28.86 44.30 91.00
N LYS C 401 27.90 45.17 91.25
CA LYS C 401 26.48 44.85 91.14
C LYS C 401 25.85 45.76 90.11
N ALA C 402 25.13 45.16 89.16
CA ALA C 402 24.51 45.94 88.09
C ALA C 402 23.35 46.77 88.62
N HIS C 403 23.23 47.98 88.10
CA HIS C 403 22.12 48.88 88.41
C HIS C 403 21.42 49.24 87.10
N PHE C 404 20.14 48.92 86.99
CA PHE C 404 19.38 49.31 85.83
C PHE C 404 18.06 49.91 86.26
N PRO C 405 17.52 50.84 85.49
CA PRO C 405 16.33 51.57 85.92
C PRO C 405 15.07 50.72 85.83
N ARG C 406 14.02 51.24 86.45
CA ARG C 406 12.67 50.69 86.35
C ARG C 406 11.92 51.55 85.35
N GLU C 407 11.81 51.07 84.11
CA GLU C 407 11.08 51.77 83.05
C GLU C 407 11.65 53.18 82.85
N GLY C 408 12.87 53.19 82.31
CA GLY C 408 13.51 54.44 81.96
C GLY C 408 14.83 54.17 81.27
N VAL C 409 15.65 55.22 81.19
CA VAL C 409 17.03 55.09 80.76
C VAL C 409 17.91 55.87 81.71
N PHE C 410 19.19 55.52 81.72
CA PHE C 410 20.17 56.17 82.59
C PHE C 410 20.81 57.31 81.81
N VAL C 411 20.27 58.51 81.95
CA VAL C 411 20.83 59.68 81.30
C VAL C 411 21.83 60.35 82.24
N SER C 412 22.74 61.11 81.66
CA SER C 412 23.83 61.73 82.42
C SER C 412 23.90 63.22 82.13
N ASN C 413 24.07 64.01 83.19
CA ASN C 413 24.28 65.44 83.06
C ASN C 413 25.67 65.78 82.58
N GLY C 414 26.55 64.80 82.45
CA GLY C 414 27.96 65.01 82.25
C GLY C 414 28.79 64.87 83.51
N THR C 415 28.16 64.98 84.67
CA THR C 415 28.79 64.76 85.95
C THR C 415 28.11 63.72 86.81
N HIS C 416 26.79 63.59 86.72
CA HIS C 416 26.01 62.67 87.52
C HIS C 416 25.22 61.73 86.61
N TRP C 417 24.46 60.84 87.24
CA TRP C 417 23.59 59.91 86.52
C TRP C 417 22.15 60.14 86.97
N PHE C 418 21.22 60.09 86.02
CA PHE C 418 19.82 60.32 86.30
C PHE C 418 18.99 59.27 85.57
N VAL C 419 17.70 59.22 85.92
CA VAL C 419 16.74 58.35 85.28
C VAL C 419 15.72 59.24 84.58
N THR C 420 15.48 58.98 83.30
CA THR C 420 14.51 59.73 82.54
C THR C 420 13.69 58.78 81.68
N GLN C 421 12.50 59.24 81.29
CA GLN C 421 11.72 58.49 80.31
C GLN C 421 12.45 58.48 78.99
N ARG C 422 12.26 57.40 78.23
CA ARG C 422 12.90 57.31 76.92
C ARG C 422 12.38 58.37 75.96
N ASN C 423 11.15 58.83 76.15
CA ASN C 423 10.49 59.71 75.21
C ASN C 423 10.56 61.18 75.59
N PHE C 424 11.13 61.52 76.74
CA PHE C 424 11.19 62.91 77.16
C PHE C 424 12.33 63.07 78.16
N TYR C 425 13.03 64.20 78.07
CA TYR C 425 14.18 64.45 78.93
C TYR C 425 13.70 65.19 80.18
N GLU C 426 13.37 64.43 81.22
CA GLU C 426 13.00 64.97 82.53
C GLU C 426 13.76 64.19 83.59
N PRO C 427 15.05 64.51 83.78
CA PRO C 427 15.88 63.69 84.67
C PRO C 427 15.39 63.70 86.10
N GLN C 428 15.57 62.56 86.77
CA GLN C 428 15.20 62.38 88.17
C GLN C 428 16.33 61.68 88.90
N ILE C 429 16.36 61.86 90.22
CA ILE C 429 17.40 61.22 91.02
C ILE C 429 17.16 59.71 91.08
N ILE C 430 18.22 58.97 91.37
CA ILE C 430 18.19 57.52 91.38
C ILE C 430 17.94 57.06 92.81
N THR C 431 16.79 56.43 93.05
CA THR C 431 16.44 55.88 94.35
C THR C 431 16.27 54.37 94.22
N THR C 432 16.01 53.72 95.34
CA THR C 432 15.73 52.29 95.32
C THR C 432 14.39 51.98 94.66
N ASP C 433 13.46 52.92 94.66
CA ASP C 433 12.18 52.74 94.00
C ASP C 433 12.21 53.13 92.53
N ASN C 434 13.32 53.71 92.06
CA ASN C 434 13.47 54.10 90.67
C ASN C 434 14.33 53.13 89.86
N THR C 435 14.97 52.17 90.52
CA THR C 435 15.94 51.33 89.86
C THR C 435 15.88 49.93 90.45
N PHE C 436 16.50 48.98 89.73
CA PHE C 436 16.68 47.63 90.19
C PHE C 436 18.17 47.36 90.38
N VAL C 437 18.50 46.44 91.26
CA VAL C 437 19.87 46.04 91.50
C VAL C 437 19.96 44.52 91.35
N SER C 438 20.93 44.06 90.57
CA SER C 438 21.15 42.64 90.36
C SER C 438 22.26 42.14 91.28
N GLY C 439 22.32 40.81 91.43
CA GLY C 439 23.33 40.24 92.31
C GLY C 439 24.74 40.43 91.80
N ASN C 440 24.95 40.22 90.50
CA ASN C 440 26.28 40.27 89.91
C ASN C 440 26.24 41.17 88.69
N CYS C 441 27.40 41.32 88.04
CA CYS C 441 27.54 42.18 86.87
C CYS C 441 27.57 41.42 85.56
N ASP C 442 27.42 40.10 85.59
CA ASP C 442 27.46 39.33 84.36
C ASP C 442 26.18 39.53 83.56
N VAL C 443 26.23 39.22 82.28
CA VAL C 443 25.07 39.31 81.41
C VAL C 443 24.78 37.92 80.84
N VAL C 444 23.54 37.73 80.43
CA VAL C 444 23.06 36.48 79.86
C VAL C 444 23.03 36.64 78.35
N ILE C 445 23.60 35.66 77.65
CA ILE C 445 23.70 35.70 76.20
C ILE C 445 22.55 34.90 75.61
N GLY C 446 21.80 35.52 74.71
CA GLY C 446 20.71 34.85 74.03
C GLY C 446 20.70 35.22 72.57
N ILE C 447 20.21 34.29 71.75
CA ILE C 447 20.08 34.50 70.32
C ILE C 447 18.68 34.07 69.91
N VAL C 448 18.01 34.93 69.14
CA VAL C 448 16.69 34.63 68.59
C VAL C 448 16.84 34.70 67.08
N ASN C 449 17.01 33.55 66.44
CA ASN C 449 17.16 33.47 64.99
C ASN C 449 15.78 33.33 64.37
N ASN C 450 15.21 34.44 63.91
CA ASN C 450 13.84 34.47 63.39
C ASN C 450 13.84 34.07 61.92
N THR C 451 14.11 32.80 61.69
CA THR C 451 14.14 32.28 60.32
C THR C 451 12.72 32.08 59.80
N VAL C 452 12.54 32.34 58.51
CA VAL C 452 11.28 32.04 57.86
C VAL C 452 11.38 30.63 57.27
N TYR C 453 10.22 30.04 56.99
CA TYR C 453 10.16 28.64 56.58
C TYR C 453 10.90 28.45 55.26
N ASP C 454 11.73 27.41 55.21
CA ASP C 454 12.48 27.10 54.00
C ASP C 454 11.77 25.97 53.27
N PRO C 455 11.19 26.22 52.10
CA PRO C 455 10.37 25.19 51.45
C PRO C 455 11.21 24.03 50.94
N LEU C 456 10.57 22.88 50.83
CA LEU C 456 11.19 21.67 50.29
C LEU C 456 10.93 21.65 48.79
N GLN C 457 11.86 22.24 48.04
CA GLN C 457 11.69 22.35 46.60
C GLN C 457 11.84 20.99 45.93
N PRO C 458 11.23 20.82 44.75
CA PRO C 458 11.33 19.54 44.06
C PRO C 458 12.77 19.19 43.69
N GLU C 459 13.06 17.89 43.72
CA GLU C 459 14.36 17.35 43.33
C GLU C 459 14.14 16.41 42.16
N LEU C 460 14.28 16.93 40.94
CA LEU C 460 14.02 16.16 39.74
C LEU C 460 15.28 15.47 39.27
N ASP C 461 15.13 14.25 38.75
CA ASP C 461 16.23 13.57 38.10
C ASP C 461 16.49 14.20 36.74
N SER C 462 17.46 13.66 36.02
CA SER C 462 17.71 14.15 34.67
C SER C 462 16.56 13.75 33.75
N PHE C 463 16.40 14.50 32.66
CA PHE C 463 15.31 14.21 31.74
C PHE C 463 15.49 12.84 31.10
N LYS C 464 16.72 12.49 30.75
CA LYS C 464 16.97 11.18 30.16
C LYS C 464 16.68 10.04 31.13
N GLU C 465 17.06 10.22 32.41
CA GLU C 465 16.78 9.18 33.40
C GLU C 465 15.29 8.97 33.58
N GLU C 466 14.52 10.06 33.65
CA GLU C 466 13.09 9.95 33.82
C GLU C 466 12.41 9.43 32.54
N LEU C 467 12.92 9.81 31.38
CA LEU C 467 12.31 9.40 30.12
C LEU C 467 12.52 7.92 29.86
N ASP C 468 13.71 7.40 30.15
CA ASP C 468 14.03 6.02 29.85
C ASP C 468 13.23 5.02 30.68
N LYS C 469 12.54 5.48 31.72
CA LYS C 469 11.77 4.57 32.56
C LYS C 469 10.60 3.96 31.79
N TYR C 470 9.92 4.74 30.96
CA TYR C 470 8.73 4.26 30.26
C TYR C 470 8.76 4.55 28.77
N PHE C 471 9.89 4.96 28.21
CA PHE C 471 9.92 5.29 26.80
C PHE C 471 9.74 4.06 25.93
N LYS C 472 9.08 4.26 24.80
CA LYS C 472 8.79 3.19 23.84
C LYS C 472 9.40 3.51 22.49
N ASN C 473 10.68 3.88 22.47
CA ASN C 473 11.38 4.22 21.25
C ASN C 473 11.27 3.08 20.25
N HIS C 474 10.82 3.40 19.03
CA HIS C 474 10.60 2.38 18.01
C HIS C 474 10.48 3.07 16.66
N THR C 475 11.30 2.63 15.70
CA THR C 475 11.25 3.14 14.34
C THR C 475 10.73 2.04 13.43
N SER C 476 9.68 2.34 12.67
CA SER C 476 9.06 1.35 11.81
C SER C 476 10.03 0.99 10.68
N PRO C 477 10.22 -0.30 10.39
CA PRO C 477 11.11 -0.68 9.30
C PRO C 477 10.54 -0.28 7.95
N ASP C 478 11.45 -0.10 6.99
CA ASP C 478 11.05 0.26 5.64
C ASP C 478 10.26 -0.88 4.99
N VAL C 479 9.29 -0.52 4.16
CA VAL C 479 8.47 -1.48 3.45
C VAL C 479 9.20 -1.92 2.19
N ASP C 480 9.01 -3.18 1.81
CA ASP C 480 9.70 -3.76 0.66
C ASP C 480 8.70 -4.61 -0.11
N LEU C 481 8.16 -4.05 -1.19
CA LEU C 481 7.24 -4.79 -2.03
C LEU C 481 8.02 -5.60 -3.06
N GLY C 482 7.41 -6.70 -3.50
CA GLY C 482 8.04 -7.54 -4.49
C GLY C 482 8.23 -6.82 -5.82
N ASP C 483 9.28 -7.18 -6.53
CA ASP C 483 9.61 -6.56 -7.80
C ASP C 483 8.98 -7.36 -8.93
N ILE C 484 8.15 -6.68 -9.74
CA ILE C 484 7.47 -7.32 -10.85
C ILE C 484 7.99 -6.83 -12.19
N SER C 485 9.15 -6.17 -12.21
CA SER C 485 9.70 -5.66 -13.47
C SER C 485 10.31 -6.76 -14.32
N GLY C 486 10.45 -7.97 -13.79
CA GLY C 486 11.04 -9.08 -14.51
C GLY C 486 10.09 -9.87 -15.38
N ILE C 487 8.89 -9.37 -15.63
CA ILE C 487 7.90 -10.04 -16.48
C ILE C 487 8.01 -9.45 -17.88
N ASN C 488 8.22 -10.30 -18.87
CA ASN C 488 8.45 -9.83 -20.24
C ASN C 488 7.24 -9.96 -21.14
N ALA C 489 6.59 -11.13 -21.16
CA ALA C 489 5.49 -11.40 -22.08
C ALA C 489 5.94 -11.19 -23.53
N SER C 490 6.80 -12.10 -23.97
CA SER C 490 7.44 -11.98 -25.27
C SER C 490 6.43 -12.00 -26.40
N VAL C 491 6.86 -11.51 -27.56
CA VAL C 491 6.03 -11.42 -28.75
C VAL C 491 6.43 -12.50 -29.73
N VAL C 492 5.57 -12.72 -30.73
CA VAL C 492 5.78 -13.77 -31.72
C VAL C 492 5.99 -13.12 -33.09
N ASN C 493 6.72 -13.81 -33.94
CA ASN C 493 6.96 -13.34 -35.31
C ASN C 493 6.89 -14.56 -36.23
N ILE C 494 5.76 -14.72 -36.90
CA ILE C 494 5.56 -15.83 -37.83
C ILE C 494 5.25 -15.28 -39.21
N GLN C 495 5.80 -14.10 -39.52
CA GLN C 495 5.50 -13.49 -40.81
C GLN C 495 6.08 -14.28 -41.96
N LYS C 496 7.20 -14.98 -41.74
CA LYS C 496 7.78 -15.79 -42.81
C LYS C 496 6.85 -16.94 -43.17
N GLU C 497 6.27 -17.61 -42.17
CA GLU C 497 5.37 -18.72 -42.45
C GLU C 497 4.09 -18.25 -43.12
N ILE C 498 3.54 -17.11 -42.69
CA ILE C 498 2.34 -16.58 -43.34
C ILE C 498 2.64 -16.20 -44.77
N ASP C 499 3.80 -15.59 -45.01
CA ASP C 499 4.18 -15.22 -46.37
C ASP C 499 4.35 -16.44 -47.25
N ARG C 500 4.96 -17.51 -46.73
CA ARG C 500 5.10 -18.73 -47.50
C ARG C 500 3.75 -19.35 -47.82
N LEU C 501 2.84 -19.36 -46.85
CA LEU C 501 1.52 -19.92 -47.09
C LEU C 501 0.75 -19.12 -48.13
N ASN C 502 0.81 -17.79 -48.03
CA ASN C 502 0.09 -16.96 -48.99
C ASN C 502 0.68 -17.05 -50.39
N GLU C 503 1.98 -17.34 -50.49
CA GLU C 503 2.60 -17.50 -51.80
C GLU C 503 2.18 -18.81 -52.46
N VAL C 504 2.18 -19.91 -51.69
CA VAL C 504 1.77 -21.20 -52.24
C VAL C 504 0.30 -21.18 -52.62
N ALA C 505 -0.53 -20.43 -51.89
CA ALA C 505 -1.93 -20.31 -52.24
C ALA C 505 -2.12 -19.65 -53.60
N LYS C 506 -1.10 -18.97 -54.12
CA LYS C 506 -1.15 -18.38 -55.45
C LYS C 506 -0.41 -19.20 -56.50
N ASN C 507 0.64 -19.91 -56.12
CA ASN C 507 1.45 -20.66 -57.06
C ASN C 507 1.07 -22.13 -57.15
N LEU C 508 0.02 -22.57 -56.47
CA LEU C 508 -0.30 -23.99 -56.46
C LEU C 508 -0.76 -24.46 -57.83
N ASN C 509 -1.53 -23.64 -58.54
CA ASN C 509 -2.06 -24.01 -59.84
C ASN C 509 -1.29 -23.39 -60.99
N GLU C 510 -0.11 -22.84 -60.74
CA GLU C 510 0.73 -22.33 -61.81
C GLU C 510 1.17 -23.45 -62.72
N SER C 511 1.21 -23.18 -64.02
CA SER C 511 1.62 -24.16 -65.00
C SER C 511 3.13 -24.26 -65.07
N LEU C 512 3.63 -25.49 -65.21
CA LEU C 512 5.07 -25.71 -65.28
C LEU C 512 5.61 -25.29 -66.64
N ILE C 513 6.93 -25.36 -66.78
CA ILE C 513 7.61 -24.93 -67.99
C ILE C 513 8.36 -26.11 -68.61
N ASP C 514 8.77 -27.05 -67.77
CA ASP C 514 9.68 -28.10 -68.20
C ASP C 514 9.11 -29.49 -67.92
N LEU C 515 7.88 -29.73 -68.38
CA LEU C 515 7.25 -31.04 -68.22
C LEU C 515 8.19 -32.16 -68.63
N GLN C 516 8.34 -33.14 -67.76
CA GLN C 516 9.24 -34.25 -67.99
C GLN C 516 8.51 -35.39 -68.69
N GLU C 517 9.17 -35.97 -69.69
CA GLU C 517 8.56 -37.06 -70.46
C GLU C 517 8.35 -38.27 -69.58
N LEU C 518 7.32 -39.04 -69.91
CA LEU C 518 6.95 -40.23 -69.16
C LEU C 518 7.75 -41.44 -69.63
N GLY C 519 7.79 -42.46 -68.78
CA GLY C 519 8.40 -43.72 -69.14
C GLY C 519 9.91 -43.73 -68.98
N LYS C 520 10.50 -44.89 -69.26
CA LYS C 520 11.93 -45.12 -69.10
C LYS C 520 12.42 -45.96 -70.27
N TYR C 521 13.73 -46.18 -70.32
CA TYR C 521 14.38 -46.98 -71.36
C TYR C 521 15.38 -47.94 -70.72
N GLU C 522 14.95 -48.66 -69.69
CA GLU C 522 15.81 -49.64 -69.06
C GLU C 522 15.72 -50.96 -69.80
N GLN C 523 16.83 -51.70 -69.77
CA GLN C 523 16.95 -52.97 -70.47
C GLN C 523 17.53 -54.01 -69.53
N TYR C 524 16.92 -55.19 -69.49
CA TYR C 524 17.35 -56.28 -68.61
C TYR C 524 17.74 -57.47 -69.47
N ILE C 525 18.99 -57.51 -69.89
CA ILE C 525 19.48 -58.63 -70.69
C ILE C 525 19.79 -59.78 -69.73
N LYS C 526 19.10 -60.90 -69.91
CA LYS C 526 19.30 -62.07 -69.09
C LYS C 526 20.14 -63.10 -69.84
N TRP C 527 20.47 -64.18 -69.16
CA TRP C 527 21.38 -65.17 -69.72
C TRP C 527 20.76 -65.82 -70.95
N PRO C 528 21.52 -66.00 -72.02
CA PRO C 528 21.03 -66.76 -73.17
C PRO C 528 21.13 -68.25 -72.89
N TRP C 529 20.54 -69.04 -73.79
CA TRP C 529 20.62 -70.48 -73.64
C TRP C 529 22.02 -71.01 -73.91
N TYR C 530 22.88 -70.23 -74.57
CA TYR C 530 24.26 -70.64 -74.78
C TYR C 530 24.93 -70.98 -73.46
N ILE C 531 24.74 -70.14 -72.44
CA ILE C 531 25.29 -70.40 -71.12
C ILE C 531 24.38 -71.29 -70.28
N TRP C 532 23.13 -71.51 -70.71
CA TRP C 532 22.23 -72.34 -69.91
C TRP C 532 22.62 -73.81 -70.00
N LEU C 533 22.93 -74.29 -71.21
CA LEU C 533 23.47 -75.64 -71.33
C LEU C 533 24.81 -75.75 -70.63
N GLY C 534 25.62 -74.68 -70.67
CA GLY C 534 26.86 -74.69 -69.92
C GLY C 534 26.63 -74.81 -68.42
N PHE C 535 25.57 -74.16 -67.92
CA PHE C 535 25.23 -74.32 -66.51
C PHE C 535 24.79 -75.76 -66.21
N ILE C 536 23.99 -76.35 -67.10
CA ILE C 536 23.56 -77.73 -66.89
C ILE C 536 24.75 -78.67 -66.93
N ALA C 537 25.64 -78.48 -67.91
CA ALA C 537 26.85 -79.30 -67.97
C ALA C 537 27.73 -79.07 -66.75
N GLY C 538 27.71 -77.86 -66.20
CA GLY C 538 28.43 -77.62 -64.96
C GLY C 538 27.90 -78.45 -63.81
N LEU C 539 26.58 -78.67 -63.78
CA LEU C 539 26.01 -79.59 -62.81
C LEU C 539 26.48 -81.02 -63.08
N ILE C 540 26.60 -81.39 -64.36
CA ILE C 540 27.15 -82.69 -64.72
C ILE C 540 28.61 -82.78 -64.29
N ALA C 541 29.36 -81.68 -64.39
CA ALA C 541 30.73 -81.67 -63.89
C ALA C 541 30.77 -81.96 -62.40
N ILE C 542 29.77 -81.47 -61.65
CA ILE C 542 29.65 -81.84 -60.25
C ILE C 542 29.36 -83.32 -60.12
N VAL C 543 28.53 -83.86 -61.02
CA VAL C 543 28.19 -85.28 -60.99
C VAL C 543 29.43 -86.12 -61.24
N MET C 544 30.21 -85.78 -62.26
CA MET C 544 31.40 -86.57 -62.58
C MET C 544 32.46 -86.45 -61.50
N VAL C 545 32.52 -85.30 -60.81
CA VAL C 545 33.42 -85.17 -59.67
C VAL C 545 33.03 -86.15 -58.58
N THR C 546 31.73 -86.26 -58.31
CA THR C 546 31.26 -87.27 -57.36
C THR C 546 31.57 -88.67 -57.85
N ILE C 547 31.48 -88.89 -59.18
CA ILE C 547 31.87 -90.17 -59.75
C ILE C 547 33.35 -90.42 -59.52
N MET C 548 34.19 -89.40 -59.73
CA MET C 548 35.61 -89.54 -59.47
C MET C 548 35.88 -89.83 -58.00
N LEU C 549 35.09 -89.22 -57.11
CA LEU C 549 35.23 -89.50 -55.69
C LEU C 549 34.88 -90.96 -55.40
N CYS C 550 33.85 -91.48 -56.05
CA CYS C 550 33.51 -92.89 -55.90
C CYS C 550 34.62 -93.79 -56.46
N CYS C 551 35.19 -93.41 -57.59
CA CYS C 551 36.26 -94.19 -58.21
C CYS C 551 37.61 -93.47 -58.09
#